data_3HNC
#
_entry.id   3HNC
#
_cell.length_a   68.980
_cell.length_b   114.104
_cell.length_c   219.283
_cell.angle_alpha   90.00
_cell.angle_beta   90.00
_cell.angle_gamma   90.00
#
_symmetry.space_group_name_H-M   'P 21 21 21'
#
loop_
_entity.id
_entity.type
_entity.pdbx_description
1 polymer 'Ribonucleoside-diphosphate reductase large subunit'
2 non-polymer 'MAGNESIUM ION'
3 non-polymer "THYMIDINE-5'-TRIPHOSPHATE"
4 non-polymer 'SULFATE ION'
5 water water
#
_entity_poly.entity_id   1
_entity_poly.type   'polypeptide(L)'
_entity_poly.pdbx_seq_one_letter_code
;MHVIKRDGRQERVMFDKITSRIQKLCYGLNMDFVDPAQITMKVIQGLYSGVTTVELDTLAAETAATLTTKHPDYAILAAR
IAVSNLHKETKKVFSDVMEDLYNYINPHNGKHSPMVAKSTLDIVLANKDRLNSAIIYDRDFSYNYFGFKTLERSYLLKIN
GKVAERPQHMLMRVSVGIHKEDIDAAIETYNLLSERWFTHASPTLFNAGTNRPQLSSCFLLSMKDDSIEGIYDTLKQCAL
ISKSAGGIGVAVSCIRATGSYIAGTNGNSNGLVPMLRVYNNTARYVDQGGNKRPGAFAIYLEPWHLDIFEFLDLKKNTGK
EEQRARDLFFALWIPDLFMKRVETNQDWSLMCPNECPGLDEVWGEEFEKLYASYEKQGRVRKVVKAQQLWYAIIESQTET
GTPYMLYKDSCNRKSNQQNLGTIKCSNLCTEIVEYTSKDEVAVCNLASLALNMYVTSEHTYDFKKLAEVTKVVVRNLNKI
IDINYYPVPEACLSNKRHRPIGIGVQGLADAFILMRYPFESAEAQLLNKQIFETIYYGALEASCDLAKEQGPYETYEGSP
VSKGILQYDMWNVTPTDLWDWKVLKEKIAKYGIRNSLLIAPMPTASTAQILGNNESIEPYTSNIYTRRVLSGEFQIVNPH
LLKDLTERGLWHEEMKNQIIACNGSIQSIPEIPDDLKQLYKTVWEISQKTVLKMAAERGAFIDQSQSLNIHIAEPNYGKL
TSMHFYGWKQGLKTGMYYLRTRPAANPIQFTLNKEKLKDKEKVSKEEEEKERNTAAMVCSLENRDECLMCGS
;
_entity_poly.pdbx_strand_id   A,B
#
# COMPACT_ATOMS: atom_id res chain seq x y z
N MET A 14 -50.40 24.81 -32.61
CA MET A 14 -49.25 25.73 -32.29
C MET A 14 -48.95 25.74 -30.78
N PHE A 15 -49.27 26.85 -30.14
CA PHE A 15 -49.17 27.04 -28.69
C PHE A 15 -50.17 26.11 -28.00
N ASP A 16 -51.31 25.91 -28.66
CA ASP A 16 -52.41 25.11 -28.12
C ASP A 16 -52.08 23.62 -28.02
N LYS A 17 -51.49 23.06 -29.07
CA LYS A 17 -51.12 21.64 -29.10
C LYS A 17 -50.08 21.25 -28.02
N ILE A 18 -49.17 22.18 -27.73
CA ILE A 18 -48.15 21.95 -26.71
C ILE A 18 -48.74 22.10 -25.30
N THR A 19 -49.53 23.16 -25.10
CA THR A 19 -50.17 23.41 -23.81
C THR A 19 -51.09 22.26 -23.38
N SER A 20 -51.90 21.78 -24.32
CA SER A 20 -52.84 20.68 -24.06
C SER A 20 -52.10 19.40 -23.71
N ARG A 21 -50.96 19.18 -24.35
CA ARG A 21 -50.16 17.98 -24.12
C ARG A 21 -49.57 17.98 -22.71
N ILE A 22 -49.17 19.16 -22.24
CA ILE A 22 -48.68 19.37 -20.88
C ILE A 22 -49.84 19.17 -19.90
N GLN A 23 -50.99 19.80 -20.22
CA GLN A 23 -52.21 19.76 -19.40
C GLN A 23 -52.67 18.34 -19.11
N LYS A 24 -52.51 17.45 -20.09
CA LYS A 24 -52.90 16.04 -19.97
C LYS A 24 -52.20 15.30 -18.83
N LEU A 25 -51.06 15.82 -18.37
CA LEU A 25 -50.33 15.22 -17.26
C LEU A 25 -50.42 16.03 -15.96
N CYS A 26 -51.35 16.99 -15.91
CA CYS A 26 -51.54 17.82 -14.72
C CYS A 26 -52.62 17.32 -13.77
N TYR A 27 -53.16 16.13 -14.04
CA TYR A 27 -54.29 15.65 -13.24
C TYR A 27 -53.91 15.68 -11.77
N GLY A 28 -54.80 16.21 -10.93
CA GLY A 28 -54.57 16.19 -9.49
C GLY A 28 -53.64 17.26 -8.95
N LEU A 29 -53.01 18.04 -9.84
CA LEU A 29 -52.05 19.07 -9.42
C LEU A 29 -52.71 20.42 -9.09
N ASN A 30 -52.01 21.27 -8.35
CA ASN A 30 -52.56 22.58 -7.96
C ASN A 30 -52.51 23.59 -9.10
N MET A 31 -53.66 23.79 -9.75
CA MET A 31 -53.73 24.63 -10.94
C MET A 31 -53.70 26.13 -10.66
N ASP A 32 -53.83 26.51 -9.38
CA ASP A 32 -53.63 27.89 -8.97
C ASP A 32 -52.20 28.34 -9.25
N PHE A 33 -51.28 27.38 -9.26
CA PHE A 33 -49.84 27.66 -9.31
C PHE A 33 -49.11 26.95 -10.44
N VAL A 34 -49.61 25.81 -10.89
CA VAL A 34 -49.07 25.14 -12.09
C VAL A 34 -49.77 25.74 -13.33
N ASP A 35 -48.98 26.33 -14.22
CA ASP A 35 -49.54 26.98 -15.43
C ASP A 35 -48.82 26.42 -16.67
N PRO A 36 -49.46 25.48 -17.39
CA PRO A 36 -48.85 24.81 -18.56
C PRO A 36 -48.38 25.73 -19.68
N ALA A 37 -49.04 26.89 -19.83
CA ALA A 37 -48.63 27.88 -20.83
C ALA A 37 -47.24 28.45 -20.52
N GLN A 38 -46.89 28.49 -19.23
CA GLN A 38 -45.57 28.95 -18.77
C GLN A 38 -44.46 28.04 -19.29
N ILE A 39 -44.75 26.75 -19.36
CA ILE A 39 -43.84 25.77 -19.93
C ILE A 39 -43.80 25.91 -21.46
N THR A 40 -44.97 26.10 -22.06
CA THR A 40 -45.11 26.18 -23.52
C THR A 40 -44.26 27.30 -24.12
N MET A 41 -44.22 28.45 -23.45
CA MET A 41 -43.39 29.59 -23.86
C MET A 41 -41.92 29.24 -24.08
N LYS A 42 -41.40 28.37 -23.22
CA LYS A 42 -40.00 27.95 -23.33
C LYS A 42 -39.81 26.87 -24.40
N VAL A 43 -40.80 25.97 -24.50
CA VAL A 43 -40.81 24.90 -25.51
C VAL A 43 -40.99 25.46 -26.93
N ILE A 44 -41.91 26.41 -27.07
CA ILE A 44 -42.23 27.03 -28.36
C ILE A 44 -40.97 27.50 -29.10
N GLN A 45 -40.01 28.04 -28.35
CA GLN A 45 -38.77 28.58 -28.93
C GLN A 45 -37.68 27.53 -29.19
N GLY A 46 -37.99 26.27 -28.91
CA GLY A 46 -37.13 25.14 -29.27
C GLY A 46 -37.60 24.42 -30.53
N LEU A 47 -38.53 25.04 -31.26
CA LEU A 47 -39.07 24.46 -32.48
C LEU A 47 -38.16 24.66 -33.70
N TYR A 48 -38.19 23.66 -34.58
CA TYR A 48 -37.61 23.78 -35.93
C TYR A 48 -38.10 22.66 -36.85
N SER A 49 -37.93 22.87 -38.16
CA SER A 49 -38.25 21.83 -39.14
C SER A 49 -37.33 20.64 -38.89
N GLY A 50 -37.95 19.53 -38.47
CA GLY A 50 -37.22 18.33 -38.09
C GLY A 50 -37.14 18.05 -36.60
N VAL A 51 -37.90 18.79 -35.80
CA VAL A 51 -37.93 18.55 -34.35
C VAL A 51 -38.97 17.49 -33.98
N THR A 52 -38.52 16.49 -33.23
CA THR A 52 -39.40 15.42 -32.77
C THR A 52 -40.06 15.82 -31.45
N THR A 53 -41.28 15.34 -31.22
CA THR A 53 -42.02 15.64 -29.99
C THR A 53 -41.32 15.12 -28.73
N VAL A 54 -40.52 14.05 -28.88
CA VAL A 54 -39.70 13.50 -27.80
C VAL A 54 -38.62 14.47 -27.32
N GLU A 55 -38.04 15.22 -28.26
CA GLU A 55 -37.06 16.26 -27.94
C GLU A 55 -37.72 17.43 -27.22
N LEU A 56 -38.91 17.80 -27.70
CA LEU A 56 -39.73 18.83 -27.07
C LEU A 56 -40.21 18.38 -25.70
N ASP A 57 -40.34 17.07 -25.51
CA ASP A 57 -40.74 16.52 -24.23
C ASP A 57 -39.69 16.70 -23.14
N THR A 58 -38.40 16.57 -23.47
CA THR A 58 -37.37 16.81 -22.46
C THR A 58 -37.29 18.30 -22.16
N LEU A 59 -37.45 19.12 -23.20
CA LEU A 59 -37.46 20.58 -23.04
C LEU A 59 -38.59 20.98 -22.09
N ALA A 60 -39.75 20.35 -22.25
CA ALA A 60 -40.89 20.57 -21.36
C ALA A 60 -40.66 20.08 -19.92
N ALA A 61 -40.03 18.92 -19.78
CA ALA A 61 -39.72 18.39 -18.43
C ALA A 61 -38.66 19.21 -17.71
N GLU A 62 -37.69 19.73 -18.46
CA GLU A 62 -36.60 20.54 -17.91
C GLU A 62 -37.11 21.90 -17.47
N THR A 63 -37.95 22.50 -18.30
CA THR A 63 -38.55 23.79 -18.02
C THR A 63 -39.44 23.67 -16.80
N ALA A 64 -40.30 22.65 -16.80
CA ALA A 64 -41.19 22.41 -15.68
C ALA A 64 -40.41 22.26 -14.37
N ALA A 65 -39.25 21.61 -14.44
CA ALA A 65 -38.40 21.38 -13.26
C ALA A 65 -37.73 22.65 -12.73
N THR A 66 -37.41 23.57 -13.62
CA THR A 66 -36.89 24.89 -13.27
C THR A 66 -37.95 25.71 -12.53
N LEU A 67 -39.21 25.40 -12.85
CA LEU A 67 -40.37 26.11 -12.30
C LEU A 67 -40.79 25.51 -10.96
N THR A 68 -40.02 24.56 -10.45
CA THR A 68 -40.28 23.93 -9.15
C THR A 68 -40.25 24.97 -8.05
N THR A 69 -39.46 26.01 -8.28
CA THR A 69 -39.29 27.11 -7.34
C THR A 69 -40.56 28.01 -7.26
N LYS A 70 -41.53 27.76 -8.13
CA LYS A 70 -42.83 28.43 -8.08
C LYS A 70 -43.87 27.61 -7.29
N HIS A 71 -43.79 26.29 -7.41
CA HIS A 71 -44.65 25.35 -6.70
C HIS A 71 -44.09 23.93 -6.84
N PRO A 72 -44.15 23.11 -5.77
CA PRO A 72 -43.57 21.76 -5.86
C PRO A 72 -44.25 20.85 -6.89
N ASP A 73 -45.49 21.13 -7.27
CA ASP A 73 -46.20 20.31 -8.26
C ASP A 73 -45.58 20.38 -9.67
N TYR A 74 -44.78 21.42 -9.90
CA TYR A 74 -44.00 21.51 -11.12
C TYR A 74 -42.98 20.37 -11.24
N ALA A 75 -42.38 19.99 -10.11
CA ALA A 75 -41.44 18.86 -10.07
C ALA A 75 -42.16 17.54 -10.32
N ILE A 76 -43.44 17.47 -9.95
CA ILE A 76 -44.26 16.27 -10.23
C ILE A 76 -44.65 16.26 -11.70
N LEU A 77 -45.05 17.40 -12.22
CA LEU A 77 -45.29 17.51 -13.65
C LEU A 77 -44.03 17.17 -14.47
N ALA A 78 -42.87 17.64 -14.02
CA ALA A 78 -41.61 17.35 -14.71
C ALA A 78 -41.36 15.85 -14.76
N ALA A 79 -41.58 15.18 -13.63
CA ALA A 79 -41.43 13.74 -13.52
C ALA A 79 -42.40 12.99 -14.41
N ARG A 80 -43.63 13.50 -14.51
CA ARG A 80 -44.67 12.80 -15.27
C ARG A 80 -44.30 12.84 -16.74
N ILE A 81 -43.70 13.95 -17.16
CA ILE A 81 -43.27 14.12 -18.55
C ILE A 81 -42.08 13.21 -18.86
N ALA A 82 -41.06 13.26 -18.01
CA ALA A 82 -39.89 12.39 -18.19
C ALA A 82 -40.25 10.90 -18.16
N VAL A 83 -41.12 10.52 -17.22
CA VAL A 83 -41.58 9.12 -17.14
C VAL A 83 -42.43 8.67 -18.35
N SER A 84 -43.20 9.57 -18.94
CA SER A 84 -43.94 9.24 -20.16
C SER A 84 -43.00 8.92 -21.31
N ASN A 85 -41.93 9.71 -21.43
CA ASN A 85 -40.87 9.43 -22.40
C ASN A 85 -40.23 8.06 -22.13
N LEU A 86 -39.96 7.76 -20.86
CA LEU A 86 -39.31 6.50 -20.50
C LEU A 86 -40.20 5.31 -20.82
N HIS A 87 -41.50 5.45 -20.56
CA HIS A 87 -42.46 4.39 -20.86
C HIS A 87 -42.55 4.09 -22.34
N LYS A 88 -42.46 5.14 -23.16
CA LYS A 88 -42.49 5.01 -24.60
C LYS A 88 -41.16 4.47 -25.16
N GLU A 89 -40.10 4.53 -24.36
CA GLU A 89 -38.77 4.07 -24.79
C GLU A 89 -38.30 2.80 -24.08
N THR A 90 -39.18 2.17 -23.30
CA THR A 90 -38.90 0.88 -22.66
C THR A 90 -40.01 -0.13 -22.93
N LYS A 91 -39.70 -1.42 -22.79
CA LYS A 91 -40.71 -2.47 -22.92
C LYS A 91 -41.62 -2.50 -21.69
N LYS A 92 -42.88 -2.89 -21.90
CA LYS A 92 -43.89 -2.83 -20.85
C LYS A 92 -44.00 -4.10 -20.00
N VAL A 93 -43.48 -5.22 -20.50
CA VAL A 93 -43.57 -6.47 -19.76
C VAL A 93 -42.24 -6.81 -19.08
N PHE A 94 -42.33 -6.99 -17.76
CA PHE A 94 -41.22 -7.27 -16.87
C PHE A 94 -40.37 -8.48 -17.28
N SER A 95 -40.99 -9.63 -17.53
CA SER A 95 -40.22 -10.83 -17.91
C SER A 95 -39.44 -10.64 -19.20
N ASP A 96 -39.96 -9.82 -20.12
CA ASP A 96 -39.26 -9.48 -21.37
C ASP A 96 -38.01 -8.64 -21.14
N VAL A 97 -38.08 -7.69 -20.21
CA VAL A 97 -36.95 -6.84 -19.85
C VAL A 97 -35.87 -7.65 -19.12
N MET A 98 -36.28 -8.56 -18.24
CA MET A 98 -35.33 -9.42 -17.54
C MET A 98 -34.61 -10.35 -18.52
N GLU A 99 -35.32 -10.79 -19.55
CA GLU A 99 -34.73 -11.63 -20.59
C GLU A 99 -33.69 -10.88 -21.39
N ASP A 100 -33.99 -9.64 -21.76
CA ASP A 100 -33.04 -8.84 -22.52
C ASP A 100 -31.81 -8.54 -21.69
N LEU A 101 -31.99 -8.40 -20.38
CA LEU A 101 -30.87 -8.15 -19.46
C LEU A 101 -29.96 -9.38 -19.31
N TYR A 102 -30.58 -10.57 -19.31
CA TYR A 102 -29.82 -11.80 -19.24
C TYR A 102 -29.08 -12.11 -20.55
N ASN A 103 -29.76 -11.92 -21.68
CA ASN A 103 -29.22 -12.30 -22.98
C ASN A 103 -28.17 -11.36 -23.53
N TYR A 104 -27.85 -10.32 -22.75
CA TYR A 104 -26.95 -9.28 -23.17
C TYR A 104 -25.59 -9.84 -23.63
N ILE A 105 -25.23 -9.56 -24.88
CA ILE A 105 -23.92 -9.92 -25.42
C ILE A 105 -23.08 -8.66 -25.58
N ASN A 106 -22.06 -8.53 -24.73
CA ASN A 106 -21.10 -7.42 -24.81
C ASN A 106 -20.35 -7.42 -26.16
N PRO A 107 -20.58 -6.37 -26.98
CA PRO A 107 -20.06 -6.35 -28.37
C PRO A 107 -18.57 -6.05 -28.51
N HIS A 108 -17.93 -5.63 -27.40
CA HIS A 108 -16.48 -5.36 -27.39
C HIS A 108 -15.65 -6.65 -27.47
N ASN A 109 -16.09 -7.69 -26.76
CA ASN A 109 -15.44 -9.02 -26.80
C ASN A 109 -16.33 -10.12 -27.43
N GLY A 110 -17.64 -9.89 -27.45
CA GLY A 110 -18.60 -10.89 -27.94
C GLY A 110 -19.07 -11.86 -26.86
N LYS A 111 -18.57 -11.67 -25.64
CA LYS A 111 -18.86 -12.60 -24.55
C LYS A 111 -20.23 -12.30 -23.91
N HIS A 112 -21.03 -13.35 -23.78
CA HIS A 112 -22.31 -13.26 -23.10
C HIS A 112 -22.11 -12.78 -21.67
N SER A 113 -22.76 -11.67 -21.32
CA SER A 113 -22.54 -11.00 -20.04
C SER A 113 -23.87 -10.62 -19.39
N PRO A 114 -24.54 -11.60 -18.76
CA PRO A 114 -25.88 -11.38 -18.22
C PRO A 114 -25.91 -10.28 -17.17
N MET A 115 -26.91 -9.39 -17.24
CA MET A 115 -27.01 -8.28 -16.29
C MET A 115 -27.94 -8.64 -15.14
N VAL A 116 -28.62 -9.78 -15.28
CA VAL A 116 -29.34 -10.41 -14.18
C VAL A 116 -28.87 -11.86 -14.07
N ALA A 117 -29.05 -12.46 -12.89
CA ALA A 117 -28.62 -13.84 -12.65
C ALA A 117 -29.57 -14.79 -13.34
N LYS A 118 -29.05 -15.93 -13.79
CA LYS A 118 -29.87 -16.98 -14.40
C LYS A 118 -30.98 -17.48 -13.47
N SER A 119 -30.66 -17.64 -12.19
CA SER A 119 -31.60 -18.20 -11.20
C SER A 119 -32.78 -17.25 -11.00
N THR A 120 -32.49 -15.94 -10.96
CA THR A 120 -33.53 -14.92 -10.95
C THR A 120 -34.40 -14.96 -12.23
N LEU A 121 -33.79 -15.05 -13.41
CA LEU A 121 -34.58 -15.08 -14.66
C LEU A 121 -35.49 -16.28 -14.67
N ASP A 122 -34.96 -17.43 -14.25
CA ASP A 122 -35.71 -18.68 -14.27
C ASP A 122 -36.90 -18.63 -13.34
N ILE A 123 -36.72 -18.01 -12.18
CA ILE A 123 -37.82 -17.78 -11.24
C ILE A 123 -38.85 -16.87 -11.90
N VAL A 124 -38.39 -15.78 -12.51
CA VAL A 124 -39.30 -14.89 -13.22
C VAL A 124 -40.10 -15.60 -14.32
N LEU A 125 -39.41 -16.31 -15.21
CA LEU A 125 -40.07 -16.99 -16.33
C LEU A 125 -41.05 -18.06 -15.89
N ALA A 126 -40.68 -18.81 -14.88
CA ALA A 126 -41.55 -19.84 -14.31
C ALA A 126 -42.78 -19.24 -13.63
N ASN A 127 -42.74 -17.94 -13.34
CA ASN A 127 -43.83 -17.28 -12.63
C ASN A 127 -44.25 -15.99 -13.27
N LYS A 128 -44.06 -15.89 -14.58
CA LYS A 128 -44.19 -14.62 -15.28
C LYS A 128 -45.62 -14.09 -15.34
N ASP A 129 -46.60 -15.00 -15.39
CA ASP A 129 -48.00 -14.59 -15.29
C ASP A 129 -48.26 -13.73 -14.04
N ARG A 130 -47.99 -14.30 -12.87
CA ARG A 130 -48.23 -13.61 -11.61
C ARG A 130 -47.37 -12.33 -11.45
N LEU A 131 -46.10 -12.41 -11.83
CA LEU A 131 -45.16 -11.29 -11.70
C LEU A 131 -45.39 -10.12 -12.66
N ASN A 132 -45.55 -10.40 -13.96
CA ASN A 132 -45.85 -9.36 -14.95
C ASN A 132 -47.10 -8.57 -14.62
N SER A 133 -48.13 -9.26 -14.11
CA SER A 133 -49.44 -8.66 -13.94
C SER A 133 -49.60 -7.93 -12.61
N ALA A 134 -48.78 -8.29 -11.63
CA ALA A 134 -48.85 -7.67 -10.29
C ALA A 134 -48.31 -6.24 -10.29
N ILE A 135 -47.54 -5.91 -11.33
CA ILE A 135 -46.89 -4.62 -11.38
C ILE A 135 -47.87 -3.53 -11.80
N ILE A 136 -47.73 -2.37 -11.14
CA ILE A 136 -48.54 -1.21 -11.43
C ILE A 136 -47.64 -0.10 -11.97
N TYR A 137 -47.65 0.07 -13.27
CA TYR A 137 -46.75 1.00 -13.93
C TYR A 137 -47.05 2.46 -13.62
N ASP A 138 -48.27 2.77 -13.20
CA ASP A 138 -48.61 4.12 -12.76
C ASP A 138 -47.78 4.55 -11.53
N ARG A 139 -47.24 3.57 -10.79
CA ARG A 139 -46.34 3.87 -9.67
C ARG A 139 -45.01 4.51 -10.09
N ASP A 140 -44.63 4.36 -11.36
CA ASP A 140 -43.44 5.05 -11.91
C ASP A 140 -43.55 6.57 -11.82
N PHE A 141 -44.77 7.08 -11.80
CA PHE A 141 -45.04 8.52 -11.73
C PHE A 141 -45.05 9.04 -10.28
N SER A 142 -44.71 8.20 -9.32
CA SER A 142 -44.82 8.59 -7.92
C SER A 142 -43.58 9.29 -7.36
N TYR A 143 -42.53 9.40 -8.17
CA TYR A 143 -41.29 10.12 -7.78
C TYR A 143 -41.36 11.50 -8.39
N ASN A 144 -40.81 12.50 -7.72
CA ASN A 144 -40.67 13.80 -8.35
C ASN A 144 -39.49 13.78 -9.33
N TYR A 145 -39.31 14.87 -10.07
CA TYR A 145 -38.27 14.95 -11.10
C TYR A 145 -36.87 14.57 -10.62
N PHE A 146 -36.50 15.11 -9.47
CA PHE A 146 -35.15 14.94 -8.95
C PHE A 146 -34.93 13.52 -8.43
N GLY A 147 -35.97 12.95 -7.82
CA GLY A 147 -35.94 11.56 -7.37
C GLY A 147 -35.89 10.57 -8.52
N PHE A 148 -36.60 10.88 -9.60
CA PHE A 148 -36.57 10.05 -10.78
C PHE A 148 -35.22 10.16 -11.50
N LYS A 149 -34.64 11.35 -11.52
CA LYS A 149 -33.34 11.53 -12.20
C LYS A 149 -32.19 10.83 -11.46
N THR A 150 -32.30 10.77 -10.14
CA THR A 150 -31.42 9.94 -9.32
C THR A 150 -31.57 8.45 -9.70
N LEU A 151 -32.81 7.96 -9.76
CA LEU A 151 -33.08 6.60 -10.22
C LEU A 151 -32.51 6.31 -11.60
N GLU A 152 -32.73 7.23 -12.55
CA GLU A 152 -32.40 7.01 -13.95
C GLU A 152 -30.89 6.91 -14.17
N ARG A 153 -30.13 7.65 -13.38
CA ARG A 153 -28.69 7.69 -13.54
C ARG A 153 -27.91 6.49 -12.98
N SER A 154 -28.36 5.90 -11.88
CA SER A 154 -27.62 4.79 -11.24
C SER A 154 -28.45 3.51 -10.97
N TYR A 155 -29.76 3.63 -10.91
CA TYR A 155 -30.55 2.54 -10.37
C TYR A 155 -31.24 1.68 -11.43
N LEU A 156 -31.39 2.20 -12.63
CA LEU A 156 -32.09 1.47 -13.69
C LEU A 156 -31.08 0.90 -14.67
N LEU A 157 -31.10 -0.42 -14.83
CA LEU A 157 -30.13 -1.09 -15.70
C LEU A 157 -30.22 -0.59 -17.13
N LYS A 158 -29.05 -0.36 -17.73
CA LYS A 158 -28.93 0.25 -19.05
C LYS A 158 -28.27 -0.69 -20.06
N ILE A 159 -28.85 -0.80 -21.24
CA ILE A 159 -28.22 -1.53 -22.34
C ILE A 159 -27.71 -0.58 -23.44
N ASN A 160 -26.39 -0.53 -23.63
CA ASN A 160 -25.72 0.40 -24.57
C ASN A 160 -26.19 1.86 -24.42
N GLY A 161 -26.17 2.35 -23.18
CA GLY A 161 -26.49 3.75 -22.87
C GLY A 161 -27.97 4.07 -22.94
N LYS A 162 -28.81 3.04 -23.00
CA LYS A 162 -30.24 3.24 -23.07
C LYS A 162 -30.91 2.47 -21.95
N VAL A 163 -31.66 3.19 -21.11
CA VAL A 163 -32.39 2.58 -19.99
C VAL A 163 -33.33 1.46 -20.47
N ALA A 164 -33.13 0.27 -19.90
CA ALA A 164 -33.97 -0.90 -20.19
C ALA A 164 -34.99 -1.13 -19.08
N GLU A 165 -34.66 -0.73 -17.87
CA GLU A 165 -35.51 -0.98 -16.71
C GLU A 165 -36.38 0.23 -16.34
N ARG A 166 -37.69 0.01 -16.21
CA ARG A 166 -38.56 0.99 -15.55
C ARG A 166 -38.34 0.84 -14.04
N PRO A 167 -38.64 1.89 -13.26
CA PRO A 167 -38.54 1.76 -11.79
C PRO A 167 -39.30 0.57 -11.22
N GLN A 168 -40.43 0.22 -11.84
CA GLN A 168 -41.21 -0.94 -11.43
C GLN A 168 -40.44 -2.23 -11.68
N HIS A 169 -39.81 -2.32 -12.85
CA HIS A 169 -38.98 -3.46 -13.21
C HIS A 169 -37.85 -3.62 -12.22
N MET A 170 -37.15 -2.53 -11.92
CA MET A 170 -36.10 -2.56 -10.91
C MET A 170 -36.62 -3.10 -9.56
N LEU A 171 -37.74 -2.56 -9.08
CA LEU A 171 -38.30 -2.92 -7.78
C LEU A 171 -38.79 -4.36 -7.72
N MET A 172 -39.30 -4.87 -8.83
CA MET A 172 -39.71 -6.27 -8.87
C MET A 172 -38.49 -7.19 -8.97
N ARG A 173 -37.45 -6.74 -9.68
CA ARG A 173 -36.18 -7.49 -9.73
C ARG A 173 -35.58 -7.67 -8.32
N VAL A 174 -35.57 -6.59 -7.54
CA VAL A 174 -35.08 -6.63 -6.17
C VAL A 174 -35.90 -7.60 -5.32
N SER A 175 -37.23 -7.56 -5.49
CA SER A 175 -38.17 -8.34 -4.68
C SER A 175 -38.03 -9.84 -4.90
N VAL A 176 -37.87 -10.25 -6.16
CA VAL A 176 -37.58 -11.66 -6.47
C VAL A 176 -36.11 -12.00 -6.15
N GLY A 177 -35.24 -11.00 -6.28
CA GLY A 177 -33.87 -11.11 -5.80
C GLY A 177 -33.79 -11.52 -4.35
N ILE A 178 -34.62 -10.93 -3.50
CA ILE A 178 -34.65 -11.24 -2.07
C ILE A 178 -35.44 -12.52 -1.78
N HIS A 179 -36.62 -12.64 -2.36
CA HIS A 179 -37.58 -13.67 -1.94
C HIS A 179 -37.56 -14.91 -2.80
N LYS A 180 -37.00 -14.78 -4.00
CA LYS A 180 -36.79 -15.91 -4.91
C LYS A 180 -38.08 -16.71 -5.20
N GLU A 181 -38.17 -17.96 -4.75
CA GLU A 181 -39.32 -18.80 -5.07
C GLU A 181 -40.58 -18.43 -4.30
N ASP A 182 -40.41 -17.65 -3.23
CA ASP A 182 -41.54 -17.18 -2.43
C ASP A 182 -42.21 -16.02 -3.16
N ILE A 183 -43.14 -16.34 -4.06
CA ILE A 183 -43.77 -15.31 -4.90
C ILE A 183 -44.67 -14.39 -4.09
N ASP A 184 -45.36 -14.95 -3.10
CA ASP A 184 -46.26 -14.19 -2.22
C ASP A 184 -45.49 -13.09 -1.48
N ALA A 185 -44.33 -13.45 -0.96
CA ALA A 185 -43.45 -12.53 -0.26
C ALA A 185 -42.82 -11.54 -1.23
N ALA A 186 -42.53 -11.99 -2.46
CA ALA A 186 -42.00 -11.09 -3.49
C ALA A 186 -42.97 -9.97 -3.79
N ILE A 187 -44.24 -10.32 -4.02
CA ILE A 187 -45.26 -9.33 -4.38
C ILE A 187 -45.57 -8.41 -3.21
N GLU A 188 -45.68 -8.97 -2.00
CA GLU A 188 -45.88 -8.15 -0.80
C GLU A 188 -44.77 -7.10 -0.67
N THR A 189 -43.53 -7.51 -0.91
CA THR A 189 -42.38 -6.58 -0.88
C THR A 189 -42.41 -5.57 -2.04
N TYR A 190 -42.74 -6.04 -3.24
CA TYR A 190 -42.90 -5.15 -4.40
C TYR A 190 -43.91 -4.04 -4.10
N ASN A 191 -45.05 -4.40 -3.52
CA ASN A 191 -46.09 -3.41 -3.16
C ASN A 191 -45.64 -2.37 -2.14
N LEU A 192 -45.00 -2.82 -1.06
CA LEU A 192 -44.47 -1.93 -0.05
C LEU A 192 -43.39 -1.02 -0.60
N LEU A 193 -42.57 -1.52 -1.50
CA LEU A 193 -41.47 -0.71 -2.08
C LEU A 193 -41.99 0.28 -3.11
N SER A 194 -42.85 -0.20 -4.01
CA SER A 194 -43.42 0.67 -5.05
C SER A 194 -44.37 1.73 -4.50
N GLU A 195 -45.04 1.42 -3.38
CA GLU A 195 -45.82 2.44 -2.67
C GLU A 195 -44.98 3.30 -1.70
N ARG A 196 -43.70 2.95 -1.55
CA ARG A 196 -42.70 3.78 -0.86
C ARG A 196 -42.83 3.83 0.66
N TRP A 197 -43.35 2.74 1.23
CA TRP A 197 -43.48 2.62 2.67
C TRP A 197 -42.09 2.50 3.30
N PHE A 198 -41.20 1.87 2.56
CA PHE A 198 -39.79 1.77 2.93
C PHE A 198 -38.95 1.62 1.68
N THR A 199 -37.63 1.61 1.90
CA THR A 199 -36.67 1.26 0.85
C THR A 199 -35.55 0.40 1.43
N HIS A 200 -34.99 -0.45 0.57
CA HIS A 200 -33.77 -1.16 0.89
C HIS A 200 -32.61 -0.21 0.61
N ALA A 201 -31.47 -0.49 1.22
CA ALA A 201 -30.25 0.28 1.00
C ALA A 201 -29.80 0.18 -0.48
N SER A 202 -29.06 1.18 -0.92
CA SER A 202 -28.59 1.27 -2.30
C SER A 202 -27.97 0.00 -2.88
N PRO A 203 -27.01 -0.64 -2.13
CA PRO A 203 -26.37 -1.86 -2.65
C PRO A 203 -27.37 -2.97 -2.99
N THR A 204 -28.41 -3.11 -2.18
CA THR A 204 -29.50 -4.06 -2.44
C THR A 204 -30.26 -3.69 -3.71
N LEU A 205 -30.54 -2.39 -3.88
CA LEU A 205 -31.23 -1.92 -5.08
C LEU A 205 -30.37 -2.09 -6.34
N PHE A 206 -29.05 -1.89 -6.21
CA PHE A 206 -28.14 -2.13 -7.35
C PHE A 206 -28.06 -3.63 -7.65
N ASN A 207 -27.83 -4.43 -6.62
CA ASN A 207 -27.28 -5.77 -6.81
C ASN A 207 -28.23 -6.96 -6.69
N ALA A 208 -29.42 -6.75 -6.14
CA ALA A 208 -30.34 -7.88 -5.95
C ALA A 208 -30.80 -8.46 -7.29
N GLY A 209 -30.86 -9.77 -7.37
CA GLY A 209 -31.19 -10.45 -8.63
C GLY A 209 -30.09 -10.47 -9.68
N THR A 210 -28.91 -9.91 -9.37
CA THR A 210 -27.79 -9.95 -10.30
C THR A 210 -26.79 -11.04 -9.93
N ASN A 211 -25.76 -11.19 -10.76
CA ASN A 211 -24.68 -12.17 -10.55
C ASN A 211 -23.82 -11.97 -9.31
N ARG A 212 -23.49 -10.71 -8.97
CA ARG A 212 -22.74 -10.46 -7.74
C ARG A 212 -23.63 -9.74 -6.73
N PRO A 213 -24.47 -10.48 -5.99
CA PRO A 213 -25.40 -9.83 -5.08
C PRO A 213 -24.75 -9.43 -3.75
N GLN A 214 -23.89 -8.41 -3.82
CA GLN A 214 -23.37 -7.80 -2.62
C GLN A 214 -24.41 -6.76 -2.20
N LEU A 215 -25.20 -7.11 -1.21
CA LEU A 215 -26.37 -6.36 -0.86
C LEU A 215 -26.18 -5.50 0.37
N SER A 216 -25.03 -5.66 0.98
CA SER A 216 -24.68 -5.02 2.21
C SER A 216 -23.92 -3.75 2.03
N SER A 217 -24.14 -2.83 2.95
CA SER A 217 -23.58 -1.50 2.87
C SER A 217 -22.28 -1.33 3.58
N CYS A 218 -22.19 -1.87 4.76
CA CYS A 218 -21.12 -1.53 5.65
C CYS A 218 -20.29 -2.74 6.02
N PHE A 219 -19.05 -2.51 6.39
CA PHE A 219 -18.18 -3.51 6.96
C PHE A 219 -17.35 -2.91 8.08
N LEU A 220 -17.11 -3.65 9.12
CA LEU A 220 -16.16 -3.22 10.11
C LEU A 220 -15.14 -4.25 10.41
N LEU A 221 -13.93 -3.81 10.65
CA LEU A 221 -12.76 -4.68 10.86
C LEU A 221 -11.92 -4.20 12.04
N SER A 222 -11.30 -5.17 12.71
CA SER A 222 -10.33 -4.93 13.78
C SER A 222 -8.97 -5.26 13.24
N MET A 223 -7.99 -4.41 13.54
CA MET A 223 -6.62 -4.68 13.12
C MET A 223 -6.17 -5.99 13.78
N LYS A 224 -5.72 -6.91 12.94
CA LYS A 224 -5.38 -8.28 13.35
C LYS A 224 -4.27 -8.31 14.41
N ASP A 225 -3.03 -8.47 13.95
CA ASP A 225 -1.85 -8.43 14.80
C ASP A 225 -1.13 -7.09 14.63
N ASP A 226 -0.32 -6.74 15.64
CA ASP A 226 0.58 -5.59 15.55
C ASP A 226 1.90 -6.05 14.92
N SER A 227 1.89 -6.19 13.60
CA SER A 227 3.01 -6.70 12.83
C SER A 227 2.78 -6.36 11.36
N ILE A 228 3.83 -6.48 10.55
CA ILE A 228 3.72 -6.31 9.11
C ILE A 228 2.72 -7.30 8.51
N GLU A 229 2.85 -8.57 8.89
CA GLU A 229 1.92 -9.63 8.49
C GLU A 229 0.46 -9.22 8.71
N GLY A 230 0.16 -8.78 9.93
CA GLY A 230 -1.21 -8.43 10.31
C GLY A 230 -1.72 -7.20 9.60
N ILE A 231 -0.86 -6.18 9.51
CA ILE A 231 -1.20 -4.89 8.90
C ILE A 231 -1.55 -5.08 7.43
N TYR A 232 -0.82 -5.97 6.76
CA TYR A 232 -0.99 -6.24 5.34
C TYR A 232 -2.03 -7.29 5.00
N ASP A 233 -2.31 -8.19 5.95
CA ASP A 233 -3.48 -9.07 5.82
C ASP A 233 -4.76 -8.25 5.89
N THR A 234 -4.82 -7.35 6.87
CA THR A 234 -6.00 -6.50 7.06
C THR A 234 -6.18 -5.57 5.86
N LEU A 235 -5.06 -5.07 5.34
CA LEU A 235 -5.06 -4.24 4.13
C LEU A 235 -5.67 -4.97 2.95
N LYS A 236 -5.24 -6.21 2.74
CA LYS A 236 -5.83 -7.07 1.73
C LYS A 236 -7.32 -7.21 1.97
N GLN A 237 -7.74 -7.41 3.23
CA GLN A 237 -9.18 -7.50 3.56
C GLN A 237 -9.91 -6.28 3.03
N CYS A 238 -9.39 -5.09 3.37
CA CYS A 238 -9.98 -3.81 2.99
C CYS A 238 -10.05 -3.61 1.48
N ALA A 239 -9.03 -4.05 0.76
CA ALA A 239 -9.03 -3.99 -0.69
C ALA A 239 -10.13 -4.90 -1.25
N LEU A 240 -10.27 -6.10 -0.68
CA LEU A 240 -11.27 -7.05 -1.15
C LEU A 240 -12.70 -6.56 -0.86
N ILE A 241 -12.92 -6.03 0.34
CA ILE A 241 -14.20 -5.42 0.68
C ILE A 241 -14.51 -4.22 -0.21
N SER A 242 -13.50 -3.38 -0.43
CA SER A 242 -13.61 -2.14 -1.19
C SER A 242 -13.89 -2.42 -2.68
N LYS A 243 -13.59 -3.65 -3.08
CA LYS A 243 -13.93 -4.17 -4.40
C LYS A 243 -15.44 -4.27 -4.55
N SER A 244 -16.12 -4.55 -3.44
CA SER A 244 -17.57 -4.70 -3.43
C SER A 244 -18.29 -3.41 -2.96
N ALA A 245 -17.64 -2.27 -3.17
CA ALA A 245 -18.19 -0.92 -2.90
C ALA A 245 -18.64 -0.61 -1.46
N GLY A 246 -18.50 -1.59 -0.56
CA GLY A 246 -18.91 -1.36 0.83
C GLY A 246 -18.02 -0.35 1.54
N GLY A 247 -18.61 0.43 2.45
CA GLY A 247 -17.83 1.33 3.31
C GLY A 247 -17.15 0.53 4.40
N ILE A 248 -16.20 1.14 5.11
CA ILE A 248 -15.38 0.43 6.09
C ILE A 248 -15.06 1.21 7.38
N GLY A 249 -15.26 0.56 8.53
CA GLY A 249 -14.73 1.06 9.80
C GLY A 249 -13.59 0.16 10.23
N VAL A 250 -12.44 0.75 10.55
CA VAL A 250 -11.23 0.00 10.97
C VAL A 250 -10.67 0.46 12.34
N ALA A 251 -10.62 -0.47 13.29
CA ALA A 251 -9.96 -0.22 14.57
C ALA A 251 -8.45 -0.43 14.41
N VAL A 252 -7.68 0.51 14.93
CA VAL A 252 -6.27 0.64 14.64
C VAL A 252 -5.39 0.76 15.92
N SER A 253 -6.04 0.82 17.09
CA SER A 253 -5.38 1.17 18.36
C SER A 253 -4.31 0.19 18.84
N CYS A 254 -4.33 -1.04 18.33
CA CYS A 254 -3.36 -2.05 18.73
C CYS A 254 -1.99 -1.90 18.03
N ILE A 255 -1.89 -1.01 17.05
CA ILE A 255 -0.64 -0.80 16.30
C ILE A 255 0.30 0.09 17.10
N ARG A 256 1.54 -0.36 17.28
CA ARG A 256 2.50 0.33 18.17
C ARG A 256 2.90 1.71 17.64
N ALA A 257 3.14 2.62 18.57
CA ALA A 257 3.28 4.02 18.24
C ALA A 257 4.64 4.37 17.66
N THR A 258 4.76 5.58 17.11
CA THR A 258 6.01 6.06 16.51
C THR A 258 7.15 5.94 17.52
N GLY A 259 8.28 5.41 17.06
CA GLY A 259 9.49 5.33 17.89
C GLY A 259 9.64 4.09 18.77
N SER A 260 8.59 3.28 18.83
CA SER A 260 8.61 2.02 19.59
C SER A 260 9.54 1.03 18.93
N TYR A 261 10.27 0.30 19.76
CA TYR A 261 11.26 -0.66 19.33
C TYR A 261 10.65 -1.83 18.55
N ILE A 262 11.29 -2.16 17.42
CA ILE A 262 11.02 -3.39 16.68
C ILE A 262 12.10 -4.38 17.08
N ALA A 263 11.71 -5.54 17.59
CA ALA A 263 12.69 -6.53 18.05
C ALA A 263 13.39 -7.25 16.91
N GLY A 264 12.62 -7.72 15.93
CA GLY A 264 13.17 -8.49 14.81
C GLY A 264 14.11 -7.76 13.87
N THR A 265 14.02 -6.43 13.80
CA THR A 265 14.85 -5.62 12.90
C THR A 265 15.75 -4.64 13.65
N ASN A 266 15.61 -4.59 14.98
CA ASN A 266 16.39 -3.66 15.83
C ASN A 266 16.19 -2.21 15.42
N GLY A 267 14.99 -1.91 14.94
CA GLY A 267 14.64 -0.57 14.47
C GLY A 267 13.54 0.03 15.29
N ASN A 268 12.97 1.13 14.79
CA ASN A 268 11.93 1.84 15.52
C ASN A 268 10.69 2.14 14.67
N SER A 269 9.54 1.70 15.15
CA SER A 269 8.30 1.80 14.39
C SER A 269 8.01 3.21 13.92
N ASN A 270 7.44 3.30 12.73
CA ASN A 270 7.09 4.56 12.12
C ASN A 270 5.73 5.09 12.60
N GLY A 271 5.02 4.28 13.38
CA GLY A 271 3.76 4.71 13.97
C GLY A 271 2.62 4.66 12.97
N LEU A 272 1.54 5.36 13.30
CA LEU A 272 0.29 5.24 12.56
C LEU A 272 0.26 5.93 11.18
N VAL A 273 0.84 7.11 11.09
CA VAL A 273 0.78 7.96 9.90
C VAL A 273 1.23 7.30 8.60
N PRO A 274 2.50 6.84 8.51
CA PRO A 274 2.88 6.20 7.24
C PRO A 274 2.15 4.89 6.98
N MET A 275 1.54 4.31 8.01
CA MET A 275 0.74 3.10 7.82
C MET A 275 -0.58 3.50 7.18
N LEU A 276 -1.15 4.58 7.69
CA LEU A 276 -2.40 5.14 7.19
C LEU A 276 -2.28 5.64 5.74
N ARG A 277 -1.09 6.05 5.33
CA ARG A 277 -0.89 6.46 3.95
C ARG A 277 -1.03 5.31 2.97
N VAL A 278 -0.65 4.10 3.39
CA VAL A 278 -0.82 2.91 2.57
C VAL A 278 -2.31 2.58 2.39
N TYR A 279 -3.09 2.75 3.46
CA TYR A 279 -4.54 2.55 3.43
C TYR A 279 -5.25 3.63 2.63
N ASN A 280 -4.90 4.88 2.89
CA ASN A 280 -5.30 6.00 2.05
C ASN A 280 -5.18 5.70 0.55
N ASN A 281 -3.97 5.29 0.13
CA ASN A 281 -3.68 4.88 -1.25
C ASN A 281 -4.53 3.72 -1.74
N THR A 282 -4.78 2.76 -0.86
CA THR A 282 -5.59 1.60 -1.19
C THR A 282 -7.02 2.05 -1.41
N ALA A 283 -7.49 2.99 -0.59
CA ALA A 283 -8.84 3.53 -0.75
C ALA A 283 -9.00 4.26 -2.09
N ARG A 284 -7.99 5.04 -2.46
CA ARG A 284 -7.99 5.72 -3.74
C ARG A 284 -7.98 4.71 -4.89
N TYR A 285 -7.16 3.67 -4.75
CA TYR A 285 -6.90 2.72 -5.85
C TYR A 285 -8.08 1.81 -6.18
N VAL A 286 -8.71 1.22 -5.17
CA VAL A 286 -9.86 0.38 -5.44
C VAL A 286 -11.19 1.10 -5.12
N ASP A 287 -11.73 1.78 -6.13
CA ASP A 287 -13.00 2.50 -6.04
C ASP A 287 -14.16 1.53 -6.26
N GLN A 288 -14.29 1.13 -7.52
CA GLN A 288 -15.29 0.17 -8.02
C GLN A 288 -15.94 -0.72 -6.96
N GLY A 295 -13.08 4.65 -2.53
CA GLY A 295 -13.28 3.69 -1.44
C GLY A 295 -13.10 4.39 -0.10
N ALA A 296 -14.07 4.26 0.80
CA ALA A 296 -14.09 5.09 1.98
C ALA A 296 -13.86 4.31 3.28
N PHE A 297 -12.68 4.49 3.89
CA PHE A 297 -12.34 3.84 5.16
C PHE A 297 -12.38 4.85 6.31
N ALA A 298 -13.07 4.49 7.39
CA ALA A 298 -13.04 5.26 8.62
C ALA A 298 -12.09 4.59 9.63
N ILE A 299 -11.19 5.39 10.19
CA ILE A 299 -10.13 4.89 11.07
C ILE A 299 -10.46 5.26 12.52
N TYR A 300 -10.57 4.26 13.37
CA TYR A 300 -10.96 4.48 14.76
C TYR A 300 -9.74 4.35 15.67
N LEU A 301 -9.47 5.40 16.42
CA LEU A 301 -8.36 5.43 17.36
C LEU A 301 -8.88 5.76 18.76
N GLU A 302 -8.35 5.08 19.78
CA GLU A 302 -8.60 5.39 21.18
C GLU A 302 -7.61 6.44 21.70
N PRO A 303 -8.12 7.54 22.32
CA PRO A 303 -7.32 8.70 22.73
C PRO A 303 -6.14 8.46 23.69
N TRP A 304 -5.96 7.24 24.19
CA TRP A 304 -4.75 6.93 25.00
C TRP A 304 -3.54 6.62 24.15
N HIS A 305 -3.76 6.40 22.85
CA HIS A 305 -2.70 6.03 21.92
C HIS A 305 -1.72 7.17 21.71
N LEU A 306 -0.43 6.87 21.78
CA LEU A 306 0.60 7.89 21.76
C LEU A 306 0.62 8.72 20.47
N ASP A 307 0.10 8.16 19.38
CA ASP A 307 0.09 8.86 18.08
C ASP A 307 -1.16 9.73 17.88
N ILE A 308 -1.96 9.87 18.92
CA ILE A 308 -3.22 10.60 18.87
C ILE A 308 -3.14 12.05 18.29
N PHE A 309 -2.11 12.81 18.67
CA PHE A 309 -1.97 14.18 18.19
C PHE A 309 -1.65 14.28 16.70
N GLU A 310 -0.87 13.32 16.20
CA GLU A 310 -0.49 13.28 14.79
C GLU A 310 -1.63 12.71 13.94
N PHE A 311 -2.49 11.92 14.58
CA PHE A 311 -3.74 11.42 14.01
C PHE A 311 -4.71 12.59 13.80
N LEU A 312 -4.81 13.46 14.79
CA LEU A 312 -5.62 14.68 14.72
C LEU A 312 -5.01 15.73 13.78
N ASP A 313 -4.51 15.29 12.62
CA ASP A 313 -3.82 16.16 11.67
C ASP A 313 -3.80 15.63 10.25
N LEU A 314 -4.03 14.33 10.10
CA LEU A 314 -4.00 13.68 8.80
C LEU A 314 -4.99 14.26 7.79
N LYS A 315 -6.22 14.51 8.23
CA LYS A 315 -7.23 15.16 7.38
C LYS A 315 -6.93 16.65 7.13
N LYS A 316 -6.16 17.27 8.04
CA LYS A 316 -5.79 18.68 7.94
C LYS A 316 -4.83 18.95 6.78
N ARG A 326 -6.31 11.16 4.03
CA ARG A 326 -6.99 12.18 3.23
C ARG A 326 -8.20 11.68 2.43
N ASP A 327 -8.19 10.40 2.06
CA ASP A 327 -9.37 9.66 1.57
C ASP A 327 -9.88 8.79 2.71
N LEU A 328 -9.38 9.08 3.89
CA LEU A 328 -9.73 8.36 5.07
C LEU A 328 -10.56 9.29 5.91
N PHE A 329 -11.40 8.70 6.73
CA PHE A 329 -12.26 9.44 7.62
C PHE A 329 -11.81 9.03 9.02
N PHE A 330 -11.90 9.95 9.96
CA PHE A 330 -11.31 9.71 11.26
C PHE A 330 -12.34 9.78 12.38
N ALA A 331 -12.12 8.94 13.38
CA ALA A 331 -13.07 8.78 14.45
C ALA A 331 -12.33 8.44 15.72
N LEU A 332 -12.87 8.88 16.84
CA LEU A 332 -12.34 8.49 18.12
C LEU A 332 -13.28 7.52 18.79
N TRP A 333 -12.69 6.49 19.40
CA TRP A 333 -13.41 5.50 20.19
C TRP A 333 -13.05 5.86 21.64
N ILE A 334 -13.91 6.63 22.29
CA ILE A 334 -13.58 7.33 23.54
C ILE A 334 -14.06 6.64 24.82
N PRO A 335 -13.13 6.35 25.76
CA PRO A 335 -13.55 5.85 27.07
C PRO A 335 -14.08 6.97 27.95
N ASP A 336 -14.88 6.61 28.96
CA ASP A 336 -15.42 7.57 29.92
C ASP A 336 -14.29 8.22 30.71
N LEU A 337 -13.24 7.44 30.95
CA LEU A 337 -12.10 7.90 31.72
C LEU A 337 -11.46 9.15 31.12
N PHE A 338 -11.34 9.21 29.79
CA PHE A 338 -10.82 10.41 29.15
C PHE A 338 -11.76 11.60 29.39
N MET A 339 -13.05 11.38 29.22
CA MET A 339 -14.03 12.44 29.46
C MET A 339 -14.01 12.94 30.91
N LYS A 340 -13.89 12.02 31.87
CA LYS A 340 -13.77 12.40 33.28
C LYS A 340 -12.52 13.22 33.59
N ARG A 341 -11.40 12.84 32.97
CA ARG A 341 -10.11 13.50 33.19
C ARG A 341 -10.12 14.92 32.62
N VAL A 342 -10.83 15.09 31.51
CA VAL A 342 -10.95 16.40 30.86
C VAL A 342 -11.73 17.38 31.73
N GLU A 343 -12.93 17.00 32.17
CA GLU A 343 -13.77 17.93 32.94
C GLU A 343 -13.20 18.25 34.32
N THR A 344 -12.44 17.32 34.88
CA THR A 344 -11.78 17.53 36.18
C THR A 344 -10.37 18.15 36.05
N ASN A 345 -9.99 18.55 34.84
CA ASN A 345 -8.71 19.23 34.59
C ASN A 345 -7.47 18.42 35.00
N GLN A 346 -7.52 17.11 34.76
CA GLN A 346 -6.43 16.21 35.17
C GLN A 346 -5.48 15.83 34.03
N ASP A 347 -4.42 15.11 34.38
CA ASP A 347 -3.48 14.57 33.41
C ASP A 347 -3.97 13.31 32.71
N TRP A 348 -3.50 13.13 31.48
CA TRP A 348 -3.87 11.99 30.67
C TRP A 348 -2.57 11.35 30.21
N SER A 349 -2.53 10.02 30.29
CA SER A 349 -1.33 9.26 29.96
C SER A 349 -1.43 8.68 28.57
N LEU A 350 -0.46 9.04 27.72
CA LEU A 350 -0.36 8.48 26.37
C LEU A 350 0.49 7.21 26.38
N MET A 351 -0.01 6.18 25.70
CA MET A 351 0.60 4.87 25.77
C MET A 351 0.77 4.22 24.39
N CYS A 352 1.81 3.41 24.28
CA CYS A 352 2.02 2.56 23.12
C CYS A 352 1.48 1.17 23.46
N PRO A 353 0.57 0.64 22.62
CA PRO A 353 -0.11 -0.66 22.88
C PRO A 353 0.82 -1.87 22.95
N ASN A 354 2.06 -1.72 22.50
CA ASN A 354 3.06 -2.79 22.58
C ASN A 354 3.68 -2.86 23.99
N GLU A 355 3.85 -1.69 24.59
CA GLU A 355 4.26 -1.57 25.98
C GLU A 355 3.07 -1.83 26.91
N CYS A 356 1.88 -1.42 26.49
CA CYS A 356 0.69 -1.55 27.33
C CYS A 356 -0.42 -2.33 26.60
N PRO A 357 -0.30 -3.67 26.55
CA PRO A 357 -1.24 -4.47 25.74
C PRO A 357 -2.63 -4.61 26.36
N GLY A 358 -3.64 -4.73 25.49
CA GLY A 358 -4.97 -5.16 25.88
C GLY A 358 -5.98 -4.07 26.18
N LEU A 359 -5.54 -2.81 26.14
CA LEU A 359 -6.41 -1.67 26.42
C LEU A 359 -7.68 -1.62 25.56
N ASP A 360 -7.60 -2.11 24.33
CA ASP A 360 -8.75 -2.12 23.43
C ASP A 360 -9.66 -3.37 23.56
N GLU A 361 -9.19 -4.37 24.29
CA GLU A 361 -9.92 -5.63 24.46
C GLU A 361 -10.83 -5.56 25.67
N VAL A 362 -10.86 -4.39 26.29
CA VAL A 362 -11.45 -4.24 27.60
C VAL A 362 -12.16 -2.86 27.63
N TRP A 363 -13.27 -2.77 28.34
CA TRP A 363 -14.02 -1.52 28.47
C TRP A 363 -14.48 -1.32 29.91
N GLY A 364 -15.05 -0.15 30.20
CA GLY A 364 -15.62 0.17 31.52
C GLY A 364 -14.63 0.10 32.66
N GLU A 365 -15.05 -0.51 33.77
CA GLU A 365 -14.21 -0.64 34.96
C GLU A 365 -12.96 -1.46 34.69
N GLU A 366 -13.10 -2.51 33.87
CA GLU A 366 -11.99 -3.36 33.47
C GLU A 366 -10.88 -2.57 32.73
N PHE A 367 -11.28 -1.61 31.89
CA PHE A 367 -10.31 -0.74 31.21
C PHE A 367 -9.67 0.22 32.20
N GLU A 368 -10.51 0.86 33.01
CA GLU A 368 -10.07 1.87 33.96
C GLU A 368 -9.08 1.29 34.97
N LYS A 369 -9.29 0.03 35.36
CA LYS A 369 -8.36 -0.66 36.26
C LYS A 369 -7.03 -1.00 35.56
N LEU A 370 -7.12 -1.54 34.35
CA LEU A 370 -5.92 -1.83 33.55
C LEU A 370 -5.13 -0.57 33.21
N TYR A 371 -5.83 0.46 32.73
CA TYR A 371 -5.20 1.74 32.40
C TYR A 371 -4.43 2.32 33.59
N ALA A 372 -5.08 2.35 34.76
CA ALA A 372 -4.48 2.92 35.97
C ALA A 372 -3.33 2.08 36.47
N SER A 373 -3.46 0.76 36.32
CA SER A 373 -2.38 -0.18 36.62
C SER A 373 -1.11 0.11 35.81
N TYR A 374 -1.27 0.39 34.52
CA TYR A 374 -0.12 0.78 33.69
C TYR A 374 0.41 2.14 34.08
N GLU A 375 -0.48 3.05 34.50
CA GLU A 375 -0.04 4.35 34.97
C GLU A 375 0.83 4.21 36.21
N LYS A 376 0.34 3.48 37.22
CA LYS A 376 1.11 3.22 38.44
C LYS A 376 2.38 2.41 38.19
N GLN A 377 2.37 1.54 37.18
CA GLN A 377 3.54 0.74 36.80
C GLN A 377 4.62 1.55 36.09
N GLY A 378 4.32 2.81 35.78
CA GLY A 378 5.27 3.73 35.16
C GLY A 378 5.36 3.60 33.64
N ARG A 379 4.66 2.62 33.08
CA ARG A 379 4.74 2.38 31.65
C ARG A 379 3.80 3.29 30.86
N VAL A 380 4.24 4.53 30.73
CA VAL A 380 3.49 5.58 30.08
C VAL A 380 4.54 6.29 29.24
N ARG A 381 4.26 6.45 27.95
CA ARG A 381 5.24 7.07 27.07
C ARG A 381 5.26 8.61 27.14
N LYS A 382 4.10 9.22 27.34
CA LYS A 382 4.00 10.67 27.51
C LYS A 382 2.80 11.02 28.36
N VAL A 383 2.92 12.07 29.17
CA VAL A 383 1.80 12.57 29.96
C VAL A 383 1.49 14.02 29.61
N VAL A 384 0.24 14.27 29.24
CA VAL A 384 -0.22 15.60 28.86
C VAL A 384 -1.41 16.01 29.72
N LYS A 385 -1.76 17.29 29.70
CA LYS A 385 -2.99 17.74 30.29
C LYS A 385 -4.15 17.24 29.43
N ALA A 386 -5.13 16.58 30.05
CA ALA A 386 -6.28 16.02 29.31
C ALA A 386 -6.97 17.09 28.47
N GLN A 387 -6.89 18.33 28.95
CA GLN A 387 -7.49 19.49 28.31
C GLN A 387 -6.77 19.82 27.00
N GLN A 388 -5.43 19.69 27.02
CA GLN A 388 -4.59 19.89 25.84
C GLN A 388 -4.99 18.97 24.69
N LEU A 389 -5.18 17.68 24.98
CA LEU A 389 -5.69 16.71 24.00
C LEU A 389 -7.10 17.10 23.60
N TRP A 390 -7.91 17.49 24.58
CA TRP A 390 -9.28 17.88 24.32
C TRP A 390 -9.40 18.99 23.28
N TYR A 391 -8.59 20.03 23.45
CA TYR A 391 -8.62 21.17 22.53
C TYR A 391 -8.05 20.87 21.15
N ALA A 392 -7.09 19.95 21.10
CA ALA A 392 -6.58 19.46 19.84
C ALA A 392 -7.70 18.76 19.06
N ILE A 393 -8.61 18.12 19.79
CA ILE A 393 -9.76 17.44 19.18
C ILE A 393 -10.76 18.46 18.65
N ILE A 394 -11.02 19.50 19.43
CA ILE A 394 -11.93 20.58 19.08
C ILE A 394 -11.44 21.31 17.82
N GLU A 395 -10.19 21.77 17.86
CA GLU A 395 -9.58 22.47 16.72
C GLU A 395 -9.65 21.65 15.42
N SER A 396 -9.44 20.34 15.53
CA SER A 396 -9.52 19.47 14.36
C SER A 396 -10.95 19.41 13.78
N GLN A 397 -11.95 19.38 14.67
CA GLN A 397 -13.36 19.34 14.28
C GLN A 397 -13.86 20.65 13.69
N THR A 398 -13.43 21.77 14.24
CA THR A 398 -13.80 23.07 13.70
C THR A 398 -13.18 23.29 12.31
N GLU A 399 -12.00 22.71 12.07
CA GLU A 399 -11.35 22.81 10.76
C GLU A 399 -11.83 21.80 9.70
N THR A 400 -12.23 20.60 10.11
CA THR A 400 -12.55 19.52 9.16
C THR A 400 -13.90 18.85 9.37
N GLY A 401 -14.52 19.07 10.52
CA GLY A 401 -15.78 18.43 10.86
C GLY A 401 -15.60 17.12 11.61
N THR A 402 -14.34 16.66 11.65
CA THR A 402 -13.97 15.36 12.21
C THR A 402 -12.81 15.57 13.19
N PRO A 403 -12.51 14.57 14.05
CA PRO A 403 -13.03 13.19 14.13
C PRO A 403 -14.46 13.03 14.62
N TYR A 404 -15.12 11.98 14.17
CA TYR A 404 -16.39 11.56 14.78
C TYR A 404 -16.14 11.27 16.24
N MET A 405 -17.17 11.40 17.06
CA MET A 405 -17.05 11.12 18.49
C MET A 405 -17.92 9.92 18.87
N LEU A 406 -17.26 8.83 19.23
CA LEU A 406 -17.94 7.65 19.74
C LEU A 406 -17.54 7.34 21.17
N TYR A 407 -18.55 7.03 21.98
CA TYR A 407 -18.33 6.71 23.38
C TYR A 407 -18.30 5.20 23.56
N LYS A 408 -17.07 4.71 23.67
CA LYS A 408 -16.72 3.29 23.69
C LYS A 408 -17.43 2.53 24.79
N ASP A 409 -17.56 3.15 25.96
CA ASP A 409 -18.18 2.49 27.10
C ASP A 409 -19.69 2.44 26.99
N SER A 410 -20.30 3.50 26.47
CA SER A 410 -21.76 3.50 26.16
C SER A 410 -22.12 2.45 25.11
N CYS A 411 -21.37 2.43 24.00
CA CYS A 411 -21.49 1.43 22.94
C CYS A 411 -21.43 0.02 23.51
N ASN A 412 -20.44 -0.25 24.35
CA ASN A 412 -20.27 -1.58 24.94
C ASN A 412 -21.30 -1.94 26.01
N ARG A 413 -21.48 -1.05 26.99
CA ARG A 413 -22.42 -1.26 28.10
C ARG A 413 -23.84 -1.57 27.62
N LYS A 414 -24.24 -0.94 26.50
CA LYS A 414 -25.61 -1.04 26.03
C LYS A 414 -25.73 -1.81 24.73
N SER A 415 -24.86 -2.80 24.55
CA SER A 415 -24.86 -3.60 23.34
C SER A 415 -25.34 -5.02 23.63
N ASN A 416 -26.20 -5.56 22.77
CA ASN A 416 -26.66 -6.95 22.92
C ASN A 416 -25.60 -7.95 22.49
N GLN A 417 -24.55 -7.46 21.84
CA GLN A 417 -23.45 -8.30 21.41
C GLN A 417 -22.29 -8.34 22.44
N GLN A 418 -22.49 -7.74 23.60
CA GLN A 418 -21.42 -7.60 24.60
C GLN A 418 -20.97 -8.93 25.20
N ASN A 419 -21.77 -9.98 25.00
CA ASN A 419 -21.37 -11.33 25.41
C ASN A 419 -20.27 -11.90 24.52
N LEU A 420 -20.01 -11.26 23.38
CA LEU A 420 -18.98 -11.70 22.44
C LEU A 420 -17.59 -11.19 22.79
N GLY A 421 -17.53 -10.17 23.64
CA GLY A 421 -16.28 -9.46 23.94
C GLY A 421 -16.41 -7.99 23.60
N THR A 422 -15.33 -7.24 23.80
CA THR A 422 -15.35 -5.79 23.60
C THR A 422 -15.50 -5.42 22.14
N ILE A 423 -16.36 -4.46 21.84
CA ILE A 423 -16.53 -3.89 20.51
C ILE A 423 -15.52 -2.76 20.31
N LYS A 424 -14.76 -2.84 19.23
CA LYS A 424 -13.55 -2.05 19.06
C LYS A 424 -13.73 -0.81 18.20
N CYS A 425 -14.81 -0.77 17.43
CA CYS A 425 -15.11 0.38 16.58
C CYS A 425 -16.55 0.41 16.11
N SER A 426 -16.89 1.46 15.36
CA SER A 426 -18.15 1.56 14.63
C SER A 426 -17.83 1.53 13.12
N ASN A 427 -18.78 1.95 12.28
CA ASN A 427 -18.58 1.94 10.83
C ASN A 427 -18.21 3.31 10.27
N LEU A 428 -18.34 3.46 8.95
CA LEU A 428 -18.04 4.70 8.25
C LEU A 428 -18.98 5.82 8.68
N CYS A 429 -20.23 5.48 8.98
CA CYS A 429 -21.28 6.47 9.26
C CYS A 429 -21.75 6.49 10.70
N THR A 430 -21.06 5.72 11.54
CA THR A 430 -21.20 5.77 12.99
C THR A 430 -22.53 5.30 13.55
N GLU A 431 -23.33 4.60 12.75
CA GLU A 431 -24.60 4.07 13.27
C GLU A 431 -24.47 2.62 13.73
N ILE A 432 -23.45 1.92 13.21
CA ILE A 432 -23.28 0.48 13.47
C ILE A 432 -22.32 0.19 14.62
N VAL A 433 -22.82 -0.51 15.63
CA VAL A 433 -22.00 -0.98 16.74
C VAL A 433 -22.06 -2.51 16.77
N GLU A 434 -21.03 -3.14 16.19
CA GLU A 434 -20.96 -4.60 16.05
C GLU A 434 -19.56 -5.11 16.34
N TYR A 435 -19.51 -6.33 16.84
CA TYR A 435 -18.27 -7.01 17.25
C TYR A 435 -17.41 -7.38 16.04
N THR A 436 -16.09 -7.24 16.22
CA THR A 436 -15.09 -7.67 15.24
C THR A 436 -13.96 -8.39 15.97
N SER A 437 -13.26 -9.27 15.25
CA SER A 437 -12.07 -9.98 15.76
C SER A 437 -11.27 -10.49 14.56
N LYS A 438 -10.14 -11.15 14.83
CA LYS A 438 -9.35 -11.84 13.80
C LYS A 438 -10.22 -12.64 12.84
N ASP A 439 -11.23 -13.32 13.38
CA ASP A 439 -12.04 -14.30 12.67
C ASP A 439 -13.35 -13.76 12.08
N GLU A 440 -13.66 -12.50 12.37
CA GLU A 440 -14.97 -11.94 12.07
C GLU A 440 -14.87 -10.49 11.65
N VAL A 441 -15.37 -10.20 10.47
CA VAL A 441 -15.60 -8.87 10.05
C VAL A 441 -17.08 -8.65 10.02
N ALA A 442 -17.53 -7.59 10.65
CA ALA A 442 -18.92 -7.33 10.75
C ALA A 442 -19.46 -6.67 9.51
N VAL A 443 -20.70 -6.97 9.19
CA VAL A 443 -21.32 -6.39 8.06
C VAL A 443 -22.67 -5.88 8.46
N CYS A 444 -23.13 -4.79 7.93
CA CYS A 444 -24.56 -4.65 8.10
C CYS A 444 -25.39 -4.45 6.91
N ASN A 445 -26.62 -4.82 7.15
CA ASN A 445 -27.64 -5.08 6.22
C ASN A 445 -28.73 -4.14 6.60
N LEU A 446 -29.03 -3.22 5.71
CA LEU A 446 -29.75 -2.04 6.03
C LEU A 446 -30.93 -1.73 5.17
N ALA A 447 -31.91 -1.10 5.78
CA ALA A 447 -33.10 -0.56 5.16
C ALA A 447 -33.62 0.62 5.95
N SER A 448 -34.50 1.41 5.37
CA SER A 448 -35.14 2.52 6.10
C SER A 448 -36.65 2.68 5.84
N LEU A 449 -37.36 2.98 6.91
CA LEU A 449 -38.79 3.27 6.86
C LEU A 449 -39.01 4.73 6.50
N ALA A 450 -39.93 4.99 5.57
CA ALA A 450 -40.27 6.38 5.20
C ALA A 450 -41.35 6.95 6.14
N LEU A 451 -40.91 7.67 7.17
CA LEU A 451 -41.76 8.05 8.30
C LEU A 451 -42.88 9.01 7.95
N ASN A 452 -42.72 9.71 6.83
CA ASN A 452 -43.73 10.62 6.32
C ASN A 452 -44.98 9.87 5.84
N MET A 453 -44.78 8.65 5.36
CA MET A 453 -45.87 7.83 4.85
C MET A 453 -46.90 7.47 5.89
N TYR A 454 -46.49 7.48 7.16
CA TYR A 454 -47.34 6.96 8.24
C TYR A 454 -48.20 8.01 8.93
N VAL A 455 -48.09 9.25 8.48
CA VAL A 455 -49.02 10.28 8.95
C VAL A 455 -50.30 10.27 8.12
N THR A 456 -51.38 10.25 8.88
CA THR A 456 -52.72 10.04 8.40
C THR A 456 -53.31 11.36 7.88
N SER A 457 -54.30 11.24 7.00
CA SER A 457 -55.04 12.41 6.48
C SER A 457 -55.72 13.27 7.58
N GLU A 458 -55.93 12.67 8.76
CA GLU A 458 -56.51 13.37 9.90
C GLU A 458 -55.43 13.88 10.85
N HIS A 459 -54.21 14.06 10.34
CA HIS A 459 -53.06 14.48 11.16
C HIS A 459 -52.91 13.67 12.45
N THR A 460 -53.07 12.34 12.33
CA THR A 460 -52.69 11.39 13.37
C THR A 460 -51.59 10.49 12.81
N TYR A 461 -50.99 9.68 13.68
CA TYR A 461 -49.88 8.82 13.27
C TYR A 461 -50.21 7.34 13.34
N ASP A 462 -50.07 6.66 12.22
CA ASP A 462 -50.41 5.23 12.14
C ASP A 462 -49.27 4.32 12.64
N PHE A 463 -49.14 4.23 13.96
CA PHE A 463 -48.18 3.31 14.58
C PHE A 463 -48.43 1.84 14.20
N LYS A 464 -49.69 1.43 14.13
CA LYS A 464 -49.99 0.03 13.80
C LYS A 464 -49.37 -0.33 12.44
N LYS A 465 -49.51 0.57 11.47
CA LYS A 465 -49.00 0.31 10.13
C LYS A 465 -47.47 0.36 10.07
N LEU A 466 -46.87 1.21 10.90
CA LEU A 466 -45.41 1.29 10.98
C LEU A 466 -44.82 -0.01 11.51
N ALA A 467 -45.45 -0.55 12.55
CA ALA A 467 -45.07 -1.84 13.12
C ALA A 467 -45.17 -2.94 12.07
N GLU A 468 -46.26 -2.95 11.30
CA GLU A 468 -46.52 -3.94 10.27
C GLU A 468 -45.41 -4.00 9.24
N VAL A 469 -45.07 -2.84 8.68
CA VAL A 469 -44.06 -2.73 7.64
C VAL A 469 -42.69 -3.14 8.17
N THR A 470 -42.37 -2.66 9.37
CA THR A 470 -41.15 -3.07 10.10
C THR A 470 -41.00 -4.59 10.18
N LYS A 471 -42.09 -5.29 10.48
CA LYS A 471 -42.05 -6.76 10.52
C LYS A 471 -41.59 -7.33 9.18
N VAL A 472 -42.08 -6.76 8.08
CA VAL A 472 -41.67 -7.17 6.73
C VAL A 472 -40.20 -6.88 6.47
N VAL A 473 -39.72 -5.73 6.95
CA VAL A 473 -38.35 -5.30 6.72
C VAL A 473 -37.39 -6.24 7.43
N VAL A 474 -37.70 -6.59 8.68
CA VAL A 474 -36.91 -7.56 9.43
C VAL A 474 -36.76 -8.85 8.63
N ARG A 475 -37.87 -9.39 8.14
CA ARG A 475 -37.83 -10.63 7.36
C ARG A 475 -37.04 -10.51 6.05
N ASN A 476 -37.16 -9.36 5.38
CA ASN A 476 -36.36 -9.09 4.18
C ASN A 476 -34.88 -9.06 4.46
N LEU A 477 -34.50 -8.42 5.57
CA LEU A 477 -33.10 -8.28 5.90
C LEU A 477 -32.46 -9.61 6.37
N ASN A 478 -33.25 -10.45 7.04
CA ASN A 478 -32.84 -11.82 7.36
C ASN A 478 -32.60 -12.70 6.16
N LYS A 479 -33.48 -12.61 5.17
CA LYS A 479 -33.26 -13.29 3.90
C LYS A 479 -31.97 -12.79 3.25
N ILE A 480 -31.75 -11.49 3.28
CA ILE A 480 -30.54 -10.89 2.71
C ILE A 480 -29.26 -11.47 3.30
N ILE A 481 -29.24 -11.70 4.62
CA ILE A 481 -28.10 -12.31 5.31
C ILE A 481 -27.68 -13.63 4.66
N ASP A 482 -28.65 -14.45 4.27
CA ASP A 482 -28.39 -15.80 3.74
C ASP A 482 -28.04 -15.86 2.26
N ILE A 483 -28.48 -14.87 1.50
CA ILE A 483 -28.25 -14.84 0.06
C ILE A 483 -27.10 -13.92 -0.36
N ASN A 484 -26.59 -13.14 0.59
CA ASN A 484 -25.53 -12.17 0.34
C ASN A 484 -24.24 -12.78 -0.25
N TYR A 485 -23.67 -12.09 -1.25
CA TYR A 485 -22.31 -12.35 -1.70
C TYR A 485 -21.37 -11.63 -0.74
N TYR A 486 -20.54 -12.39 -0.04
CA TYR A 486 -19.60 -11.84 0.93
C TYR A 486 -18.20 -11.72 0.33
N PRO A 487 -17.55 -10.56 0.50
CA PRO A 487 -16.25 -10.36 -0.16
C PRO A 487 -15.12 -11.14 0.50
N VAL A 488 -15.24 -11.38 1.81
CA VAL A 488 -14.29 -12.22 2.55
C VAL A 488 -15.01 -13.22 3.47
N PRO A 489 -14.46 -14.44 3.64
CA PRO A 489 -15.09 -15.45 4.52
C PRO A 489 -15.39 -14.98 5.94
N GLU A 490 -14.57 -14.08 6.49
CA GLU A 490 -14.76 -13.57 7.85
C GLU A 490 -16.05 -12.75 8.00
N ALA A 491 -16.46 -12.07 6.93
CA ALA A 491 -17.72 -11.32 6.90
C ALA A 491 -18.92 -12.26 6.90
N CYS A 492 -18.82 -13.34 6.14
CA CYS A 492 -19.84 -14.37 6.10
C CYS A 492 -20.05 -15.00 7.48
N LEU A 493 -18.94 -15.35 8.12
CA LEU A 493 -18.95 -16.03 9.41
C LEU A 493 -19.66 -15.16 10.44
N SER A 494 -19.25 -13.90 10.49
CA SER A 494 -19.79 -12.91 11.41
C SER A 494 -21.30 -12.78 11.28
N ASN A 495 -21.77 -12.61 10.05
CA ASN A 495 -23.19 -12.36 9.78
C ASN A 495 -24.09 -13.57 10.08
N LYS A 496 -23.56 -14.77 9.89
CA LYS A 496 -24.30 -16.00 10.10
C LYS A 496 -24.31 -16.42 11.58
N ARG A 497 -23.27 -16.04 12.32
CA ARG A 497 -23.24 -16.26 13.77
C ARG A 497 -24.22 -15.40 14.57
N HIS A 498 -24.24 -14.09 14.28
CA HIS A 498 -24.95 -13.13 15.12
C HIS A 498 -26.18 -12.52 14.44
N ARG A 499 -26.23 -12.59 13.11
CA ARG A 499 -27.34 -12.03 12.31
C ARG A 499 -27.75 -10.62 12.71
N PRO A 500 -26.79 -9.66 12.73
CA PRO A 500 -27.28 -8.34 13.09
C PRO A 500 -27.99 -7.72 11.89
N ILE A 501 -28.94 -6.84 12.14
CA ILE A 501 -29.50 -6.01 11.08
C ILE A 501 -29.58 -4.55 11.52
N GLY A 502 -29.79 -3.65 10.56
CA GLY A 502 -29.91 -2.26 10.87
C GLY A 502 -31.07 -1.66 10.14
N ILE A 503 -32.18 -1.44 10.84
CA ILE A 503 -33.32 -0.76 10.26
C ILE A 503 -33.26 0.68 10.69
N GLY A 504 -33.29 1.58 9.71
CA GLY A 504 -33.25 3.01 9.95
C GLY A 504 -34.51 3.68 9.45
N VAL A 505 -34.43 5.01 9.32
CA VAL A 505 -35.58 5.83 8.95
C VAL A 505 -35.17 6.95 7.99
N GLN A 506 -36.16 7.57 7.36
CA GLN A 506 -35.99 8.85 6.67
C GLN A 506 -37.28 9.67 6.78
N GLY A 507 -37.18 10.96 6.50
CA GLY A 507 -38.34 11.84 6.53
C GLY A 507 -38.96 12.09 7.89
N LEU A 508 -38.17 11.94 8.95
CA LEU A 508 -38.63 12.31 10.29
C LEU A 508 -39.03 13.78 10.34
N ALA A 509 -38.21 14.66 9.73
CA ALA A 509 -38.51 16.08 9.66
C ALA A 509 -39.83 16.31 8.95
N ASP A 510 -40.06 15.56 7.87
CA ASP A 510 -41.31 15.60 7.11
C ASP A 510 -42.52 15.12 7.90
N ALA A 511 -42.32 14.14 8.78
CA ALA A 511 -43.43 13.62 9.59
C ALA A 511 -43.90 14.65 10.60
N PHE A 512 -42.94 15.37 11.18
CA PHE A 512 -43.25 16.46 12.10
C PHE A 512 -44.01 17.56 11.38
N ILE A 513 -43.48 17.97 10.23
CA ILE A 513 -44.12 19.02 9.44
C ILE A 513 -45.55 18.60 9.01
N LEU A 514 -45.70 17.39 8.48
CA LEU A 514 -47.03 16.91 8.11
C LEU A 514 -48.02 16.87 9.28
N MET A 515 -47.51 16.70 10.51
CA MET A 515 -48.34 16.67 11.73
C MET A 515 -48.50 18.09 12.29
N ARG A 516 -47.85 19.05 11.63
CA ARG A 516 -47.83 20.47 12.05
C ARG A 516 -47.04 20.71 13.33
N TYR A 517 -46.01 19.90 13.54
CA TYR A 517 -45.22 19.93 14.78
C TYR A 517 -43.84 20.56 14.57
N PRO A 518 -43.56 21.66 15.30
CA PRO A 518 -42.17 22.15 15.30
C PRO A 518 -41.24 21.07 15.82
N PHE A 519 -40.04 20.98 15.25
CA PHE A 519 -39.08 19.94 15.62
C PHE A 519 -38.86 19.78 17.13
N GLU A 520 -38.81 20.90 17.86
CA GLU A 520 -38.46 20.92 19.28
C GLU A 520 -39.68 20.89 20.20
N SER A 521 -40.88 20.96 19.63
CA SER A 521 -42.13 20.95 20.41
C SER A 521 -42.29 19.68 21.25
N ALA A 522 -43.08 19.77 22.32
CA ALA A 522 -43.42 18.64 23.19
C ALA A 522 -44.15 17.53 22.41
N GLU A 523 -44.98 17.93 21.44
CA GLU A 523 -45.67 16.99 20.56
C GLU A 523 -44.70 16.22 19.67
N ALA A 524 -43.66 16.89 19.18
CA ALA A 524 -42.62 16.26 18.37
C ALA A 524 -41.76 15.36 19.23
N GLN A 525 -41.39 15.83 20.42
CA GLN A 525 -40.59 15.03 21.35
C GLN A 525 -41.25 13.71 21.72
N LEU A 526 -42.56 13.73 21.95
CA LEU A 526 -43.32 12.52 22.26
C LEU A 526 -43.50 11.61 21.04
N LEU A 527 -43.88 12.17 19.90
CA LEU A 527 -44.03 11.37 18.68
C LEU A 527 -42.70 10.69 18.34
N ASN A 528 -41.60 11.44 18.49
CA ASN A 528 -40.25 10.89 18.37
C ASN A 528 -40.04 9.62 19.25
N LYS A 529 -40.33 9.69 20.54
CA LYS A 529 -40.29 8.48 21.39
C LYS A 529 -41.17 7.36 20.83
N GLN A 530 -42.41 7.71 20.49
CA GLN A 530 -43.44 6.76 20.08
C GLN A 530 -43.11 6.05 18.79
N ILE A 531 -42.65 6.80 17.79
CA ILE A 531 -42.19 6.25 16.51
C ILE A 531 -41.13 5.16 16.72
N PHE A 532 -40.12 5.48 17.54
CA PHE A 532 -39.02 4.53 17.77
C PHE A 532 -39.36 3.36 18.71
N GLU A 533 -40.18 3.60 19.73
CA GLU A 533 -40.77 2.50 20.51
C GLU A 533 -41.43 1.51 19.55
N THR A 534 -42.11 2.04 18.55
CA THR A 534 -42.91 1.25 17.60
C THR A 534 -42.03 0.42 16.67
N ILE A 535 -40.99 1.04 16.14
CA ILE A 535 -40.03 0.35 15.28
C ILE A 535 -39.32 -0.80 16.01
N TYR A 536 -38.83 -0.52 17.21
CA TYR A 536 -38.19 -1.54 18.04
C TYR A 536 -39.18 -2.67 18.35
N TYR A 537 -40.40 -2.32 18.73
CA TYR A 537 -41.42 -3.31 19.07
C TYR A 537 -41.75 -4.24 17.91
N GLY A 538 -41.99 -3.68 16.73
CA GLY A 538 -42.33 -4.46 15.55
C GLY A 538 -41.15 -5.32 15.12
N ALA A 539 -39.97 -4.71 15.07
CA ALA A 539 -38.74 -5.44 14.76
C ALA A 539 -38.53 -6.66 15.70
N LEU A 540 -38.59 -6.45 17.01
CA LEU A 540 -38.41 -7.54 17.99
C LEU A 540 -39.48 -8.63 17.83
N GLU A 541 -40.69 -8.20 17.51
CA GLU A 541 -41.80 -9.11 17.32
C GLU A 541 -41.59 -10.01 16.09
N ALA A 542 -41.07 -9.44 15.00
CA ALA A 542 -40.77 -10.23 13.80
C ALA A 542 -39.56 -11.12 14.02
N SER A 543 -38.53 -10.57 14.64
CA SER A 543 -37.34 -11.33 14.96
C SER A 543 -37.66 -12.52 15.87
N CYS A 544 -38.59 -12.32 16.79
CA CYS A 544 -39.06 -13.37 17.69
C CYS A 544 -39.85 -14.46 16.95
N ASP A 545 -40.72 -14.05 16.02
CA ASP A 545 -41.44 -14.98 15.15
C ASP A 545 -40.47 -15.83 14.31
N LEU A 546 -39.43 -15.20 13.78
CA LEU A 546 -38.39 -15.89 13.04
C LEU A 546 -37.63 -16.88 13.91
N ALA A 547 -37.34 -16.52 15.16
CA ALA A 547 -36.65 -17.41 16.09
C ALA A 547 -37.49 -18.64 16.39
N LYS A 548 -38.79 -18.49 16.39
CA LYS A 548 -39.70 -19.59 16.55
C LYS A 548 -39.72 -20.50 15.34
N GLU A 549 -39.66 -19.95 14.16
CA GLU A 549 -39.70 -20.74 12.91
C GLU A 549 -38.36 -21.39 12.59
N GLN A 550 -37.29 -20.82 13.08
CA GLN A 550 -35.98 -21.16 12.61
C GLN A 550 -34.91 -21.28 13.67
N GLY A 551 -35.30 -21.06 14.91
CA GLY A 551 -34.37 -21.08 16.05
C GLY A 551 -33.61 -19.78 16.20
N PRO A 552 -33.24 -19.41 17.44
CA PRO A 552 -32.48 -18.19 17.71
C PRO A 552 -31.11 -18.22 17.03
N TYR A 553 -30.42 -17.08 16.98
CA TYR A 553 -29.10 -17.04 16.37
C TYR A 553 -28.09 -17.74 17.28
N GLU A 554 -27.02 -18.25 16.68
CA GLU A 554 -26.06 -19.15 17.33
C GLU A 554 -25.53 -18.66 18.68
N THR A 555 -25.43 -17.36 18.80
CA THR A 555 -24.67 -16.72 19.84
C THR A 555 -25.61 -16.04 20.86
N TYR A 556 -26.91 -16.34 20.72
CA TYR A 556 -27.98 -15.70 21.49
C TYR A 556 -27.90 -15.90 23.00
N GLU A 557 -27.52 -17.10 23.44
CA GLU A 557 -27.56 -17.43 24.86
C GLU A 557 -26.43 -16.72 25.60
N GLY A 558 -26.76 -15.98 26.62
CA GLY A 558 -25.77 -15.20 27.32
C GLY A 558 -25.90 -13.73 27.09
N SER A 559 -26.55 -13.39 25.99
CA SER A 559 -26.77 -12.02 25.59
C SER A 559 -27.75 -11.35 26.52
N PRO A 560 -27.71 -10.04 26.56
CA PRO A 560 -28.60 -9.29 27.40
C PRO A 560 -30.07 -9.51 27.12
N VAL A 561 -30.46 -9.73 25.89
CA VAL A 561 -31.85 -10.02 25.67
C VAL A 561 -32.29 -11.43 26.07
N SER A 562 -31.35 -12.37 26.19
CA SER A 562 -31.69 -13.69 26.68
C SER A 562 -31.93 -13.68 28.17
N LYS A 563 -31.49 -12.63 28.82
CA LYS A 563 -31.74 -12.44 30.20
C LYS A 563 -32.86 -11.49 30.44
N GLY A 564 -33.64 -11.23 29.41
CA GLY A 564 -34.78 -10.36 29.53
C GLY A 564 -34.52 -8.89 29.59
N ILE A 565 -33.35 -8.47 29.17
CA ILE A 565 -32.98 -7.06 29.15
C ILE A 565 -33.04 -6.57 27.70
N LEU A 566 -33.99 -5.69 27.42
CA LEU A 566 -34.07 -5.07 26.10
C LEU A 566 -33.34 -3.75 26.19
N GLN A 567 -33.18 -3.07 25.06
CA GLN A 567 -32.29 -1.90 24.98
C GLN A 567 -32.66 -0.78 25.96
N TYR A 568 -33.95 -0.47 26.05
CA TYR A 568 -34.42 0.59 26.93
C TYR A 568 -34.17 0.32 28.42
N ASP A 569 -34.15 -0.98 28.81
CA ASP A 569 -33.78 -1.35 30.19
C ASP A 569 -32.34 -0.91 30.48
N MET A 570 -31.49 -0.99 29.47
CA MET A 570 -30.09 -0.60 29.57
C MET A 570 -29.90 0.91 29.73
N TRP A 571 -30.92 1.68 29.35
CA TRP A 571 -30.89 3.15 29.49
C TRP A 571 -31.64 3.60 30.73
N ASN A 572 -32.29 2.65 31.40
CA ASN A 572 -33.17 2.93 32.54
C ASN A 572 -34.40 3.72 32.18
N VAL A 573 -34.96 3.41 31.00
CA VAL A 573 -36.14 4.08 30.48
C VAL A 573 -37.32 3.15 30.58
N THR A 574 -38.45 3.71 30.97
CA THR A 574 -39.72 3.00 30.91
C THR A 574 -40.47 3.51 29.70
N PRO A 575 -40.84 2.59 28.78
CA PRO A 575 -41.54 3.01 27.57
C PRO A 575 -42.90 3.61 27.93
N THR A 576 -43.47 4.37 27.00
CA THR A 576 -44.84 4.87 27.12
C THR A 576 -45.81 3.67 27.12
N ASP A 577 -47.10 3.93 27.32
CA ASP A 577 -48.10 2.86 27.38
C ASP A 577 -48.58 2.38 25.99
N LEU A 578 -48.02 2.96 24.93
CA LEU A 578 -48.43 2.66 23.55
C LEU A 578 -48.39 1.16 23.17
N TRP A 579 -47.30 0.49 23.56
CA TRP A 579 -47.10 -0.92 23.23
C TRP A 579 -46.96 -1.77 24.46
N ASP A 580 -47.45 -3.01 24.37
CA ASP A 580 -47.44 -3.98 25.47
C ASP A 580 -46.12 -4.75 25.52
N TRP A 581 -45.14 -4.19 26.23
CA TRP A 581 -43.80 -4.79 26.34
C TRP A 581 -43.76 -6.05 27.21
N LYS A 582 -44.70 -6.16 28.15
CA LYS A 582 -44.78 -7.35 29.01
C LYS A 582 -45.07 -8.59 28.19
N VAL A 583 -46.09 -8.50 27.32
CA VAL A 583 -46.43 -9.61 26.44
C VAL A 583 -45.30 -9.98 25.47
N LEU A 584 -44.63 -8.98 24.91
CA LEU A 584 -43.51 -9.23 24.00
C LEU A 584 -42.32 -9.91 24.69
N LYS A 585 -41.95 -9.43 25.87
CA LYS A 585 -40.90 -10.07 26.66
C LYS A 585 -41.20 -11.55 26.97
N GLU A 586 -42.48 -11.88 27.14
CA GLU A 586 -42.92 -13.26 27.35
C GLU A 586 -42.65 -14.10 26.10
N LYS A 587 -42.91 -13.53 24.94
CA LYS A 587 -42.64 -14.22 23.69
C LYS A 587 -41.15 -14.46 23.48
N ILE A 588 -40.33 -13.43 23.72
CA ILE A 588 -38.88 -13.54 23.60
C ILE A 588 -38.31 -14.54 24.61
N ALA A 589 -38.77 -14.45 25.86
CA ALA A 589 -38.34 -15.39 26.89
C ALA A 589 -38.59 -16.86 26.48
N LYS A 590 -39.63 -17.10 25.69
CA LYS A 590 -39.99 -18.48 25.28
C LYS A 590 -39.30 -18.94 24.00
N TYR A 591 -39.12 -18.02 23.03
CA TYR A 591 -38.56 -18.36 21.71
C TYR A 591 -37.23 -17.70 21.42
N GLY A 592 -36.97 -16.56 22.05
CA GLY A 592 -35.76 -15.80 21.78
C GLY A 592 -35.92 -15.04 20.48
N ILE A 593 -34.80 -14.58 19.92
CA ILE A 593 -34.85 -13.78 18.71
C ILE A 593 -33.84 -14.28 17.68
N ARG A 594 -34.14 -14.04 16.40
CA ARG A 594 -33.33 -14.44 15.27
C ARG A 594 -32.15 -13.50 14.97
N ASN A 595 -32.21 -12.28 15.50
CA ASN A 595 -31.20 -11.26 15.16
C ASN A 595 -30.68 -10.56 16.40
N SER A 596 -29.35 -10.48 16.50
CA SER A 596 -28.69 -9.96 17.70
C SER A 596 -28.88 -8.47 17.86
N LEU A 597 -29.07 -7.79 16.72
CA LEU A 597 -29.25 -6.35 16.67
C LEU A 597 -30.19 -6.00 15.53
N LEU A 598 -30.95 -4.92 15.68
CA LEU A 598 -32.07 -4.62 14.81
C LEU A 598 -32.13 -3.24 14.17
N ILE A 599 -31.75 -2.21 14.94
CA ILE A 599 -32.07 -0.83 14.62
C ILE A 599 -30.80 -0.01 14.58
N ALA A 600 -30.63 0.77 13.51
CA ALA A 600 -29.44 1.61 13.33
C ALA A 600 -29.70 2.72 12.32
N PRO A 601 -30.34 3.82 12.76
CA PRO A 601 -30.58 4.93 11.84
C PRO A 601 -29.33 5.50 11.15
N MET A 602 -29.19 5.14 9.89
CA MET A 602 -28.09 5.54 9.00
C MET A 602 -28.46 6.81 8.22
N PRO A 603 -27.45 7.47 7.61
CA PRO A 603 -27.64 8.74 6.89
C PRO A 603 -28.63 8.71 5.71
N THR A 604 -28.81 7.58 5.03
CA THR A 604 -29.78 7.50 3.91
C THR A 604 -29.64 8.57 2.83
N ALA A 605 -28.41 8.98 2.51
CA ALA A 605 -28.23 10.11 1.59
C ALA A 605 -28.94 9.89 0.24
N SER A 606 -28.62 8.78 -0.42
CA SER A 606 -29.10 8.52 -1.77
C SER A 606 -30.55 8.07 -1.88
N THR A 607 -30.99 7.18 -1.00
CA THR A 607 -32.37 6.70 -1.09
C THR A 607 -33.38 7.75 -0.64
N ALA A 608 -32.98 8.66 0.25
CA ALA A 608 -33.85 9.78 0.65
C ALA A 608 -34.05 10.74 -0.49
N GLN A 609 -32.99 10.98 -1.27
CA GLN A 609 -33.09 11.81 -2.47
C GLN A 609 -34.04 11.21 -3.50
N ILE A 610 -34.07 9.87 -3.59
CA ILE A 610 -35.01 9.16 -4.46
C ILE A 610 -36.45 9.38 -4.01
N LEU A 611 -36.71 9.20 -2.71
CA LEU A 611 -38.09 9.26 -2.19
C LEU A 611 -38.59 10.67 -1.89
N GLY A 612 -37.71 11.66 -1.99
CA GLY A 612 -38.07 13.05 -1.78
C GLY A 612 -38.28 13.41 -0.31
N ASN A 613 -37.68 12.63 0.59
CA ASN A 613 -37.69 12.91 2.02
C ASN A 613 -36.40 13.55 2.50
N ASN A 614 -36.48 14.30 3.60
CA ASN A 614 -35.27 14.72 4.29
C ASN A 614 -34.61 13.49 4.91
N GLU A 615 -33.26 13.49 4.92
CA GLU A 615 -32.54 12.31 5.40
C GLU A 615 -32.72 12.07 6.87
N SER A 616 -32.93 10.79 7.19
CA SER A 616 -32.72 10.24 8.51
C SER A 616 -33.58 10.92 9.57
N ILE A 617 -32.94 11.26 10.68
CA ILE A 617 -33.58 11.86 11.83
C ILE A 617 -33.34 13.38 11.87
N GLU A 618 -32.67 13.93 10.86
CA GLU A 618 -32.27 15.33 10.94
C GLU A 618 -33.29 16.37 10.43
N PRO A 619 -33.31 17.56 11.06
CA PRO A 619 -34.17 18.65 10.57
C PRO A 619 -33.76 19.11 9.17
N TYR A 620 -34.63 19.88 8.53
CA TYR A 620 -34.24 20.58 7.31
C TYR A 620 -33.10 21.52 7.64
N THR A 621 -32.00 21.41 6.91
CA THR A 621 -30.82 22.22 7.20
C THR A 621 -30.97 23.61 6.59
N SER A 622 -31.84 23.70 5.60
CA SER A 622 -32.18 24.94 4.93
C SER A 622 -33.56 24.82 4.31
N ASN A 623 -34.26 25.95 4.16
CA ASN A 623 -35.52 25.96 3.44
C ASN A 623 -35.36 26.14 1.94
N ILE A 624 -34.19 26.62 1.52
CA ILE A 624 -33.84 26.64 0.08
C ILE A 624 -32.45 26.05 -0.19
N TYR A 625 -32.42 25.14 -1.16
CA TYR A 625 -31.21 24.40 -1.50
C TYR A 625 -31.22 24.14 -2.99
N THR A 626 -30.08 23.76 -3.55
CA THR A 626 -29.98 23.49 -4.98
C THR A 626 -29.65 22.03 -5.23
N ARG A 627 -30.16 21.49 -6.34
CA ARG A 627 -29.78 20.17 -6.82
C ARG A 627 -29.24 20.30 -8.24
N ARG A 628 -28.17 19.57 -8.53
CA ARG A 628 -27.66 19.46 -9.89
C ARG A 628 -28.14 18.17 -10.54
N VAL A 629 -28.61 18.31 -11.78
CA VAL A 629 -28.94 17.16 -12.63
C VAL A 629 -28.13 17.34 -13.92
N LEU A 630 -27.02 16.62 -14.00
CA LEU A 630 -26.05 16.72 -15.10
C LEU A 630 -25.59 18.18 -15.34
N SER A 631 -25.95 18.76 -16.49
CA SER A 631 -25.58 20.14 -16.78
C SER A 631 -26.60 21.19 -16.28
N GLY A 632 -27.56 20.75 -15.47
CA GLY A 632 -28.61 21.65 -14.99
C GLY A 632 -28.56 21.86 -13.50
N GLU A 633 -28.75 23.11 -13.08
CA GLU A 633 -28.91 23.43 -11.66
C GLU A 633 -30.34 23.87 -11.40
N PHE A 634 -30.89 23.46 -10.24
CA PHE A 634 -32.28 23.75 -9.86
C PHE A 634 -32.36 24.22 -8.40
N GLN A 635 -33.03 25.35 -8.19
CA GLN A 635 -33.31 25.87 -6.86
C GLN A 635 -34.54 25.16 -6.34
N ILE A 636 -34.43 24.62 -5.13
CA ILE A 636 -35.56 23.91 -4.53
C ILE A 636 -35.85 24.48 -3.15
N VAL A 637 -37.10 24.89 -2.95
CA VAL A 637 -37.56 25.29 -1.62
C VAL A 637 -38.26 24.12 -0.91
N ASN A 638 -38.05 24.05 0.41
CA ASN A 638 -38.77 23.11 1.28
C ASN A 638 -40.23 23.05 0.80
N PRO A 639 -40.65 21.88 0.29
CA PRO A 639 -41.94 21.77 -0.43
C PRO A 639 -43.13 22.08 0.46
N HIS A 640 -43.04 21.70 1.73
CA HIS A 640 -44.09 22.02 2.71
C HIS A 640 -44.20 23.52 2.88
N LEU A 641 -43.05 24.18 3.04
CA LEU A 641 -43.01 25.62 3.19
C LEU A 641 -43.61 26.30 1.96
N LEU A 642 -43.16 25.88 0.78
CA LEU A 642 -43.61 26.52 -0.46
C LEU A 642 -45.14 26.39 -0.63
N LYS A 643 -45.69 25.27 -0.19
CA LYS A 643 -47.14 25.07 -0.18
C LYS A 643 -47.84 26.02 0.78
N ASP A 644 -47.30 26.15 1.99
CA ASP A 644 -47.83 27.08 2.99
C ASP A 644 -47.77 28.54 2.52
N LEU A 645 -46.67 28.92 1.88
CA LEU A 645 -46.47 30.32 1.47
C LEU A 645 -47.28 30.72 0.24
N THR A 646 -47.31 29.84 -0.77
CA THR A 646 -48.11 30.08 -1.98
C THR A 646 -49.61 30.17 -1.65
N GLU A 647 -50.10 29.22 -0.86
CA GLU A 647 -51.49 29.19 -0.40
C GLU A 647 -51.92 30.46 0.36
N ARG A 648 -50.99 31.14 1.00
CA ARG A 648 -51.28 32.38 1.70
C ARG A 648 -51.00 33.64 0.87
N GLY A 649 -50.72 33.46 -0.41
CA GLY A 649 -50.41 34.58 -1.30
C GLY A 649 -49.19 35.36 -0.86
N LEU A 650 -48.24 34.65 -0.25
CA LEU A 650 -46.99 35.23 0.25
C LEU A 650 -45.79 35.06 -0.68
N TRP A 651 -45.84 34.05 -1.54
CA TRP A 651 -44.71 33.71 -2.39
C TRP A 651 -44.53 34.61 -3.61
N HIS A 652 -43.34 35.21 -3.71
CA HIS A 652 -42.90 35.97 -4.89
C HIS A 652 -41.37 35.97 -4.93
N GLU A 653 -40.81 36.56 -5.98
CA GLU A 653 -39.38 36.43 -6.24
C GLU A 653 -38.45 37.15 -5.25
N GLU A 654 -38.85 38.34 -4.81
CA GLU A 654 -38.09 39.09 -3.78
C GLU A 654 -38.17 38.38 -2.42
N MET A 655 -39.19 37.54 -2.27
CA MET A 655 -39.39 36.73 -1.08
C MET A 655 -38.38 35.58 -1.04
N LYS A 656 -38.29 34.87 -2.16
CA LYS A 656 -37.30 33.82 -2.40
C LYS A 656 -35.88 34.35 -2.16
N ASN A 657 -35.56 35.49 -2.74
CA ASN A 657 -34.25 36.12 -2.61
C ASN A 657 -33.94 36.63 -1.20
N GLN A 658 -34.97 37.02 -0.48
CA GLN A 658 -34.83 37.39 0.93
C GLN A 658 -34.40 36.18 1.78
N ILE A 659 -35.02 35.03 1.52
CA ILE A 659 -34.73 33.79 2.25
C ILE A 659 -33.34 33.23 1.90
N ILE A 660 -32.95 33.35 0.63
CA ILE A 660 -31.61 33.01 0.17
C ILE A 660 -30.57 33.90 0.85
N ALA A 661 -30.90 35.17 1.02
CA ALA A 661 -30.02 36.11 1.72
C ALA A 661 -29.89 35.78 3.21
N CYS A 662 -30.84 35.00 3.74
CA CYS A 662 -30.81 34.67 5.16
C CYS A 662 -30.34 33.25 5.40
N ASN A 663 -29.46 32.76 4.51
CA ASN A 663 -28.99 31.38 4.55
C ASN A 663 -30.14 30.38 4.71
N GLY A 664 -31.18 30.57 3.90
CA GLY A 664 -32.30 29.64 3.88
C GLY A 664 -33.24 29.71 5.07
N SER A 665 -33.12 30.77 5.86
CA SER A 665 -33.98 30.98 7.03
C SER A 665 -35.19 31.87 6.69
N ILE A 666 -36.26 31.72 7.46
CA ILE A 666 -37.45 32.57 7.32
C ILE A 666 -37.78 33.36 8.59
N GLN A 667 -36.92 33.25 9.60
CA GLN A 667 -37.19 33.89 10.90
C GLN A 667 -37.30 35.41 10.83
N SER A 668 -36.58 36.03 9.89
CA SER A 668 -36.58 37.49 9.81
C SER A 668 -37.54 38.10 8.77
N ILE A 669 -38.40 37.27 8.16
CA ILE A 669 -39.38 37.76 7.19
C ILE A 669 -40.68 38.21 7.88
N PRO A 670 -40.96 39.53 7.85
CA PRO A 670 -42.08 40.09 8.62
C PRO A 670 -43.47 39.57 8.23
N GLU A 671 -43.69 39.28 6.96
CA GLU A 671 -45.03 38.92 6.48
C GLU A 671 -45.43 37.46 6.73
N ILE A 672 -44.56 36.72 7.41
CA ILE A 672 -44.76 35.29 7.63
C ILE A 672 -45.26 35.04 9.06
N PRO A 673 -46.38 34.31 9.20
CA PRO A 673 -46.94 34.00 10.52
C PRO A 673 -45.97 33.23 11.41
N ASP A 674 -45.94 33.58 12.71
CA ASP A 674 -45.06 32.93 13.67
C ASP A 674 -45.24 31.42 13.72
N ASP A 675 -46.47 30.95 13.51
CA ASP A 675 -46.79 29.52 13.39
C ASP A 675 -45.85 28.85 12.38
N LEU A 676 -45.79 29.43 11.19
CA LEU A 676 -44.96 28.93 10.11
C LEU A 676 -43.46 29.06 10.39
N LYS A 677 -43.06 30.18 10.99
CA LYS A 677 -41.67 30.40 11.42
C LYS A 677 -41.20 29.33 12.42
N GLN A 678 -42.09 28.94 13.33
CA GLN A 678 -41.78 27.91 14.32
C GLN A 678 -41.61 26.53 13.68
N LEU A 679 -42.36 26.27 12.61
CA LEU A 679 -42.41 24.96 11.98
C LEU A 679 -41.22 24.76 11.05
N TYR A 680 -40.78 25.85 10.43
CA TYR A 680 -39.71 25.79 9.45
C TYR A 680 -38.43 26.48 9.94
N LYS A 681 -38.12 26.30 11.22
CA LYS A 681 -36.80 26.60 11.73
C LYS A 681 -35.82 25.68 11.02
N THR A 682 -34.66 26.21 10.67
CA THR A 682 -33.61 25.37 10.11
C THR A 682 -32.85 24.71 11.26
N VAL A 683 -32.04 23.73 10.94
CA VAL A 683 -31.21 23.04 11.93
C VAL A 683 -30.28 24.02 12.69
N TRP A 684 -29.91 25.12 12.06
CA TRP A 684 -29.08 26.15 12.70
C TRP A 684 -29.86 26.96 13.74
N GLU A 685 -31.19 26.96 13.60
CA GLU A 685 -32.04 27.69 14.52
C GLU A 685 -32.60 26.79 15.61
N ILE A 686 -32.41 25.48 15.46
CA ILE A 686 -32.88 24.51 16.44
C ILE A 686 -31.78 24.26 17.46
N SER A 687 -32.16 24.26 18.74
CA SER A 687 -31.24 23.97 19.83
C SER A 687 -30.58 22.61 19.62
N GLN A 688 -29.24 22.61 19.65
CA GLN A 688 -28.47 21.38 19.44
C GLN A 688 -28.51 20.43 20.63
N LYS A 689 -28.72 20.96 21.83
CA LYS A 689 -28.96 20.15 23.02
C LYS A 689 -30.28 19.42 22.94
N THR A 690 -31.27 20.07 22.35
CA THR A 690 -32.58 19.46 22.10
C THR A 690 -32.44 18.28 21.12
N VAL A 691 -31.67 18.50 20.06
CA VAL A 691 -31.34 17.46 19.08
C VAL A 691 -30.65 16.28 19.78
N LEU A 692 -29.70 16.57 20.66
CA LEU A 692 -28.99 15.55 21.42
C LEU A 692 -29.91 14.78 22.36
N LYS A 693 -30.84 15.50 22.98
CA LYS A 693 -31.76 14.93 23.96
C LYS A 693 -32.81 14.05 23.25
N MET A 694 -33.28 14.51 22.11
CA MET A 694 -34.19 13.72 21.30
C MET A 694 -33.52 12.46 20.75
N ALA A 695 -32.23 12.58 20.41
CA ALA A 695 -31.40 11.42 20.05
C ALA A 695 -31.28 10.44 21.21
N ALA A 696 -31.06 10.95 22.41
CA ALA A 696 -30.97 10.13 23.61
C ALA A 696 -32.27 9.38 23.90
N GLU A 697 -33.41 10.06 23.69
CA GLU A 697 -34.71 9.50 24.04
C GLU A 697 -35.18 8.38 23.09
N ARG A 698 -34.98 8.60 21.79
CA ARG A 698 -35.21 7.55 20.79
C ARG A 698 -34.14 6.49 20.86
N GLY A 699 -32.98 6.86 21.40
CA GLY A 699 -31.80 5.98 21.48
C GLY A 699 -31.98 4.81 22.41
N ALA A 700 -32.88 4.96 23.39
CA ALA A 700 -33.22 3.88 24.34
C ALA A 700 -33.96 2.75 23.63
N PHE A 701 -34.41 3.01 22.40
CA PHE A 701 -35.15 2.03 21.60
C PHE A 701 -34.37 1.75 20.34
N ILE A 702 -33.13 2.25 20.33
CA ILE A 702 -32.20 1.96 19.23
C ILE A 702 -31.13 0.98 19.67
N ASP A 703 -31.11 -0.13 18.95
CA ASP A 703 -30.27 -1.29 19.20
C ASP A 703 -28.80 -1.02 19.02
N GLN A 704 -28.48 -0.28 17.96
CA GLN A 704 -27.11 0.07 17.66
C GLN A 704 -26.95 1.55 18.01
N SER A 705 -26.54 2.38 17.05
CA SER A 705 -26.43 3.82 17.27
C SER A 705 -27.15 4.57 16.14
N GLN A 706 -26.88 5.87 16.01
CA GLN A 706 -27.49 6.70 14.97
C GLN A 706 -26.51 7.73 14.46
N SER A 707 -26.55 7.96 13.15
CA SER A 707 -25.66 8.92 12.49
C SER A 707 -26.11 10.33 12.84
N LEU A 708 -25.39 10.98 13.75
CA LEU A 708 -25.87 12.21 14.35
C LEU A 708 -24.93 13.38 14.06
N ASN A 709 -25.35 14.29 13.19
CA ASN A 709 -24.58 15.49 12.90
C ASN A 709 -24.91 16.59 13.86
N ILE A 710 -23.89 17.37 14.23
CA ILE A 710 -24.05 18.60 15.01
C ILE A 710 -23.84 19.84 14.14
N HIS A 711 -24.73 20.82 14.31
CA HIS A 711 -24.75 22.01 13.49
C HIS A 711 -24.63 23.25 14.35
N ILE A 712 -23.47 23.88 14.35
CA ILE A 712 -23.26 25.12 15.11
C ILE A 712 -22.78 26.22 14.17
N ALA A 713 -23.61 27.24 13.99
CA ALA A 713 -23.37 28.30 13.01
C ALA A 713 -22.13 29.12 13.34
N GLU A 714 -22.14 29.78 14.49
CA GLU A 714 -20.99 30.57 14.97
C GLU A 714 -20.31 29.84 16.13
N PRO A 715 -19.32 28.97 15.80
CA PRO A 715 -18.78 27.99 16.73
C PRO A 715 -17.61 28.51 17.55
N ASN A 716 -17.83 28.70 18.84
CA ASN A 716 -16.72 28.93 19.73
C ASN A 716 -16.38 27.57 20.35
N TYR A 717 -15.19 27.43 20.91
CA TYR A 717 -14.76 26.13 21.45
C TYR A 717 -15.58 25.71 22.67
N GLY A 718 -16.03 26.70 23.44
CA GLY A 718 -16.89 26.46 24.60
C GLY A 718 -18.24 25.86 24.25
N LYS A 719 -18.84 26.34 23.15
CA LYS A 719 -20.13 25.85 22.71
C LYS A 719 -20.05 24.38 22.28
N LEU A 720 -18.98 24.04 21.56
CA LEU A 720 -18.74 22.69 21.09
C LEU A 720 -18.44 21.72 22.23
N THR A 721 -17.63 22.18 23.17
CA THR A 721 -17.24 21.44 24.35
C THR A 721 -18.46 21.07 25.18
N SER A 722 -19.38 22.01 25.33
CA SER A 722 -20.58 21.76 26.10
C SER A 722 -21.57 20.87 25.35
N MET A 723 -21.48 20.82 24.02
CA MET A 723 -22.30 19.89 23.23
C MET A 723 -21.79 18.43 23.29
N HIS A 724 -20.48 18.23 23.17
CA HIS A 724 -19.88 16.90 23.39
C HIS A 724 -20.20 16.35 24.78
N PHE A 725 -19.98 17.16 25.81
CA PHE A 725 -20.23 16.73 27.19
C PHE A 725 -21.71 16.49 27.52
N TYR A 726 -22.60 17.29 26.94
CA TYR A 726 -24.03 17.05 27.12
C TYR A 726 -24.46 15.72 26.48
N GLY A 727 -24.03 15.51 25.23
CA GLY A 727 -24.32 14.26 24.51
C GLY A 727 -23.74 13.03 25.18
N TRP A 728 -22.51 13.18 25.69
CA TRP A 728 -21.85 12.13 26.46
C TRP A 728 -22.67 11.76 27.71
N LYS A 729 -23.01 12.76 28.51
CA LYS A 729 -23.77 12.57 29.73
C LYS A 729 -25.19 12.05 29.49
N GLN A 730 -25.76 12.35 28.33
CA GLN A 730 -27.07 11.81 27.93
C GLN A 730 -27.08 10.30 27.64
N GLY A 731 -25.89 9.71 27.52
CA GLY A 731 -25.74 8.27 27.33
C GLY A 731 -25.61 7.86 25.88
N LEU A 732 -25.37 8.84 25.03
CA LEU A 732 -25.27 8.64 23.58
C LEU A 732 -24.06 7.80 23.20
N LYS A 733 -24.30 6.82 22.33
CA LYS A 733 -23.24 5.97 21.77
C LYS A 733 -22.39 6.73 20.75
N THR A 734 -23.05 7.42 19.83
CA THR A 734 -22.41 8.36 18.92
C THR A 734 -22.73 9.78 19.38
N GLY A 735 -21.74 10.46 19.94
CA GLY A 735 -21.91 11.85 20.35
C GLY A 735 -21.96 12.79 19.17
N MET A 736 -21.22 12.46 18.12
CA MET A 736 -21.18 13.26 16.91
C MET A 736 -20.65 12.48 15.72
N TYR A 737 -21.41 12.54 14.62
CA TYR A 737 -20.91 12.16 13.29
C TYR A 737 -20.07 13.33 12.76
N TYR A 738 -20.67 14.24 11.98
CA TYR A 738 -19.97 15.44 11.48
C TYR A 738 -20.37 16.71 12.23
N LEU A 739 -19.41 17.59 12.46
CA LEU A 739 -19.69 18.95 12.89
C LEU A 739 -19.84 19.80 11.63
N ARG A 740 -20.97 20.51 11.51
CA ARG A 740 -21.11 21.50 10.45
C ARG A 740 -21.11 22.89 11.06
N THR A 741 -20.38 23.79 10.40
CA THR A 741 -20.13 25.14 10.91
C THR A 741 -20.63 26.22 9.93
N ARG A 742 -20.87 25.82 8.68
CA ARG A 742 -21.53 26.67 7.69
C ARG A 742 -21.70 25.99 6.33
N MET B 1 51.58 20.99 27.90
CA MET B 1 50.41 20.22 27.40
C MET B 1 50.43 18.77 27.85
N HIS B 2 49.25 18.26 28.21
CA HIS B 2 49.11 16.92 28.75
C HIS B 2 48.02 16.13 28.04
N VAL B 3 48.32 14.86 27.74
CA VAL B 3 47.28 13.92 27.32
C VAL B 3 46.80 13.17 28.55
N ILE B 4 45.53 12.74 28.50
CA ILE B 4 45.00 11.84 29.52
C ILE B 4 45.06 10.44 28.94
N LYS B 5 45.94 9.61 29.51
CA LYS B 5 46.10 8.22 29.08
C LYS B 5 44.87 7.37 29.43
N ARG B 6 44.75 6.20 28.82
CA ARG B 6 43.62 5.30 29.08
C ARG B 6 43.44 5.00 30.58
N ASP B 7 44.56 4.82 31.28
CA ASP B 7 44.55 4.57 32.72
C ASP B 7 44.19 5.83 33.53
N GLY B 8 43.78 6.88 32.81
CA GLY B 8 43.44 8.16 33.41
C GLY B 8 44.62 9.01 33.88
N ARG B 9 45.84 8.52 33.66
CA ARG B 9 47.05 9.25 34.08
C ARG B 9 47.47 10.33 33.07
N GLN B 10 48.04 11.40 33.61
CA GLN B 10 48.43 12.57 32.84
C GLN B 10 49.84 12.41 32.30
N GLU B 11 49.98 12.59 30.98
CA GLU B 11 51.27 12.45 30.29
C GLU B 11 51.60 13.69 29.45
N ARG B 12 52.86 14.11 29.50
CA ARG B 12 53.37 15.23 28.70
C ARG B 12 53.26 14.92 27.21
N VAL B 13 52.71 15.84 26.43
CA VAL B 13 52.65 15.69 24.97
C VAL B 13 54.07 15.87 24.39
N MET B 14 54.60 14.82 23.77
CA MET B 14 55.96 14.81 23.23
C MET B 14 56.00 14.41 21.78
N PHE B 15 56.66 15.26 20.97
CA PHE B 15 56.81 15.04 19.53
C PHE B 15 57.36 13.66 19.21
N ASP B 16 58.46 13.30 19.89
CA ASP B 16 59.17 12.06 19.65
C ASP B 16 58.34 10.80 19.93
N LYS B 17 57.56 10.82 21.00
CA LYS B 17 56.77 9.63 21.39
C LYS B 17 55.58 9.43 20.47
N ILE B 18 54.89 10.51 20.14
CA ILE B 18 53.77 10.44 19.18
C ILE B 18 54.27 9.93 17.84
N THR B 19 55.35 10.55 17.33
CA THR B 19 56.03 10.11 16.11
C THR B 19 56.43 8.64 16.21
N SER B 20 56.99 8.29 17.37
CA SER B 20 57.43 6.93 17.68
C SER B 20 56.32 5.90 17.53
N ARG B 21 55.15 6.18 18.09
CA ARG B 21 54.01 5.26 17.99
C ARG B 21 53.57 5.07 16.55
N ILE B 22 53.57 6.16 15.78
CA ILE B 22 53.19 6.12 14.37
C ILE B 22 54.20 5.29 13.59
N GLN B 23 55.48 5.47 13.92
CA GLN B 23 56.58 4.73 13.29
C GLN B 23 56.42 3.20 13.35
N LYS B 24 56.01 2.70 14.51
CA LYS B 24 55.88 1.27 14.75
C LYS B 24 54.81 0.60 13.87
N LEU B 25 53.94 1.43 13.28
CA LEU B 25 52.85 0.94 12.40
C LEU B 25 53.17 1.12 10.91
N CYS B 26 54.44 1.38 10.60
CA CYS B 26 54.86 1.69 9.23
C CYS B 26 55.49 0.51 8.46
N TYR B 27 55.45 -0.70 9.04
CA TYR B 27 56.00 -1.90 8.41
C TYR B 27 55.43 -2.15 7.02
N GLY B 28 56.31 -2.21 6.02
CA GLY B 28 55.91 -2.47 4.65
C GLY B 28 55.44 -1.25 3.88
N LEU B 29 55.55 -0.07 4.50
CA LEU B 29 55.08 1.16 3.86
C LEU B 29 56.23 1.94 3.22
N ASN B 30 55.91 2.71 2.18
CA ASN B 30 56.89 3.46 1.42
C ASN B 30 57.40 4.67 2.20
N MET B 31 58.54 4.50 2.86
CA MET B 31 59.08 5.53 3.76
C MET B 31 59.79 6.68 3.02
N ASP B 32 59.96 6.52 1.71
CA ASP B 32 60.43 7.61 0.85
C ASP B 32 59.39 8.73 0.77
N PHE B 33 58.13 8.38 0.99
CA PHE B 33 57.03 9.35 0.91
C PHE B 33 56.19 9.48 2.18
N VAL B 34 56.01 8.37 2.89
CA VAL B 34 55.35 8.36 4.21
C VAL B 34 56.33 8.79 5.31
N ASP B 35 55.97 9.89 5.99
CA ASP B 35 56.79 10.45 7.06
C ASP B 35 55.92 10.57 8.34
N PRO B 36 56.16 9.70 9.33
CA PRO B 36 55.46 9.76 10.63
C PRO B 36 55.44 11.16 11.27
N ALA B 37 56.59 11.83 11.28
CA ALA B 37 56.71 13.18 11.86
C ALA B 37 55.81 14.23 11.19
N GLN B 38 55.40 13.98 9.96
CA GLN B 38 54.44 14.84 9.23
C GLN B 38 53.08 14.89 9.89
N ILE B 39 52.62 13.74 10.37
CA ILE B 39 51.34 13.59 11.07
C ILE B 39 51.43 14.26 12.44
N THR B 40 52.46 13.90 13.22
CA THR B 40 52.71 14.45 14.54
C THR B 40 52.67 15.98 14.51
N MET B 41 53.18 16.55 13.41
CA MET B 41 53.28 17.98 13.20
C MET B 41 51.92 18.68 13.12
N LYS B 42 51.03 18.09 12.33
CA LYS B 42 49.68 18.62 12.15
C LYS B 42 48.78 18.34 13.37
N VAL B 43 49.01 17.23 14.05
CA VAL B 43 48.25 16.85 15.26
C VAL B 43 48.54 17.82 16.42
N ILE B 44 49.82 18.03 16.71
CA ILE B 44 50.24 18.92 17.80
C ILE B 44 49.76 20.36 17.61
N GLN B 45 49.57 20.77 16.34
CA GLN B 45 49.09 22.12 16.01
C GLN B 45 47.79 22.46 16.73
N GLY B 46 46.70 21.82 16.30
CA GLY B 46 45.39 21.99 16.93
C GLY B 46 45.18 20.91 17.97
N LEU B 47 45.70 21.16 19.17
CA LEU B 47 45.73 20.19 20.25
C LEU B 47 45.74 20.93 21.58
N TYR B 48 44.70 20.75 22.39
CA TYR B 48 44.61 21.40 23.71
C TYR B 48 44.75 20.38 24.84
N SER B 49 45.40 20.76 25.93
CA SER B 49 45.62 19.84 27.04
C SER B 49 44.31 19.52 27.79
N GLY B 50 44.05 18.21 27.95
CA GLY B 50 42.78 17.70 28.47
C GLY B 50 42.24 16.67 27.50
N VAL B 51 42.92 16.57 26.36
CA VAL B 51 42.63 15.59 25.32
C VAL B 51 43.00 14.20 25.83
N THR B 52 42.21 13.20 25.48
CA THR B 52 42.53 11.82 25.82
C THR B 52 43.34 11.18 24.70
N THR B 53 44.08 10.11 25.01
CA THR B 53 44.83 9.39 23.98
C THR B 53 43.92 8.80 22.90
N VAL B 54 42.71 8.41 23.26
CA VAL B 54 41.74 7.94 22.26
C VAL B 54 41.37 9.08 21.29
N GLU B 55 41.22 10.29 21.82
CA GLU B 55 40.99 11.47 20.99
C GLU B 55 42.22 11.78 20.13
N LEU B 56 43.40 11.74 20.76
CA LEU B 56 44.69 11.93 20.08
C LEU B 56 44.83 10.95 18.91
N ASP B 57 44.57 9.68 19.17
CA ASP B 57 44.66 8.62 18.14
C ASP B 57 43.71 8.90 16.99
N THR B 58 42.48 9.30 17.33
CA THR B 58 41.44 9.61 16.34
C THR B 58 41.88 10.76 15.45
N LEU B 59 42.43 11.80 16.07
CA LEU B 59 42.98 12.95 15.37
C LEU B 59 44.11 12.53 14.44
N ALA B 60 45.05 11.73 14.96
CA ALA B 60 46.18 11.25 14.18
C ALA B 60 45.77 10.39 12.99
N ALA B 61 44.76 9.53 13.19
CA ALA B 61 44.20 8.73 12.10
C ALA B 61 43.53 9.62 11.03
N GLU B 62 42.75 10.61 11.47
CA GLU B 62 42.08 11.52 10.57
C GLU B 62 43.07 12.42 9.81
N THR B 63 44.20 12.73 10.45
CA THR B 63 45.26 13.52 9.84
C THR B 63 46.04 12.73 8.80
N ALA B 64 46.46 11.51 9.17
CA ALA B 64 47.09 10.58 8.23
C ALA B 64 46.29 10.40 6.95
N ALA B 65 44.96 10.41 7.07
CA ALA B 65 44.05 10.18 5.94
C ALA B 65 43.87 11.40 5.02
N THR B 66 44.15 12.60 5.53
CA THR B 66 44.15 13.76 4.63
C THR B 66 45.45 13.83 3.83
N LEU B 67 46.45 13.06 4.28
CA LEU B 67 47.74 12.98 3.59
C LEU B 67 47.77 11.84 2.55
N THR B 68 46.61 11.23 2.31
CA THR B 68 46.43 10.24 1.23
C THR B 68 46.77 10.85 -0.12
N THR B 69 46.50 12.14 -0.26
CA THR B 69 46.80 12.86 -1.49
C THR B 69 48.30 13.17 -1.65
N LYS B 70 49.11 12.80 -0.66
CA LYS B 70 50.57 12.89 -0.78
C LYS B 70 51.17 11.52 -1.15
N HIS B 71 50.62 10.46 -0.56
CA HIS B 71 50.94 9.09 -0.93
C HIS B 71 49.85 8.18 -0.38
N PRO B 72 49.40 7.18 -1.18
CA PRO B 72 48.30 6.31 -0.74
C PRO B 72 48.59 5.47 0.51
N ASP B 73 49.86 5.23 0.82
CA ASP B 73 50.24 4.44 2.00
C ASP B 73 49.84 5.13 3.31
N TYR B 74 49.71 6.47 3.25
CA TYR B 74 49.13 7.26 4.34
C TYR B 74 47.71 6.83 4.74
N ALA B 75 46.90 6.39 3.77
CA ALA B 75 45.55 5.92 4.06
C ALA B 75 45.59 4.59 4.82
N ILE B 76 46.54 3.74 4.46
CA ILE B 76 46.78 2.47 5.16
C ILE B 76 47.23 2.77 6.59
N LEU B 77 48.22 3.66 6.73
CA LEU B 77 48.71 4.08 8.05
C LEU B 77 47.59 4.64 8.94
N ALA B 78 46.72 5.48 8.37
CA ALA B 78 45.55 5.99 9.09
C ALA B 78 44.68 4.86 9.67
N ALA B 79 44.43 3.81 8.87
CA ALA B 79 43.67 2.64 9.34
C ALA B 79 44.43 1.90 10.42
N ARG B 80 45.74 1.72 10.21
CA ARG B 80 46.65 1.13 11.21
C ARG B 80 46.56 1.83 12.58
N ILE B 81 46.53 3.17 12.58
CA ILE B 81 46.34 3.95 13.82
C ILE B 81 44.96 3.72 14.46
N ALA B 82 43.91 3.79 13.63
CA ALA B 82 42.54 3.53 14.09
C ALA B 82 42.39 2.13 14.70
N VAL B 83 42.91 1.12 14.00
CA VAL B 83 42.82 -0.28 14.44
C VAL B 83 43.62 -0.51 15.72
N SER B 84 44.80 0.10 15.79
CA SER B 84 45.63 0.09 16.98
C SER B 84 44.78 0.54 18.16
N ASN B 85 44.03 1.62 17.98
CA ASN B 85 43.12 2.12 19.01
C ASN B 85 41.98 1.15 19.27
N LEU B 86 41.40 0.61 18.20
CA LEU B 86 40.33 -0.38 18.33
C LEU B 86 40.75 -1.61 19.11
N HIS B 87 41.97 -2.09 18.88
CA HIS B 87 42.50 -3.22 19.66
C HIS B 87 42.61 -2.91 21.16
N LYS B 88 43.03 -1.70 21.50
CA LYS B 88 43.13 -1.27 22.89
C LYS B 88 41.75 -1.15 23.53
N GLU B 89 40.72 -0.95 22.70
CA GLU B 89 39.35 -0.77 23.19
C GLU B 89 38.49 -2.05 23.06
N THR B 90 39.13 -3.17 22.73
CA THR B 90 38.42 -4.42 22.46
C THR B 90 39.01 -5.59 23.24
N LYS B 91 38.20 -6.64 23.46
CA LYS B 91 38.73 -7.89 24.02
C LYS B 91 39.51 -8.67 22.95
N LYS B 92 40.57 -9.35 23.39
CA LYS B 92 41.47 -10.04 22.45
C LYS B 92 41.01 -11.42 21.98
N VAL B 93 40.29 -12.16 22.82
CA VAL B 93 39.89 -13.53 22.45
C VAL B 93 38.49 -13.61 21.81
N PHE B 94 38.43 -14.29 20.67
CA PHE B 94 37.21 -14.43 19.87
C PHE B 94 36.02 -15.00 20.62
N SER B 95 36.21 -16.15 21.28
CA SER B 95 35.12 -16.82 21.99
C SER B 95 34.56 -15.94 23.12
N ASP B 96 35.41 -15.09 23.70
CA ASP B 96 35.02 -14.12 24.72
C ASP B 96 34.00 -13.12 24.21
N VAL B 97 34.29 -12.51 23.07
CA VAL B 97 33.39 -11.56 22.41
C VAL B 97 32.05 -12.23 22.06
N MET B 98 32.11 -13.45 21.51
CA MET B 98 30.91 -14.21 21.19
C MET B 98 30.02 -14.45 22.41
N GLU B 99 30.62 -14.60 23.58
CA GLU B 99 29.86 -14.75 24.82
C GLU B 99 29.21 -13.42 25.23
N ASP B 100 29.99 -12.34 25.17
CA ASP B 100 29.52 -10.97 25.43
C ASP B 100 28.37 -10.59 24.50
N LEU B 101 28.48 -10.94 23.22
CA LEU B 101 27.42 -10.68 22.25
C LEU B 101 26.16 -11.49 22.57
N TYR B 102 26.34 -12.78 22.90
CA TYR B 102 25.21 -13.62 23.26
C TYR B 102 24.54 -13.22 24.57
N ASN B 103 25.34 -12.82 25.56
CA ASN B 103 24.81 -12.51 26.89
C ASN B 103 24.20 -11.12 27.01
N TYR B 104 24.14 -10.39 25.89
CA TYR B 104 23.66 -9.01 25.87
C TYR B 104 22.22 -8.85 26.37
N ILE B 105 22.05 -7.89 27.28
CA ILE B 105 20.76 -7.52 27.85
C ILE B 105 20.48 -6.05 27.50
N ASN B 106 19.40 -5.80 26.76
CA ASN B 106 18.99 -4.44 26.40
C ASN B 106 18.71 -3.63 27.67
N PRO B 107 19.32 -2.44 27.78
CA PRO B 107 19.30 -1.68 29.04
C PRO B 107 17.94 -1.05 29.40
N HIS B 108 17.26 -0.50 28.39
CA HIS B 108 15.95 0.13 28.59
C HIS B 108 14.77 -0.83 28.40
N ASN B 109 15.06 -2.11 28.17
CA ASN B 109 14.04 -3.16 28.06
C ASN B 109 14.22 -4.22 29.14
N GLY B 110 15.48 -4.43 29.56
CA GLY B 110 15.83 -5.44 30.56
C GLY B 110 15.86 -6.86 30.01
N LYS B 111 15.54 -7.00 28.73
CA LYS B 111 15.36 -8.30 28.08
C LYS B 111 16.67 -8.86 27.52
N HIS B 112 16.88 -10.17 27.73
CA HIS B 112 17.99 -10.90 27.14
C HIS B 112 17.83 -10.93 25.64
N SER B 113 18.73 -10.23 24.94
CA SER B 113 18.64 -10.07 23.50
C SER B 113 19.94 -10.49 22.80
N PRO B 114 20.18 -11.83 22.72
CA PRO B 114 21.44 -12.33 22.16
C PRO B 114 21.70 -11.72 20.79
N MET B 115 22.95 -11.32 20.56
CA MET B 115 23.36 -10.73 19.29
C MET B 115 23.96 -11.80 18.35
N VAL B 116 24.23 -12.98 18.90
CA VAL B 116 24.60 -14.15 18.11
C VAL B 116 23.69 -15.33 18.49
N ALA B 117 23.54 -16.30 17.59
CA ALA B 117 22.72 -17.48 17.83
C ALA B 117 23.34 -18.41 18.87
N LYS B 118 22.52 -19.09 19.67
CA LYS B 118 23.03 -20.04 20.68
C LYS B 118 23.83 -21.18 20.04
N SER B 119 23.34 -21.69 18.92
CA SER B 119 23.99 -22.82 18.23
C SER B 119 25.36 -22.46 17.66
N THR B 120 25.56 -21.18 17.34
CA THR B 120 26.88 -20.67 16.93
C THR B 120 27.81 -20.60 18.15
N LEU B 121 27.35 -19.96 19.21
CA LEU B 121 28.08 -19.90 20.47
C LEU B 121 28.52 -21.31 20.90
N ASP B 122 27.59 -22.26 20.86
CA ASP B 122 27.84 -23.64 21.27
C ASP B 122 28.99 -24.27 20.48
N ILE B 123 28.94 -24.14 19.15
CA ILE B 123 30.01 -24.61 18.27
C ILE B 123 31.33 -23.91 18.60
N VAL B 124 31.27 -22.59 18.80
CA VAL B 124 32.45 -21.81 19.15
C VAL B 124 33.08 -22.29 20.46
N LEU B 125 32.26 -22.43 21.51
CA LEU B 125 32.72 -22.88 22.83
C LEU B 125 33.26 -24.32 22.83
N ALA B 126 32.66 -25.20 22.02
CA ALA B 126 33.14 -26.56 21.86
C ALA B 126 34.50 -26.63 21.18
N ASN B 127 34.83 -25.58 20.43
CA ASN B 127 36.07 -25.52 19.64
C ASN B 127 36.87 -24.23 19.90
N LYS B 128 36.77 -23.73 21.14
CA LYS B 128 37.48 -22.54 21.63
C LYS B 128 38.91 -22.44 21.13
N ASP B 129 39.71 -23.44 21.52
CA ASP B 129 41.17 -23.41 21.38
C ASP B 129 41.63 -23.25 19.93
N ARG B 130 41.18 -24.16 19.08
CA ARG B 130 41.48 -24.14 17.64
C ARG B 130 41.03 -22.82 16.99
N LEU B 131 39.82 -22.38 17.32
CA LEU B 131 39.21 -21.18 16.72
C LEU B 131 39.88 -19.86 17.15
N ASN B 132 40.16 -19.74 18.46
CA ASN B 132 40.76 -18.54 19.02
C ASN B 132 42.17 -18.30 18.53
N SER B 133 42.90 -19.37 18.31
CA SER B 133 44.31 -19.27 17.94
C SER B 133 44.54 -19.30 16.43
N ALA B 134 43.48 -19.59 15.66
CA ALA B 134 43.52 -19.54 14.20
C ALA B 134 43.50 -18.11 13.71
N ILE B 135 43.03 -17.21 14.56
CA ILE B 135 42.84 -15.80 14.20
C ILE B 135 44.15 -15.01 14.17
N ILE B 136 44.39 -14.31 13.07
CA ILE B 136 45.58 -13.48 12.92
C ILE B 136 45.21 -11.99 12.99
N TYR B 137 45.47 -11.38 14.14
CA TYR B 137 45.05 -10.00 14.40
C TYR B 137 45.84 -8.96 13.62
N ASP B 138 47.00 -9.34 13.11
CA ASP B 138 47.79 -8.47 12.24
C ASP B 138 47.07 -8.23 10.91
N ARG B 139 46.07 -9.05 10.63
CA ARG B 139 45.27 -8.89 9.41
C ARG B 139 44.31 -7.70 9.52
N ASP B 140 44.00 -7.28 10.75
CA ASP B 140 43.22 -6.07 11.00
C ASP B 140 43.90 -4.82 10.44
N PHE B 141 45.22 -4.89 10.30
CA PHE B 141 46.02 -3.76 9.85
C PHE B 141 46.18 -3.70 8.33
N SER B 142 45.47 -4.58 7.61
CA SER B 142 45.60 -4.66 6.17
C SER B 142 44.70 -3.69 5.39
N TYR B 143 43.72 -3.12 6.09
CA TYR B 143 42.78 -2.15 5.50
C TYR B 143 43.34 -0.73 5.32
N ASN B 144 42.67 0.06 4.50
CA ASN B 144 42.87 1.51 4.45
C ASN B 144 41.78 2.21 5.30
N TYR B 145 41.98 3.49 5.59
CA TYR B 145 41.08 4.25 6.48
C TYR B 145 39.60 4.13 6.11
N PHE B 146 39.28 4.33 4.84
CA PHE B 146 37.91 4.40 4.36
C PHE B 146 37.22 3.05 4.36
N GLY B 147 38.00 1.98 4.14
CA GLY B 147 37.49 0.63 4.32
C GLY B 147 37.17 0.35 5.78
N PHE B 148 38.07 0.78 6.67
CA PHE B 148 37.90 0.55 8.10
C PHE B 148 36.65 1.26 8.61
N LYS B 149 36.47 2.50 8.18
CA LYS B 149 35.33 3.31 8.63
C LYS B 149 33.99 2.72 8.19
N THR B 150 33.93 2.16 6.97
CA THR B 150 32.75 1.44 6.50
C THR B 150 32.44 0.22 7.40
N LEU B 151 33.47 -0.56 7.71
CA LEU B 151 33.35 -1.68 8.65
C LEU B 151 32.87 -1.22 10.01
N GLU B 152 33.46 -0.13 10.50
CA GLU B 152 33.19 0.37 11.84
C GLU B 152 31.76 0.89 12.01
N ARG B 153 31.25 1.59 10.99
CA ARG B 153 29.90 2.12 11.04
C ARG B 153 28.81 1.02 11.06
N SER B 154 28.99 -0.04 10.28
CA SER B 154 27.89 -1.00 10.08
C SER B 154 28.15 -2.47 10.38
N TYR B 155 29.42 -2.89 10.32
CA TYR B 155 29.74 -4.32 10.23
C TYR B 155 30.31 -4.97 11.50
N LEU B 156 30.80 -4.14 12.42
CA LEU B 156 31.32 -4.69 13.67
C LEU B 156 30.25 -4.55 14.75
N LEU B 157 29.80 -5.69 15.27
CA LEU B 157 28.71 -5.70 16.24
C LEU B 157 29.06 -4.87 17.46
N LYS B 158 28.14 -3.97 17.83
CA LYS B 158 28.36 -3.04 18.92
C LYS B 158 27.59 -3.46 20.16
N ILE B 159 28.25 -3.37 21.31
CA ILE B 159 27.60 -3.49 22.61
C ILE B 159 27.35 -2.06 23.11
N ASN B 160 26.07 -1.72 23.32
CA ASN B 160 25.67 -0.37 23.78
C ASN B 160 26.40 0.79 23.11
N GLY B 161 26.41 0.81 21.79
CA GLY B 161 27.05 1.89 21.03
C GLY B 161 28.57 1.83 20.97
N LYS B 162 29.16 0.84 21.65
CA LYS B 162 30.60 0.62 21.62
C LYS B 162 30.96 -0.65 20.85
N VAL B 163 31.86 -0.51 19.87
CA VAL B 163 32.30 -1.64 19.04
C VAL B 163 32.96 -2.74 19.89
N ALA B 164 32.42 -3.95 19.78
CA ALA B 164 32.92 -5.08 20.53
C ALA B 164 33.72 -6.06 19.65
N GLU B 165 33.43 -6.06 18.35
CA GLU B 165 34.09 -6.97 17.43
C GLU B 165 35.24 -6.33 16.69
N ARG B 166 36.40 -6.98 16.76
CA ARG B 166 37.48 -6.71 15.83
C ARG B 166 37.07 -7.27 14.45
N PRO B 167 37.58 -6.66 13.35
CA PRO B 167 37.35 -7.21 12.02
C PRO B 167 37.56 -8.72 11.94
N GLN B 168 38.59 -9.24 12.62
CA GLN B 168 38.87 -10.68 12.62
C GLN B 168 37.78 -11.50 13.33
N HIS B 169 37.20 -10.92 14.38
CA HIS B 169 36.09 -11.54 15.11
C HIS B 169 34.85 -11.70 14.24
N MET B 170 34.54 -10.64 13.50
CA MET B 170 33.44 -10.62 12.56
C MET B 170 33.62 -11.71 11.49
N LEU B 171 34.84 -11.86 11.01
CA LEU B 171 35.15 -12.78 9.92
C LEU B 171 35.05 -14.23 10.39
N MET B 172 35.51 -14.49 11.60
CA MET B 172 35.40 -15.83 12.16
C MET B 172 33.93 -16.15 12.47
N ARG B 173 33.18 -15.14 12.91
CA ARG B 173 31.74 -15.30 13.15
C ARG B 173 31.03 -15.75 11.88
N VAL B 174 31.26 -15.00 10.79
CA VAL B 174 30.73 -15.36 9.49
C VAL B 174 31.09 -16.81 9.13
N SER B 175 32.38 -17.14 9.28
CA SER B 175 32.92 -18.48 8.93
C SER B 175 32.26 -19.63 9.69
N VAL B 176 32.10 -19.47 11.00
CA VAL B 176 31.41 -20.46 11.82
C VAL B 176 29.92 -20.43 11.48
N GLY B 177 29.39 -19.23 11.21
CA GLY B 177 28.00 -19.05 10.79
C GLY B 177 27.64 -19.82 9.54
N ILE B 178 28.61 -19.96 8.64
CA ILE B 178 28.44 -20.70 7.39
C ILE B 178 28.70 -22.21 7.53
N HIS B 179 29.76 -22.56 8.26
CA HIS B 179 30.27 -23.94 8.28
C HIS B 179 29.95 -24.80 9.53
N LYS B 180 29.45 -24.13 10.57
CA LYS B 180 29.21 -24.77 11.85
C LYS B 180 30.24 -25.85 12.19
N GLU B 181 29.81 -27.09 12.39
CA GLU B 181 30.73 -28.06 12.99
C GLU B 181 31.97 -28.36 12.14
N ASP B 182 31.93 -28.01 10.86
CA ASP B 182 33.09 -28.21 9.99
C ASP B 182 34.14 -27.14 10.20
N ILE B 183 34.86 -27.28 11.30
CA ILE B 183 35.90 -26.34 11.75
C ILE B 183 37.05 -26.21 10.75
N ASP B 184 37.36 -27.30 10.04
CA ASP B 184 38.34 -27.29 8.95
C ASP B 184 37.90 -26.28 7.87
N ALA B 185 36.66 -26.41 7.42
CA ALA B 185 36.11 -25.52 6.40
C ALA B 185 35.96 -24.07 6.89
N ALA B 186 35.57 -23.89 8.15
CA ALA B 186 35.46 -22.55 8.75
C ALA B 186 36.79 -21.80 8.75
N ILE B 187 37.87 -22.53 9.08
CA ILE B 187 39.19 -21.93 9.15
C ILE B 187 39.73 -21.61 7.74
N GLU B 188 39.39 -22.46 6.78
CA GLU B 188 39.75 -22.22 5.38
C GLU B 188 39.06 -20.96 4.86
N THR B 189 37.77 -20.83 5.15
CA THR B 189 37.02 -19.61 4.82
C THR B 189 37.52 -18.38 5.57
N TYR B 190 37.81 -18.51 6.87
CA TYR B 190 38.32 -17.36 7.63
C TYR B 190 39.64 -16.83 7.04
N ASN B 191 40.54 -17.75 6.68
CA ASN B 191 41.83 -17.39 6.08
C ASN B 191 41.68 -16.67 4.74
N LEU B 192 40.76 -17.16 3.93
CA LEU B 192 40.49 -16.59 2.63
C LEU B 192 39.86 -15.20 2.75
N LEU B 193 38.95 -15.04 3.71
CA LEU B 193 38.29 -13.75 3.93
C LEU B 193 39.24 -12.69 4.51
N SER B 194 40.02 -13.10 5.52
CA SER B 194 40.90 -12.20 6.24
C SER B 194 42.13 -11.82 5.43
N GLU B 195 42.50 -12.67 4.47
CA GLU B 195 43.57 -12.34 3.53
C GLU B 195 43.04 -11.65 2.27
N ARG B 196 41.73 -11.45 2.22
CA ARG B 196 41.07 -10.53 1.28
C ARG B 196 40.97 -11.06 -0.17
N TRP B 197 40.93 -12.38 -0.32
CA TRP B 197 40.88 -13.03 -1.63
C TRP B 197 39.48 -12.90 -2.25
N PHE B 198 38.48 -12.87 -1.38
CA PHE B 198 37.07 -12.68 -1.76
C PHE B 198 36.31 -12.12 -0.56
N THR B 199 35.05 -11.75 -0.77
CA THR B 199 34.18 -11.40 0.34
C THR B 199 32.76 -11.89 0.09
N HIS B 200 32.08 -12.23 1.19
CA HIS B 200 30.65 -12.50 1.13
C HIS B 200 29.92 -11.16 1.05
N ALA B 201 28.68 -11.21 0.57
CA ALA B 201 27.87 -9.99 0.44
C ALA B 201 27.47 -9.46 1.82
N SER B 202 27.22 -8.15 1.90
CA SER B 202 26.83 -7.48 3.15
C SER B 202 25.85 -8.27 4.03
N PRO B 203 24.68 -8.69 3.46
CA PRO B 203 23.72 -9.53 4.22
C PRO B 203 24.38 -10.65 5.02
N THR B 204 25.31 -11.38 4.38
CA THR B 204 26.02 -12.47 5.04
C THR B 204 26.96 -11.95 6.11
N LEU B 205 27.73 -10.92 5.78
CA LEU B 205 28.63 -10.31 6.76
C LEU B 205 27.86 -9.85 8.01
N PHE B 206 26.71 -9.20 7.79
CA PHE B 206 25.86 -8.70 8.88
C PHE B 206 25.37 -9.82 9.80
N ASN B 207 24.75 -10.85 9.20
CA ASN B 207 23.86 -11.74 9.95
C ASN B 207 24.29 -13.20 10.10
N ALA B 208 25.41 -13.58 9.47
CA ALA B 208 25.95 -14.93 9.65
C ALA B 208 26.20 -15.20 11.13
N GLY B 209 25.77 -16.38 11.57
CA GLY B 209 25.89 -16.78 12.97
C GLY B 209 25.01 -16.00 13.93
N THR B 210 23.98 -15.34 13.40
CA THR B 210 22.95 -14.71 14.23
C THR B 210 21.65 -15.49 14.12
N ASN B 211 20.67 -15.11 14.95
CA ASN B 211 19.34 -15.73 14.97
C ASN B 211 18.49 -15.32 13.77
N ARG B 212 17.72 -16.29 13.25
CA ARG B 212 16.97 -16.14 11.99
C ARG B 212 17.83 -15.43 10.93
N PRO B 213 18.95 -16.08 10.51
CA PRO B 213 19.93 -15.37 9.70
C PRO B 213 19.46 -15.04 8.28
N GLN B 214 19.49 -13.74 7.96
CA GLN B 214 19.20 -13.22 6.62
C GLN B 214 20.49 -13.12 5.82
N LEU B 215 20.85 -14.21 5.14
CA LEU B 215 22.16 -14.30 4.51
C LEU B 215 22.13 -13.88 3.04
N SER B 216 20.96 -14.05 2.46
CA SER B 216 20.70 -13.56 1.13
C SER B 216 19.62 -12.51 1.30
N SER B 217 19.79 -11.37 0.65
CA SER B 217 18.80 -10.31 0.80
C SER B 217 18.44 -9.60 -0.50
N CYS B 218 18.51 -10.33 -1.62
CA CYS B 218 17.89 -9.88 -2.87
C CYS B 218 16.95 -10.92 -3.42
N PHE B 219 15.82 -10.45 -3.94
CA PHE B 219 14.69 -11.29 -4.30
C PHE B 219 14.08 -10.88 -5.63
N LEU B 220 13.38 -11.79 -6.26
CA LEU B 220 12.56 -11.45 -7.43
C LEU B 220 11.16 -12.10 -7.43
N LEU B 221 10.17 -11.33 -7.87
CA LEU B 221 8.75 -11.73 -7.80
C LEU B 221 8.05 -11.42 -9.11
N SER B 222 7.08 -12.26 -9.47
CA SER B 222 6.15 -11.96 -10.55
C SER B 222 4.79 -11.70 -9.96
N MET B 223 4.08 -10.70 -10.47
CA MET B 223 2.71 -10.46 -10.03
C MET B 223 1.89 -11.77 -10.20
N LYS B 224 1.18 -12.16 -9.14
CA LYS B 224 0.47 -13.44 -9.09
C LYS B 224 -0.52 -13.57 -10.24
N ASP B 225 -1.71 -13.01 -10.08
CA ASP B 225 -2.53 -12.74 -11.26
C ASP B 225 -3.09 -11.32 -11.24
N ASP B 226 -3.91 -11.07 -12.25
CA ASP B 226 -4.47 -9.78 -12.53
C ASP B 226 -5.78 -9.57 -11.74
N SER B 227 -5.63 -9.46 -10.42
CA SER B 227 -6.76 -9.27 -9.53
C SER B 227 -6.35 -8.54 -8.25
N ILE B 228 -7.29 -7.85 -7.62
CA ILE B 228 -7.06 -7.21 -6.33
C ILE B 228 -6.44 -8.20 -5.31
N GLU B 229 -6.97 -9.43 -5.29
CA GLU B 229 -6.39 -10.51 -4.47
C GLU B 229 -4.92 -10.82 -4.80
N GLY B 230 -4.61 -10.95 -6.09
CA GLY B 230 -3.25 -11.20 -6.53
C GLY B 230 -2.32 -10.02 -6.23
N ILE B 231 -2.78 -8.82 -6.55
CA ILE B 231 -2.00 -7.60 -6.34
C ILE B 231 -1.65 -7.40 -4.86
N TYR B 232 -2.63 -7.58 -3.99
CA TYR B 232 -2.44 -7.44 -2.54
C TYR B 232 -1.75 -8.62 -1.84
N ASP B 233 -1.79 -9.80 -2.45
CA ASP B 233 -0.99 -10.94 -1.99
C ASP B 233 0.50 -10.70 -2.22
N THR B 234 0.80 -10.16 -3.39
CA THR B 234 2.17 -9.82 -3.76
C THR B 234 2.67 -8.65 -2.91
N LEU B 235 1.79 -7.70 -2.62
CA LEU B 235 2.15 -6.54 -1.79
C LEU B 235 2.60 -6.98 -0.41
N LYS B 236 1.84 -7.89 0.20
CA LYS B 236 2.21 -8.48 1.47
C LYS B 236 3.59 -9.13 1.37
N GLN B 237 3.82 -9.90 0.31
CA GLN B 237 5.11 -10.53 0.08
C GLN B 237 6.22 -9.50 0.11
N CYS B 238 6.12 -8.49 -0.75
CA CYS B 238 7.09 -7.40 -0.80
C CYS B 238 7.28 -6.69 0.52
N ALA B 239 6.20 -6.53 1.29
CA ALA B 239 6.30 -5.92 2.59
C ALA B 239 7.13 -6.80 3.52
N LEU B 240 6.84 -8.10 3.51
CA LEU B 240 7.53 -9.09 4.35
C LEU B 240 9.02 -9.24 4.01
N ILE B 241 9.31 -9.32 2.71
CA ILE B 241 10.68 -9.29 2.22
C ILE B 241 11.38 -8.00 2.65
N SER B 242 10.74 -6.86 2.43
CA SER B 242 11.32 -5.55 2.76
C SER B 242 11.61 -5.39 4.27
N LYS B 243 10.83 -6.07 5.11
CA LYS B 243 11.03 -6.08 6.55
C LYS B 243 12.34 -6.79 6.92
N SER B 244 12.70 -7.79 6.14
CA SER B 244 13.97 -8.50 6.26
C SER B 244 15.09 -7.77 5.52
N ALA B 245 14.85 -6.53 5.11
CA ALA B 245 15.85 -5.73 4.39
C ALA B 245 16.22 -6.33 3.02
N GLY B 246 15.24 -6.95 2.38
CA GLY B 246 15.44 -7.53 1.06
C GLY B 246 15.16 -6.49 -0.01
N GLY B 247 16.05 -6.39 -0.99
CA GLY B 247 15.79 -5.66 -2.23
C GLY B 247 14.97 -6.54 -3.17
N ILE B 248 14.20 -5.95 -4.07
CA ILE B 248 13.26 -6.72 -4.91
C ILE B 248 13.17 -6.25 -6.35
N GLY B 249 13.07 -7.21 -7.27
CA GLY B 249 12.66 -6.95 -8.65
C GLY B 249 11.29 -7.57 -8.83
N VAL B 250 10.33 -6.79 -9.34
CA VAL B 250 8.93 -7.22 -9.49
C VAL B 250 8.46 -7.05 -10.94
N ALA B 251 7.93 -8.13 -11.51
CA ALA B 251 7.33 -8.09 -12.86
C ALA B 251 5.84 -7.79 -12.76
N VAL B 252 5.40 -6.82 -13.53
CA VAL B 252 4.11 -6.17 -13.37
C VAL B 252 3.24 -6.19 -14.65
N SER B 253 3.75 -6.83 -15.70
CA SER B 253 3.15 -6.74 -17.04
C SER B 253 1.83 -7.47 -17.21
N CYS B 254 1.49 -8.36 -16.27
CA CYS B 254 0.28 -9.13 -16.37
C CYS B 254 -0.95 -8.33 -15.91
N ILE B 255 -0.71 -7.14 -15.36
CA ILE B 255 -1.76 -6.28 -14.81
C ILE B 255 -2.42 -5.38 -15.86
N ARG B 256 -3.76 -5.41 -15.91
CA ARG B 256 -4.57 -4.63 -16.85
C ARG B 256 -4.19 -3.17 -16.98
N ALA B 257 -4.28 -2.67 -18.21
CA ALA B 257 -3.99 -1.28 -18.48
C ALA B 257 -5.14 -0.37 -18.01
N THR B 258 -4.86 0.91 -17.94
CA THR B 258 -5.86 1.90 -17.62
C THR B 258 -6.96 1.85 -18.66
N GLY B 259 -8.20 1.98 -18.19
CA GLY B 259 -9.37 1.94 -19.05
C GLY B 259 -9.89 0.54 -19.35
N SER B 260 -9.16 -0.49 -18.96
CA SER B 260 -9.59 -1.86 -19.23
C SER B 260 -10.77 -2.23 -18.38
N TYR B 261 -11.70 -2.92 -19.03
CA TYR B 261 -12.92 -3.37 -18.40
C TYR B 261 -12.66 -4.32 -17.22
N ILE B 262 -13.45 -4.15 -16.17
CA ILE B 262 -13.47 -5.05 -15.03
C ILE B 262 -14.87 -5.67 -15.04
N ALA B 263 -14.95 -6.94 -15.44
CA ALA B 263 -16.26 -7.61 -15.61
C ALA B 263 -17.02 -7.77 -14.30
N GLY B 264 -16.28 -7.92 -13.20
CA GLY B 264 -16.88 -8.05 -11.88
C GLY B 264 -17.66 -6.83 -11.47
N THR B 265 -17.00 -5.66 -11.46
CA THR B 265 -17.57 -4.43 -10.89
C THR B 265 -18.21 -3.51 -11.94
N ASN B 266 -18.20 -3.93 -13.20
CA ASN B 266 -18.74 -3.13 -14.31
C ASN B 266 -18.07 -1.76 -14.42
N GLY B 267 -16.87 -1.66 -13.86
CA GLY B 267 -16.07 -0.44 -13.91
C GLY B 267 -14.83 -0.62 -14.76
N ASN B 268 -13.95 0.36 -14.73
CA ASN B 268 -12.74 0.35 -15.53
C ASN B 268 -11.51 0.46 -14.66
N SER B 269 -10.43 -0.22 -15.07
CA SER B 269 -9.20 -0.23 -14.30
C SER B 269 -8.50 1.11 -14.25
N ASN B 270 -7.82 1.34 -13.14
CA ASN B 270 -7.00 2.52 -12.94
C ASN B 270 -5.61 2.35 -13.56
N GLY B 271 -5.26 1.10 -13.90
CA GLY B 271 -3.99 0.80 -14.52
C GLY B 271 -2.85 0.76 -13.53
N LEU B 272 -1.63 0.79 -14.06
CA LEU B 272 -0.44 0.54 -13.28
C LEU B 272 -0.09 1.65 -12.29
N VAL B 273 -0.29 2.89 -12.69
CA VAL B 273 0.20 4.03 -11.91
C VAL B 273 -0.35 4.05 -10.48
N PRO B 274 -1.69 4.10 -10.32
CA PRO B 274 -2.24 4.10 -8.96
C PRO B 274 -1.83 2.88 -8.13
N MET B 275 -1.63 1.74 -8.78
CA MET B 275 -1.23 0.54 -8.07
C MET B 275 0.21 0.65 -7.58
N LEU B 276 1.07 1.18 -8.44
CA LEU B 276 2.46 1.38 -8.14
C LEU B 276 2.67 2.42 -7.03
N ARG B 277 1.69 3.30 -6.85
CA ARG B 277 1.69 4.24 -5.74
C ARG B 277 1.54 3.54 -4.39
N VAL B 278 0.76 2.45 -4.37
CA VAL B 278 0.59 1.64 -3.18
C VAL B 278 1.91 0.95 -2.83
N TYR B 279 2.58 0.43 -3.86
CA TYR B 279 3.90 -0.21 -3.71
C TYR B 279 4.98 0.80 -3.29
N ASN B 280 4.89 2.02 -3.84
CA ASN B 280 5.81 3.09 -3.51
C ASN B 280 5.72 3.40 -2.03
N ASN B 281 4.50 3.63 -1.56
CA ASN B 281 4.27 3.95 -0.18
C ASN B 281 4.48 2.78 0.78
N THR B 282 4.37 1.55 0.28
CA THR B 282 4.78 0.37 1.04
C THR B 282 6.30 0.37 1.21
N ALA B 283 7.03 0.77 0.17
CA ALA B 283 8.49 0.89 0.25
C ALA B 283 8.95 1.94 1.27
N ARG B 284 8.24 3.06 1.34
CA ARG B 284 8.54 4.12 2.32
C ARG B 284 8.23 3.71 3.75
N TYR B 285 7.11 3.00 3.93
CA TYR B 285 6.63 2.57 5.25
C TYR B 285 7.48 1.45 5.84
N VAL B 286 7.69 0.37 5.09
CA VAL B 286 8.47 -0.75 5.63
C VAL B 286 9.95 -0.64 5.24
N ASP B 287 10.62 0.24 5.99
CA ASP B 287 12.04 0.56 5.82
C ASP B 287 12.87 0.13 7.04
N GLN B 288 12.46 -0.98 7.64
CA GLN B 288 13.02 -1.49 8.92
C GLN B 288 12.80 -0.60 10.15
N GLY B 289 12.08 0.50 9.99
CA GLY B 289 11.76 1.39 11.10
C GLY B 289 12.76 2.52 11.32
N GLY B 290 12.33 3.74 11.00
CA GLY B 290 13.11 4.96 11.23
C GLY B 290 14.21 5.25 10.20
N ASN B 291 14.33 4.34 9.22
CA ASN B 291 15.44 4.30 8.26
C ASN B 291 16.76 3.86 8.91
N PRO B 294 14.18 3.67 2.90
CA PRO B 294 12.97 3.08 2.30
C PRO B 294 13.31 1.80 1.55
N GLY B 295 12.51 0.75 1.74
CA GLY B 295 12.67 -0.50 0.99
C GLY B 295 12.85 -0.23 -0.48
N ALA B 296 13.54 -1.12 -1.19
CA ALA B 296 13.85 -0.87 -2.60
C ALA B 296 13.24 -1.90 -3.53
N PHE B 297 12.29 -1.46 -4.36
CA PHE B 297 11.63 -2.32 -5.34
C PHE B 297 11.93 -1.81 -6.74
N ALA B 298 12.41 -2.69 -7.61
CA ALA B 298 12.57 -2.38 -9.03
C ALA B 298 11.39 -2.99 -9.79
N ILE B 299 10.64 -2.13 -10.48
CA ILE B 299 9.44 -2.57 -11.21
C ILE B 299 9.78 -2.84 -12.67
N TYR B 300 9.44 -4.03 -13.15
CA TYR B 300 9.73 -4.46 -14.53
C TYR B 300 8.47 -4.45 -15.40
N LEU B 301 8.56 -3.77 -16.54
CA LEU B 301 7.45 -3.63 -17.47
C LEU B 301 7.91 -3.90 -18.90
N GLU B 302 7.14 -4.71 -19.62
CA GLU B 302 7.42 -4.96 -21.04
C GLU B 302 6.83 -3.83 -21.88
N PRO B 303 7.57 -3.34 -22.89
CA PRO B 303 7.13 -2.17 -23.67
C PRO B 303 5.89 -2.33 -24.59
N TRP B 304 5.30 -3.52 -24.67
CA TRP B 304 4.00 -3.68 -25.37
C TRP B 304 2.84 -3.24 -24.50
N HIS B 305 3.08 -3.06 -23.20
CA HIS B 305 2.03 -2.70 -22.26
C HIS B 305 1.54 -1.28 -22.50
N LEU B 306 0.22 -1.10 -22.52
CA LEU B 306 -0.43 0.18 -22.84
C LEU B 306 -0.09 1.33 -21.89
N ASP B 307 0.31 0.99 -20.67
CA ASP B 307 0.61 1.99 -19.66
C ASP B 307 2.10 2.37 -19.65
N ILE B 308 2.83 1.94 -20.68
CA ILE B 308 4.28 2.17 -20.80
C ILE B 308 4.69 3.65 -20.70
N PHE B 309 4.02 4.53 -21.46
CA PHE B 309 4.35 5.97 -21.44
C PHE B 309 4.24 6.60 -20.05
N GLU B 310 3.19 6.25 -19.31
CA GLU B 310 3.00 6.78 -17.96
C GLU B 310 3.99 6.16 -16.98
N PHE B 311 4.36 4.92 -17.25
CA PHE B 311 5.37 4.22 -16.48
C PHE B 311 6.69 4.96 -16.59
N LEU B 312 7.03 5.34 -17.81
CA LEU B 312 8.25 6.05 -18.14
C LEU B 312 8.38 7.42 -17.44
N ASP B 313 7.30 7.84 -16.77
CA ASP B 313 7.22 9.17 -16.12
C ASP B 313 7.28 9.14 -14.59
N LEU B 314 6.95 7.98 -14.02
CA LEU B 314 6.79 7.81 -12.58
C LEU B 314 7.96 8.29 -11.70
N LYS B 315 9.13 8.44 -12.32
CA LYS B 315 10.36 8.75 -11.60
C LYS B 315 10.82 10.20 -11.86
N LYS B 316 10.19 10.87 -12.81
CA LYS B 316 10.47 12.28 -13.08
C LYS B 316 10.26 13.13 -11.82
N ASN B 317 11.23 13.98 -11.52
CA ASN B 317 11.16 14.84 -10.33
C ASN B 317 10.17 15.99 -10.52
N THR B 318 10.01 16.44 -11.76
CA THR B 318 8.92 17.37 -12.14
C THR B 318 7.69 16.52 -12.50
N GLY B 319 6.52 16.85 -11.93
CA GLY B 319 5.34 16.02 -12.16
C GLY B 319 4.02 16.45 -11.56
N LYS B 320 3.40 15.54 -10.79
CA LYS B 320 2.04 15.75 -10.25
C LYS B 320 1.71 14.91 -9.01
N GLU B 321 2.73 14.41 -8.31
CA GLU B 321 2.59 13.69 -7.03
C GLU B 321 1.77 12.39 -7.09
N GLU B 322 0.49 12.49 -7.48
CA GLU B 322 -0.39 11.33 -7.61
C GLU B 322 -0.07 10.49 -8.86
N GLN B 323 0.71 11.07 -9.77
CA GLN B 323 1.17 10.35 -10.95
C GLN B 323 2.67 10.04 -10.83
N ARG B 324 3.19 10.08 -9.60
CA ARG B 324 4.60 9.84 -9.31
C ARG B 324 4.83 8.74 -8.27
N ALA B 325 5.88 7.97 -8.47
CA ALA B 325 6.33 6.95 -7.51
C ALA B 325 7.85 6.98 -7.42
N ARG B 326 8.38 8.06 -6.85
CA ARG B 326 9.81 8.33 -6.92
C ARG B 326 10.69 7.51 -5.98
N ASP B 327 10.09 6.64 -5.17
CA ASP B 327 10.87 5.74 -4.30
C ASP B 327 11.07 4.34 -4.88
N LEU B 328 10.40 4.07 -6.00
CA LEU B 328 10.61 2.85 -6.78
C LEU B 328 11.70 3.07 -7.81
N PHE B 329 12.17 1.95 -8.37
CA PHE B 329 13.17 1.95 -9.41
C PHE B 329 12.54 1.27 -10.60
N PHE B 330 12.96 1.65 -11.80
CA PHE B 330 12.23 1.24 -13.00
C PHE B 330 13.10 0.56 -14.03
N ALA B 331 12.53 -0.47 -14.65
CA ALA B 331 13.27 -1.31 -15.56
C ALA B 331 12.34 -1.80 -16.66
N LEU B 332 12.89 -1.92 -17.86
CA LEU B 332 12.18 -2.45 -19.00
C LEU B 332 12.66 -3.85 -19.26
N TRP B 333 11.72 -4.72 -19.64
CA TRP B 333 12.00 -6.11 -19.93
C TRP B 333 11.62 -6.28 -21.40
N ILE B 334 12.63 -6.17 -22.27
CA ILE B 334 12.42 -5.79 -23.68
C ILE B 334 12.51 -6.95 -24.68
N PRO B 335 11.45 -7.14 -25.48
CA PRO B 335 11.55 -8.12 -26.55
C PRO B 335 12.37 -7.59 -27.74
N ASP B 336 13.03 -8.52 -28.42
CA ASP B 336 13.79 -8.22 -29.64
C ASP B 336 12.91 -7.53 -30.69
N LEU B 337 11.64 -7.95 -30.79
CA LEU B 337 10.68 -7.39 -31.74
C LEU B 337 10.57 -5.87 -31.63
N PHE B 338 10.53 -5.35 -30.40
CA PHE B 338 10.51 -3.92 -30.19
C PHE B 338 11.72 -3.21 -30.80
N MET B 339 12.91 -3.75 -30.53
CA MET B 339 14.17 -3.17 -30.99
C MET B 339 14.28 -3.25 -32.50
N LYS B 340 13.71 -4.30 -33.08
CA LYS B 340 13.69 -4.47 -34.52
C LYS B 340 12.71 -3.50 -35.21
N ARG B 341 11.57 -3.22 -34.57
CA ARG B 341 10.60 -2.25 -35.10
C ARG B 341 11.14 -0.83 -34.99
N VAL B 342 11.90 -0.54 -33.93
CA VAL B 342 12.51 0.78 -33.75
C VAL B 342 13.46 1.09 -34.90
N GLU B 343 14.39 0.18 -35.17
CA GLU B 343 15.42 0.46 -36.15
C GLU B 343 14.93 0.39 -37.59
N THR B 344 13.87 -0.39 -37.84
CA THR B 344 13.20 -0.44 -39.15
C THR B 344 12.09 0.60 -39.27
N ASN B 345 11.81 1.33 -38.19
CA ASN B 345 10.87 2.46 -38.19
C ASN B 345 9.43 2.01 -38.48
N GLN B 346 9.04 0.91 -37.85
CA GLN B 346 7.69 0.37 -38.02
C GLN B 346 6.76 0.78 -36.87
N ASP B 347 5.52 0.31 -36.93
CA ASP B 347 4.55 0.57 -35.89
C ASP B 347 4.72 -0.41 -34.74
N TRP B 348 4.31 0.02 -33.54
CA TRP B 348 4.35 -0.79 -32.34
C TRP B 348 2.96 -0.76 -31.75
N SER B 349 2.47 -1.92 -31.34
CA SER B 349 1.11 -2.03 -30.85
C SER B 349 1.15 -2.09 -29.34
N LEU B 350 0.33 -1.27 -28.71
CA LEU B 350 0.21 -1.29 -27.26
C LEU B 350 -1.01 -2.10 -26.89
N MET B 351 -0.82 -3.00 -25.93
CA MET B 351 -1.85 -3.96 -25.61
C MET B 351 -2.20 -3.98 -24.12
N CYS B 352 -3.41 -4.42 -23.82
CA CYS B 352 -3.77 -4.75 -22.46
C CYS B 352 -3.61 -6.26 -22.28
N PRO B 353 -2.86 -6.70 -21.24
CA PRO B 353 -2.61 -8.14 -21.02
C PRO B 353 -3.88 -8.96 -20.80
N ASN B 354 -4.96 -8.31 -20.37
CA ASN B 354 -6.26 -8.95 -20.20
C ASN B 354 -6.90 -9.25 -21.56
N GLU B 355 -6.68 -8.36 -22.53
CA GLU B 355 -7.18 -8.56 -23.89
C GLU B 355 -6.24 -9.46 -24.67
N CYS B 356 -4.98 -9.44 -24.27
CA CYS B 356 -3.93 -10.14 -24.97
C CYS B 356 -3.10 -10.92 -23.97
N PRO B 357 -3.66 -12.01 -23.41
CA PRO B 357 -2.99 -12.71 -22.33
C PRO B 357 -1.75 -13.50 -22.76
N GLY B 358 -0.83 -13.69 -21.82
CA GLY B 358 0.28 -14.61 -21.97
C GLY B 358 1.51 -14.11 -22.70
N LEU B 359 1.55 -12.80 -22.99
CA LEU B 359 2.69 -12.18 -23.66
C LEU B 359 3.95 -12.21 -22.80
N ASP B 360 3.78 -12.16 -21.48
CA ASP B 360 4.92 -12.24 -20.56
C ASP B 360 5.39 -13.69 -20.28
N GLU B 361 4.58 -14.67 -20.69
CA GLU B 361 4.83 -16.09 -20.43
C GLU B 361 5.50 -16.80 -21.59
N VAL B 362 6.08 -16.02 -22.49
CA VAL B 362 6.46 -16.46 -23.80
C VAL B 362 7.57 -15.51 -24.27
N TRP B 363 8.62 -16.06 -24.88
CA TRP B 363 9.74 -15.24 -25.39
C TRP B 363 10.12 -15.63 -26.81
N GLY B 364 10.96 -14.80 -27.44
CA GLY B 364 11.53 -15.08 -28.76
C GLY B 364 10.49 -15.25 -29.84
N GLU B 365 10.70 -16.25 -30.71
CA GLU B 365 9.80 -16.55 -31.82
C GLU B 365 8.37 -16.83 -31.38
N GLU B 366 8.21 -17.54 -30.26
CA GLU B 366 6.90 -17.78 -29.70
C GLU B 366 6.17 -16.47 -29.33
N PHE B 367 6.89 -15.53 -28.72
CA PHE B 367 6.37 -14.19 -28.45
C PHE B 367 5.95 -13.47 -29.72
N GLU B 368 6.86 -13.42 -30.69
CA GLU B 368 6.66 -12.66 -31.91
C GLU B 368 5.45 -13.19 -32.66
N LYS B 369 5.26 -14.51 -32.58
CA LYS B 369 4.13 -15.17 -33.19
C LYS B 369 2.82 -14.86 -32.46
N LEU B 370 2.81 -14.95 -31.12
CA LEU B 370 1.62 -14.63 -30.35
C LEU B 370 1.24 -13.16 -30.50
N TYR B 371 2.23 -12.29 -30.41
CA TYR B 371 2.05 -10.84 -30.55
C TYR B 371 1.53 -10.47 -31.94
N ALA B 372 2.07 -11.11 -32.98
CA ALA B 372 1.64 -10.80 -34.36
C ALA B 372 0.20 -11.22 -34.64
N SER B 373 -0.27 -12.30 -34.02
CA SER B 373 -1.66 -12.72 -34.24
C SER B 373 -2.65 -11.83 -33.48
N TYR B 374 -2.27 -11.34 -32.30
CA TYR B 374 -3.09 -10.36 -31.59
C TYR B 374 -3.25 -9.09 -32.42
N GLU B 375 -2.17 -8.65 -33.06
CA GLU B 375 -2.22 -7.51 -33.98
C GLU B 375 -3.15 -7.82 -35.15
N LYS B 376 -3.00 -8.99 -35.75
CA LYS B 376 -3.86 -9.37 -36.90
C LYS B 376 -5.33 -9.49 -36.53
N GLN B 377 -5.61 -9.95 -35.30
CA GLN B 377 -6.99 -10.06 -34.83
C GLN B 377 -7.57 -8.69 -34.42
N GLY B 378 -6.79 -7.62 -34.59
CA GLY B 378 -7.18 -6.29 -34.13
C GLY B 378 -7.31 -6.15 -32.61
N ARG B 379 -6.67 -7.03 -31.86
CA ARG B 379 -6.68 -6.96 -30.40
C ARG B 379 -5.56 -6.00 -29.97
N VAL B 380 -5.73 -4.72 -30.30
CA VAL B 380 -4.74 -3.70 -29.93
C VAL B 380 -5.44 -2.43 -29.48
N ARG B 381 -4.95 -1.83 -28.41
CA ARG B 381 -5.56 -0.66 -27.82
C ARG B 381 -5.08 0.66 -28.42
N LYS B 382 -3.82 0.69 -28.84
CA LYS B 382 -3.20 1.90 -29.37
C LYS B 382 -1.94 1.50 -30.12
N VAL B 383 -1.77 2.06 -31.31
CA VAL B 383 -0.53 1.89 -32.05
C VAL B 383 0.19 3.22 -32.18
N VAL B 384 1.50 3.19 -31.93
CA VAL B 384 2.37 4.36 -32.06
C VAL B 384 3.48 3.95 -33.00
N LYS B 385 4.19 4.92 -33.59
CA LYS B 385 5.44 4.59 -34.26
C LYS B 385 6.39 4.07 -33.15
N ALA B 386 7.09 2.96 -33.43
CA ALA B 386 7.98 2.35 -32.42
C ALA B 386 9.05 3.32 -31.91
N GLN B 387 9.47 4.24 -32.77
CA GLN B 387 10.50 5.24 -32.43
C GLN B 387 10.01 6.30 -31.42
N GLN B 388 8.69 6.54 -31.43
CA GLN B 388 8.06 7.46 -30.48
C GLN B 388 8.22 6.93 -29.06
N LEU B 389 7.99 5.62 -28.88
CA LEU B 389 8.22 4.98 -27.60
C LEU B 389 9.71 4.98 -27.29
N TRP B 390 10.53 4.73 -28.33
CA TRP B 390 11.97 4.80 -28.16
C TRP B 390 12.43 6.15 -27.60
N TYR B 391 11.91 7.24 -28.16
CA TYR B 391 12.25 8.59 -27.71
C TYR B 391 11.83 8.83 -26.26
N ALA B 392 10.70 8.25 -25.86
CA ALA B 392 10.21 8.40 -24.49
C ALA B 392 11.18 7.70 -23.53
N ILE B 393 11.71 6.56 -23.97
CA ILE B 393 12.66 5.79 -23.20
C ILE B 393 13.93 6.60 -22.95
N ILE B 394 14.47 7.19 -24.02
CA ILE B 394 15.75 7.88 -23.94
C ILE B 394 15.60 9.23 -23.27
N GLU B 395 14.42 9.83 -23.38
CA GLU B 395 14.07 11.06 -22.67
C GLU B 395 14.04 10.79 -21.17
N SER B 396 13.41 9.68 -20.78
CA SER B 396 13.38 9.27 -19.39
C SER B 396 14.78 9.07 -18.79
N GLN B 397 15.67 8.44 -19.56
CA GLN B 397 17.04 8.16 -19.13
C GLN B 397 17.91 9.41 -19.02
N THR B 398 17.64 10.39 -19.87
CA THR B 398 18.35 11.67 -19.87
C THR B 398 17.96 12.47 -18.62
N GLU B 399 16.69 12.33 -18.22
CA GLU B 399 16.16 13.03 -17.06
C GLU B 399 16.52 12.32 -15.75
N THR B 400 16.41 11.00 -15.71
CA THR B 400 16.53 10.24 -14.46
C THR B 400 17.65 9.18 -14.41
N GLY B 401 18.23 8.85 -15.55
CA GLY B 401 19.24 7.79 -15.63
C GLY B 401 18.64 6.39 -15.81
N THR B 402 17.31 6.34 -15.87
CA THR B 402 16.56 5.08 -15.94
C THR B 402 15.42 5.28 -16.96
N PRO B 403 14.74 4.18 -17.37
CA PRO B 403 14.77 2.82 -16.82
C PRO B 403 15.99 2.01 -17.22
N TYR B 404 16.27 0.98 -16.43
CA TYR B 404 17.29 -0.01 -16.76
C TYR B 404 16.85 -0.73 -18.05
N MET B 405 17.82 -1.23 -18.80
CA MET B 405 17.56 -1.90 -20.06
C MET B 405 17.91 -3.37 -19.97
N LEU B 406 16.89 -4.23 -20.06
CA LEU B 406 17.09 -5.66 -20.05
C LEU B 406 16.50 -6.27 -21.31
N TYR B 407 17.22 -7.18 -21.93
CA TYR B 407 16.72 -7.82 -23.12
C TYR B 407 16.17 -9.20 -22.81
N LYS B 408 14.84 -9.23 -22.72
CA LYS B 408 14.07 -10.41 -22.36
C LYS B 408 14.46 -11.69 -23.14
N ASP B 409 14.64 -11.57 -24.45
CA ASP B 409 14.94 -12.74 -25.26
C ASP B 409 16.36 -13.23 -25.04
N SER B 410 17.31 -12.31 -24.95
CA SER B 410 18.68 -12.63 -24.57
C SER B 410 18.68 -13.36 -23.21
N CYS B 411 17.99 -12.78 -22.24
CA CYS B 411 17.92 -13.36 -20.91
C CYS B 411 17.41 -14.80 -20.93
N ASN B 412 16.32 -15.02 -21.67
CA ASN B 412 15.68 -16.34 -21.74
C ASN B 412 16.40 -17.35 -22.66
N ARG B 413 16.84 -16.91 -23.84
CA ARG B 413 17.56 -17.77 -24.79
C ARG B 413 18.83 -18.37 -24.20
N LYS B 414 19.44 -17.65 -23.27
CA LYS B 414 20.71 -18.08 -22.69
C LYS B 414 20.64 -18.32 -21.18
N SER B 415 19.49 -18.77 -20.70
CA SER B 415 19.35 -19.20 -19.32
C SER B 415 19.37 -20.74 -19.21
N ASN B 416 20.18 -21.23 -18.29
CA ASN B 416 20.12 -22.62 -17.91
C ASN B 416 18.84 -22.96 -17.12
N GLN B 417 18.11 -21.93 -16.70
CA GLN B 417 16.78 -22.08 -16.08
C GLN B 417 15.62 -22.06 -17.10
N GLN B 418 16.00 -22.00 -18.38
CA GLN B 418 15.13 -22.16 -19.55
C GLN B 418 14.04 -23.23 -19.42
N ASN B 419 14.39 -24.38 -18.86
CA ASN B 419 13.49 -25.52 -18.74
C ASN B 419 12.32 -25.32 -17.76
N LEU B 420 12.38 -24.26 -16.96
CA LEU B 420 11.38 -23.98 -15.92
C LEU B 420 10.15 -23.23 -16.43
N GLY B 421 10.35 -22.52 -17.55
CA GLY B 421 9.38 -21.60 -18.11
C GLY B 421 10.05 -20.25 -18.35
N THR B 422 9.29 -19.32 -18.93
CA THR B 422 9.79 -17.97 -19.22
C THR B 422 10.14 -17.16 -17.96
N ILE B 423 11.34 -16.57 -17.98
CA ILE B 423 11.80 -15.65 -16.94
C ILE B 423 11.23 -14.26 -17.22
N LYS B 424 10.53 -13.72 -16.22
CA LYS B 424 9.71 -12.54 -16.40
C LYS B 424 10.41 -11.25 -16.00
N CYS B 425 11.52 -11.37 -15.29
CA CYS B 425 12.22 -10.17 -14.79
C CYS B 425 13.59 -10.46 -14.16
N SER B 426 14.29 -9.37 -13.87
CA SER B 426 15.58 -9.39 -13.17
C SER B 426 15.39 -8.79 -11.76
N ASN B 427 16.49 -8.43 -11.11
CA ASN B 427 16.42 -7.99 -9.71
C ASN B 427 16.61 -6.48 -9.56
N LEU B 428 16.77 -6.03 -8.31
CA LEU B 428 17.04 -4.62 -8.04
C LEU B 428 18.21 -4.09 -8.86
N CYS B 429 19.26 -4.90 -8.98
CA CYS B 429 20.51 -4.44 -9.56
C CYS B 429 20.82 -4.96 -10.97
N THR B 430 19.88 -5.71 -11.55
CA THR B 430 19.88 -6.11 -12.96
C THR B 430 20.91 -7.16 -13.37
N GLU B 431 21.48 -7.87 -12.39
CA GLU B 431 22.48 -8.92 -12.69
C GLU B 431 21.93 -10.34 -12.58
N ILE B 432 20.76 -10.48 -11.96
CA ILE B 432 20.18 -11.80 -11.69
C ILE B 432 19.08 -12.12 -12.69
N VAL B 433 19.15 -13.29 -13.30
CA VAL B 433 18.11 -13.73 -14.24
C VAL B 433 17.59 -15.10 -13.76
N GLU B 434 16.54 -15.07 -12.96
CA GLU B 434 16.07 -16.25 -12.30
C GLU B 434 14.55 -16.34 -12.43
N TYR B 435 14.06 -17.58 -12.55
CA TYR B 435 12.66 -17.85 -12.80
C TYR B 435 11.78 -17.50 -11.60
N THR B 436 10.62 -16.92 -11.87
CA THR B 436 9.62 -16.65 -10.83
C THR B 436 8.26 -17.13 -11.31
N SER B 437 7.39 -17.45 -10.36
CA SER B 437 6.00 -17.86 -10.62
C SER B 437 5.14 -17.58 -9.39
N LYS B 438 3.89 -18.04 -9.43
CA LYS B 438 3.00 -17.89 -8.28
C LYS B 438 3.61 -18.57 -7.05
N ASP B 439 4.18 -19.76 -7.25
CA ASP B 439 4.72 -20.55 -6.15
C ASP B 439 6.16 -20.22 -5.82
N GLU B 440 6.80 -19.35 -6.60
CA GLU B 440 8.25 -19.21 -6.49
C GLU B 440 8.79 -17.78 -6.52
N VAL B 441 9.32 -17.33 -5.39
CA VAL B 441 10.11 -16.08 -5.38
C VAL B 441 11.61 -16.38 -5.35
N ALA B 442 12.28 -15.95 -6.41
CA ALA B 442 13.71 -16.19 -6.59
C ALA B 442 14.55 -15.36 -5.64
N VAL B 443 15.69 -15.94 -5.26
CA VAL B 443 16.60 -15.38 -4.27
C VAL B 443 18.00 -15.28 -4.88
N CYS B 444 18.71 -14.21 -4.54
CA CYS B 444 20.10 -14.00 -4.97
C CYS B 444 21.05 -14.24 -3.80
N ASN B 445 21.85 -15.31 -3.91
CA ASN B 445 22.85 -15.67 -2.90
C ASN B 445 24.24 -15.28 -3.42
N LEU B 446 24.87 -14.26 -2.81
CA LEU B 446 25.94 -13.53 -3.48
C LEU B 446 27.29 -13.35 -2.76
N ALA B 447 28.36 -13.36 -3.57
CA ALA B 447 29.72 -13.06 -3.11
C ALA B 447 30.53 -12.50 -4.27
N SER B 448 31.67 -11.88 -3.98
CA SER B 448 32.57 -11.37 -5.02
C SER B 448 34.03 -11.75 -4.79
N LEU B 449 34.71 -12.07 -5.89
CA LEU B 449 36.15 -12.30 -5.90
C LEU B 449 36.90 -10.97 -6.05
N ALA B 450 37.98 -10.80 -5.29
CA ALA B 450 38.82 -9.60 -5.44
C ALA B 450 39.90 -9.83 -6.50
N LEU B 451 39.60 -9.40 -7.72
CA LEU B 451 40.42 -9.70 -8.91
C LEU B 451 41.86 -9.16 -8.89
N ASN B 452 42.10 -8.08 -8.15
CA ASN B 452 43.44 -7.55 -7.95
C ASN B 452 44.39 -8.48 -7.18
N MET B 453 43.82 -9.35 -6.34
CA MET B 453 44.63 -10.24 -5.48
C MET B 453 45.37 -11.36 -6.22
N TYR B 454 44.92 -11.68 -7.44
CA TYR B 454 45.46 -12.79 -8.21
C TYR B 454 46.60 -12.40 -9.15
N VAL B 455 46.97 -11.12 -9.19
CA VAL B 455 48.19 -10.72 -9.91
C VAL B 455 49.46 -10.83 -9.05
N THR B 456 50.51 -11.41 -9.64
CA THR B 456 51.75 -11.70 -8.94
C THR B 456 52.76 -10.56 -9.09
N SER B 457 53.84 -10.62 -8.31
CA SER B 457 54.92 -9.62 -8.35
C SER B 457 55.58 -9.51 -9.74
N GLU B 458 55.30 -10.48 -10.60
CA GLU B 458 55.92 -10.57 -11.93
C GLU B 458 54.94 -10.23 -13.05
N HIS B 459 53.85 -9.53 -12.71
CA HIS B 459 52.83 -9.10 -13.67
C HIS B 459 52.28 -10.28 -14.49
N THR B 460 51.94 -11.35 -13.77
CA THR B 460 51.29 -12.52 -14.37
C THR B 460 49.98 -12.75 -13.62
N TYR B 461 49.01 -13.38 -14.26
CA TYR B 461 47.77 -13.62 -13.58
C TYR B 461 47.63 -15.06 -13.09
N ASP B 462 47.42 -15.22 -11.78
CA ASP B 462 47.30 -16.55 -11.19
C ASP B 462 45.92 -17.17 -11.37
N PHE B 463 45.69 -17.71 -12.57
CA PHE B 463 44.43 -18.37 -12.93
C PHE B 463 44.08 -19.58 -12.06
N LYS B 464 45.08 -20.38 -11.67
CA LYS B 464 44.84 -21.53 -10.80
C LYS B 464 44.30 -21.12 -9.44
N LYS B 465 44.93 -20.13 -8.80
CA LYS B 465 44.45 -19.61 -7.53
C LYS B 465 43.00 -19.11 -7.61
N LEU B 466 42.70 -18.36 -8.66
CA LEU B 466 41.35 -17.86 -8.87
C LEU B 466 40.31 -18.99 -8.98
N ALA B 467 40.65 -20.04 -9.73
CA ALA B 467 39.77 -21.21 -9.81
C ALA B 467 39.58 -21.85 -8.43
N GLU B 468 40.66 -21.96 -7.65
CA GLU B 468 40.61 -22.63 -6.36
C GLU B 468 39.81 -21.86 -5.30
N VAL B 469 39.92 -20.54 -5.29
CA VAL B 469 39.13 -19.67 -4.40
C VAL B 469 37.65 -19.72 -4.79
N THR B 470 37.38 -19.67 -6.08
CA THR B 470 36.01 -19.75 -6.62
C THR B 470 35.29 -21.00 -6.13
N LYS B 471 36.02 -22.10 -6.07
CA LYS B 471 35.47 -23.38 -5.62
C LYS B 471 34.99 -23.34 -4.18
N VAL B 472 35.76 -22.65 -3.32
CA VAL B 472 35.38 -22.41 -1.93
C VAL B 472 34.12 -21.54 -1.88
N VAL B 473 34.10 -20.47 -2.70
CA VAL B 473 32.96 -19.56 -2.75
C VAL B 473 31.65 -20.30 -3.10
N VAL B 474 31.70 -21.12 -4.15
CA VAL B 474 30.59 -21.99 -4.54
C VAL B 474 30.09 -22.84 -3.36
N ARG B 475 31.04 -23.45 -2.64
CA ARG B 475 30.70 -24.32 -1.54
C ARG B 475 30.05 -23.54 -0.40
N ASN B 476 30.60 -22.36 -0.09
CA ASN B 476 30.07 -21.47 0.92
C ASN B 476 28.65 -21.01 0.61
N LEU B 477 28.43 -20.51 -0.61
CA LEU B 477 27.11 -20.03 -1.03
C LEU B 477 26.09 -21.14 -1.05
N ASN B 478 26.54 -22.35 -1.38
CA ASN B 478 25.70 -23.53 -1.37
C ASN B 478 25.28 -23.96 0.04
N LYS B 479 26.14 -23.71 1.02
CA LYS B 479 25.77 -23.94 2.43
C LYS B 479 24.83 -22.84 2.93
N ILE B 480 25.01 -21.63 2.42
CA ILE B 480 24.14 -20.50 2.75
C ILE B 480 22.68 -20.75 2.34
N ILE B 481 22.48 -21.41 1.19
CA ILE B 481 21.14 -21.78 0.73
C ILE B 481 20.33 -22.57 1.79
N ASP B 482 21.03 -23.42 2.55
CA ASP B 482 20.38 -24.25 3.56
C ASP B 482 20.29 -23.63 4.95
N ILE B 483 21.17 -22.66 5.24
CA ILE B 483 21.19 -22.00 6.55
C ILE B 483 20.23 -20.80 6.58
N ASN B 484 19.97 -20.23 5.41
CA ASN B 484 19.22 -18.99 5.27
C ASN B 484 17.82 -19.05 5.85
N TYR B 485 17.44 -18.03 6.62
CA TYR B 485 16.06 -17.87 7.07
C TYR B 485 15.29 -17.06 6.03
N TYR B 486 14.27 -17.67 5.46
CA TYR B 486 13.53 -17.10 4.33
C TYR B 486 12.33 -16.27 4.81
N PRO B 487 12.16 -15.05 4.28
CA PRO B 487 11.04 -14.18 4.72
C PRO B 487 9.67 -14.67 4.26
N VAL B 488 9.62 -15.33 3.11
CA VAL B 488 8.41 -15.99 2.62
C VAL B 488 8.74 -17.42 2.11
N PRO B 489 7.76 -18.35 2.18
CA PRO B 489 8.04 -19.75 1.89
C PRO B 489 8.28 -20.03 0.40
N GLU B 490 7.73 -19.17 -0.46
CA GLU B 490 7.93 -19.26 -1.90
C GLU B 490 9.38 -19.05 -2.25
N ALA B 491 10.09 -18.29 -1.41
CA ALA B 491 11.52 -18.02 -1.59
C ALA B 491 12.33 -19.27 -1.25
N CYS B 492 12.00 -19.88 -0.11
CA CYS B 492 12.57 -21.14 0.33
C CYS B 492 12.38 -22.23 -0.73
N LEU B 493 11.16 -22.37 -1.24
CA LEU B 493 10.85 -23.35 -2.28
C LEU B 493 11.76 -23.20 -3.50
N SER B 494 11.82 -21.97 -4.00
CA SER B 494 12.63 -21.61 -5.15
C SER B 494 14.13 -21.95 -4.99
N ASN B 495 14.74 -21.50 -3.89
CA ASN B 495 16.17 -21.77 -3.60
C ASN B 495 16.50 -23.26 -3.41
N LYS B 496 15.60 -23.99 -2.74
CA LYS B 496 15.81 -25.42 -2.53
C LYS B 496 15.64 -26.24 -3.81
N ARG B 497 14.74 -25.80 -4.70
CA ARG B 497 14.51 -26.46 -6.00
C ARG B 497 15.64 -26.29 -7.02
N HIS B 498 16.05 -25.05 -7.26
CA HIS B 498 16.98 -24.76 -8.36
C HIS B 498 18.35 -24.35 -7.85
N ARG B 499 18.47 -24.05 -6.57
CA ARG B 499 19.77 -23.71 -5.95
C ARG B 499 20.66 -22.74 -6.74
N PRO B 500 20.11 -21.60 -7.21
CA PRO B 500 21.02 -20.71 -7.93
C PRO B 500 21.97 -19.98 -6.96
N ILE B 501 23.12 -19.57 -7.47
CA ILE B 501 24.02 -18.68 -6.76
C ILE B 501 24.58 -17.62 -7.72
N GLY B 502 25.23 -16.63 -7.16
CA GLY B 502 25.68 -15.50 -7.93
C GLY B 502 27.02 -15.06 -7.43
N ILE B 503 28.06 -15.50 -8.12
CA ILE B 503 29.42 -15.08 -7.83
C ILE B 503 29.79 -13.93 -8.74
N GLY B 504 30.29 -12.86 -8.13
CA GLY B 504 30.66 -11.66 -8.88
C GLY B 504 32.09 -11.28 -8.58
N VAL B 505 32.43 -10.03 -8.88
CA VAL B 505 33.83 -9.63 -8.82
C VAL B 505 33.96 -8.19 -8.34
N GLN B 506 35.17 -7.84 -7.94
CA GLN B 506 35.54 -6.46 -7.72
C GLN B 506 37.01 -6.27 -8.10
N GLY B 507 37.40 -5.02 -8.31
CA GLY B 507 38.79 -4.72 -8.62
C GLY B 507 39.24 -5.17 -10.00
N LEU B 508 38.32 -5.20 -10.96
CA LEU B 508 38.71 -5.51 -12.32
C LEU B 508 39.70 -4.45 -12.81
N ALA B 509 39.36 -3.18 -12.59
CA ALA B 509 40.20 -2.07 -13.01
C ALA B 509 41.58 -2.16 -12.36
N ASP B 510 41.62 -2.51 -11.08
CA ASP B 510 42.87 -2.68 -10.33
C ASP B 510 43.75 -3.79 -10.90
N ALA B 511 43.13 -4.91 -11.26
CA ALA B 511 43.83 -6.03 -11.89
C ALA B 511 44.41 -5.65 -13.25
N PHE B 512 43.69 -4.84 -14.04
CA PHE B 512 44.26 -4.34 -15.29
C PHE B 512 45.47 -3.46 -15.01
N ILE B 513 45.32 -2.53 -14.08
CA ILE B 513 46.39 -1.57 -13.76
C ILE B 513 47.62 -2.25 -13.14
N LEU B 514 47.40 -3.21 -12.25
CA LEU B 514 48.49 -3.96 -11.66
C LEU B 514 49.30 -4.73 -12.71
N MET B 515 48.61 -5.20 -13.75
CA MET B 515 49.22 -5.90 -14.88
C MET B 515 49.83 -4.91 -15.87
N ARG B 516 49.53 -3.63 -15.67
CA ARG B 516 49.99 -2.52 -16.51
C ARG B 516 49.22 -2.43 -17.82
N TYR B 517 47.98 -2.91 -17.83
CA TYR B 517 47.13 -2.85 -19.02
C TYR B 517 46.14 -1.71 -19.00
N PRO B 518 46.15 -0.87 -20.07
CA PRO B 518 45.01 0.03 -20.31
C PRO B 518 43.72 -0.78 -20.41
N PHE B 519 42.60 -0.18 -19.98
CA PHE B 519 41.30 -0.85 -19.96
C PHE B 519 40.88 -1.35 -21.35
N GLU B 520 41.21 -0.56 -22.37
CA GLU B 520 40.81 -0.82 -23.75
C GLU B 520 41.83 -1.62 -24.58
N SER B 521 42.97 -1.99 -23.99
CA SER B 521 44.03 -2.66 -24.76
C SER B 521 43.71 -4.12 -25.08
N ALA B 522 44.37 -4.65 -26.12
CA ALA B 522 44.26 -6.07 -26.51
C ALA B 522 44.57 -6.99 -25.34
N GLU B 523 45.54 -6.58 -24.52
CA GLU B 523 45.99 -7.34 -23.35
C GLU B 523 44.89 -7.46 -22.29
N ALA B 524 44.23 -6.34 -21.99
CA ALA B 524 43.12 -6.32 -21.04
C ALA B 524 41.89 -7.04 -21.55
N GLN B 525 41.61 -6.92 -22.84
CA GLN B 525 40.46 -7.61 -23.46
C GLN B 525 40.61 -9.14 -23.43
N LEU B 526 41.84 -9.61 -23.62
CA LEU B 526 42.13 -11.03 -23.51
C LEU B 526 42.18 -11.50 -22.04
N LEU B 527 42.74 -10.68 -21.16
CA LEU B 527 42.75 -11.00 -19.73
C LEU B 527 41.31 -11.10 -19.20
N ASN B 528 40.44 -10.23 -19.72
CA ASN B 528 39.03 -10.19 -19.35
C ASN B 528 38.30 -11.50 -19.65
N LYS B 529 38.50 -12.04 -20.85
CA LYS B 529 37.97 -13.35 -21.20
C LYS B 529 38.53 -14.41 -20.26
N GLN B 530 39.85 -14.36 -20.06
CA GLN B 530 40.55 -15.40 -19.33
C GLN B 530 40.08 -15.47 -17.89
N ILE B 531 39.96 -14.30 -17.25
CA ILE B 531 39.49 -14.21 -15.88
C ILE B 531 38.12 -14.88 -15.72
N PHE B 532 37.21 -14.62 -16.66
CA PHE B 532 35.84 -15.07 -16.54
C PHE B 532 35.61 -16.53 -16.99
N GLU B 533 36.39 -16.97 -17.98
CA GLU B 533 36.51 -18.38 -18.28
C GLU B 533 36.86 -19.16 -17.00
N THR B 534 37.85 -18.63 -16.26
CA THR B 534 38.41 -19.27 -15.09
C THR B 534 37.36 -19.38 -14.00
N ILE B 535 36.66 -18.28 -13.77
CA ILE B 535 35.64 -18.21 -12.73
C ILE B 535 34.52 -19.19 -13.04
N TYR B 536 34.08 -19.20 -14.29
CA TYR B 536 33.05 -20.13 -14.73
C TYR B 536 33.52 -21.58 -14.61
N TYR B 537 34.78 -21.84 -15.00
CA TYR B 537 35.37 -23.17 -14.94
C TYR B 537 35.47 -23.75 -13.53
N GLY B 538 36.08 -22.99 -12.62
CA GLY B 538 36.17 -23.42 -11.23
C GLY B 538 34.82 -23.62 -10.57
N ALA B 539 33.88 -22.73 -10.87
CA ALA B 539 32.53 -22.77 -10.29
C ALA B 539 31.78 -24.01 -10.72
N LEU B 540 31.77 -24.29 -12.03
CA LEU B 540 31.16 -25.52 -12.54
C LEU B 540 31.77 -26.75 -11.89
N GLU B 541 33.09 -26.73 -11.73
CA GLU B 541 33.84 -27.83 -11.16
C GLU B 541 33.51 -28.09 -9.69
N ALA B 542 33.34 -27.02 -8.90
CA ALA B 542 32.89 -27.14 -7.52
C ALA B 542 31.46 -27.65 -7.46
N SER B 543 30.61 -27.08 -8.32
CA SER B 543 29.22 -27.45 -8.41
C SER B 543 29.06 -28.93 -8.81
N CYS B 544 29.90 -29.36 -9.74
CA CYS B 544 29.93 -30.76 -10.15
C CYS B 544 30.34 -31.67 -9.00
N ASP B 545 31.37 -31.27 -8.24
CA ASP B 545 31.83 -32.03 -7.05
C ASP B 545 30.73 -32.19 -6.00
N LEU B 546 30.01 -31.11 -5.71
CA LEU B 546 28.87 -31.13 -4.79
C LEU B 546 27.72 -32.00 -5.30
N ALA B 547 27.55 -32.05 -6.62
CA ALA B 547 26.56 -32.93 -7.22
C ALA B 547 26.97 -34.41 -7.07
N LYS B 548 28.26 -34.70 -7.18
CA LYS B 548 28.78 -36.05 -6.93
C LYS B 548 28.47 -36.51 -5.51
N GLU B 549 28.64 -35.59 -4.56
CA GLU B 549 28.46 -35.82 -3.13
C GLU B 549 27.00 -35.79 -2.66
N GLN B 550 26.16 -34.96 -3.29
CA GLN B 550 24.80 -34.69 -2.81
C GLN B 550 23.66 -34.87 -3.84
N GLY B 551 24.01 -35.14 -5.09
CA GLY B 551 23.02 -35.22 -6.17
C GLY B 551 22.73 -33.85 -6.78
N PRO B 552 22.30 -33.80 -8.05
CA PRO B 552 21.99 -32.51 -8.68
C PRO B 552 20.79 -31.81 -8.03
N TYR B 553 20.58 -30.55 -8.38
CA TYR B 553 19.35 -29.85 -7.96
C TYR B 553 18.11 -30.45 -8.65
N GLU B 554 16.98 -30.43 -7.93
CA GLU B 554 15.70 -31.00 -8.37
C GLU B 554 15.37 -30.86 -9.86
N THR B 555 15.62 -29.70 -10.41
CA THR B 555 15.15 -29.39 -11.75
C THR B 555 16.29 -29.43 -12.76
N TYR B 556 17.34 -30.17 -12.43
CA TYR B 556 18.48 -30.35 -13.32
C TYR B 556 18.14 -31.06 -14.64
N GLU B 557 17.37 -32.16 -14.56
CA GLU B 557 17.02 -32.93 -15.76
C GLU B 557 16.13 -32.14 -16.68
N GLY B 558 16.60 -31.92 -17.90
CA GLY B 558 15.92 -31.11 -18.89
C GLY B 558 16.66 -29.80 -19.19
N SER B 559 17.49 -29.34 -18.26
CA SER B 559 18.19 -28.07 -18.46
C SER B 559 19.24 -28.17 -19.57
N PRO B 560 19.61 -27.04 -20.19
CA PRO B 560 20.74 -27.03 -21.13
C PRO B 560 22.03 -27.71 -20.62
N VAL B 561 22.49 -27.42 -19.40
CA VAL B 561 23.74 -28.10 -18.97
C VAL B 561 23.59 -29.62 -18.93
N SER B 562 22.39 -30.13 -18.59
CA SER B 562 22.16 -31.58 -18.62
C SER B 562 22.21 -32.13 -20.03
N LYS B 563 22.12 -31.25 -21.03
CA LYS B 563 22.27 -31.61 -22.44
C LYS B 563 23.71 -31.34 -22.91
N GLY B 564 24.59 -30.97 -21.99
CA GLY B 564 25.98 -30.68 -22.34
C GLY B 564 26.19 -29.28 -22.91
N ILE B 565 25.20 -28.41 -22.70
CA ILE B 565 25.29 -27.03 -23.18
C ILE B 565 25.67 -26.11 -22.04
N LEU B 566 26.80 -25.42 -22.19
CA LEU B 566 27.25 -24.43 -21.23
C LEU B 566 27.00 -23.02 -21.78
N GLN B 567 27.19 -22.01 -20.94
CA GLN B 567 26.88 -20.63 -21.29
C GLN B 567 27.46 -20.15 -22.64
N TYR B 568 28.73 -20.45 -22.90
CA TYR B 568 29.37 -19.96 -24.13
C TYR B 568 28.83 -20.66 -25.38
N ASP B 569 28.29 -21.87 -25.21
CA ASP B 569 27.61 -22.56 -26.29
C ASP B 569 26.38 -21.74 -26.72
N MET B 570 25.71 -21.14 -25.74
CA MET B 570 24.51 -20.33 -25.99
C MET B 570 24.82 -19.00 -26.68
N TRP B 571 26.06 -18.52 -26.50
CA TRP B 571 26.53 -17.32 -27.20
C TRP B 571 27.27 -17.64 -28.50
N ASN B 572 27.31 -18.92 -28.88
CA ASN B 572 28.17 -19.41 -29.98
C ASN B 572 29.64 -18.92 -29.90
N VAL B 573 30.21 -19.00 -28.70
CA VAL B 573 31.59 -18.60 -28.50
C VAL B 573 32.41 -19.86 -28.24
N THR B 574 33.62 -19.89 -28.82
CA THR B 574 34.62 -20.90 -28.50
C THR B 574 35.61 -20.29 -27.51
N PRO B 575 35.75 -20.93 -26.33
CA PRO B 575 36.66 -20.42 -25.30
C PRO B 575 38.12 -20.43 -25.80
N THR B 576 38.99 -19.71 -25.11
CA THR B 576 40.43 -19.81 -25.37
C THR B 576 40.93 -21.19 -24.93
N ASP B 577 42.21 -21.45 -25.17
CA ASP B 577 42.80 -22.73 -24.84
C ASP B 577 43.23 -22.85 -23.36
N LEU B 578 42.93 -21.84 -22.56
CA LEU B 578 43.40 -21.81 -21.16
C LEU B 578 42.93 -23.02 -20.35
N TRP B 579 41.67 -23.40 -20.49
CA TRP B 579 41.09 -24.51 -19.75
C TRP B 579 40.53 -25.59 -20.69
N ASP B 580 40.57 -26.83 -20.24
CA ASP B 580 40.00 -27.94 -20.98
C ASP B 580 38.52 -28.11 -20.62
N TRP B 581 37.68 -27.59 -21.49
CA TRP B 581 36.24 -27.59 -21.29
C TRP B 581 35.62 -28.94 -21.63
N LYS B 582 36.24 -29.66 -22.58
CA LYS B 582 35.83 -31.03 -22.94
C LYS B 582 35.91 -31.98 -21.75
N VAL B 583 36.98 -31.85 -20.97
CA VAL B 583 37.15 -32.61 -19.74
C VAL B 583 36.13 -32.21 -18.66
N LEU B 584 35.85 -30.92 -18.53
CA LEU B 584 34.80 -30.49 -17.61
C LEU B 584 33.41 -31.01 -18.02
N LYS B 585 33.06 -30.86 -19.29
CA LYS B 585 31.80 -31.39 -19.78
C LYS B 585 31.60 -32.87 -19.44
N GLU B 586 32.67 -33.65 -19.56
CA GLU B 586 32.63 -35.09 -19.25
C GLU B 586 32.41 -35.38 -17.77
N LYS B 587 32.92 -34.53 -16.89
CA LYS B 587 32.61 -34.64 -15.47
C LYS B 587 31.16 -34.27 -15.17
N ILE B 588 30.66 -33.23 -15.86
CA ILE B 588 29.26 -32.80 -15.67
C ILE B 588 28.27 -33.84 -16.20
N ALA B 589 28.59 -34.45 -17.33
CA ALA B 589 27.77 -35.55 -17.85
C ALA B 589 27.67 -36.70 -16.85
N LYS B 590 28.73 -36.90 -16.05
CA LYS B 590 28.75 -37.97 -15.05
C LYS B 590 27.84 -37.68 -13.85
N TYR B 591 28.06 -36.53 -13.22
CA TYR B 591 27.47 -36.24 -11.92
C TYR B 591 26.38 -35.15 -11.91
N GLY B 592 26.34 -34.33 -12.96
CA GLY B 592 25.45 -33.16 -13.00
C GLY B 592 26.05 -32.02 -12.21
N ILE B 593 25.26 -30.97 -11.96
CA ILE B 593 25.68 -29.86 -11.09
C ILE B 593 24.69 -29.57 -9.97
N ARG B 594 25.22 -29.01 -8.89
CA ARG B 594 24.45 -28.73 -7.69
C ARG B 594 23.60 -27.47 -7.84
N ASN B 595 24.01 -26.61 -8.77
CA ASN B 595 23.45 -25.27 -8.85
C ASN B 595 23.07 -24.90 -10.25
N SER B 596 21.83 -24.44 -10.41
CA SER B 596 21.27 -24.10 -11.73
C SER B 596 21.96 -22.93 -12.40
N LEU B 597 22.48 -22.00 -11.59
CA LEU B 597 23.17 -20.79 -12.05
C LEU B 597 24.29 -20.44 -11.04
N LEU B 598 25.32 -19.76 -11.53
CA LEU B 598 26.56 -19.65 -10.78
C LEU B 598 27.13 -18.23 -10.70
N ILE B 599 27.17 -17.53 -11.84
CA ILE B 599 27.93 -16.27 -11.96
C ILE B 599 27.03 -15.08 -12.28
N ALA B 600 27.21 -13.99 -11.52
CA ALA B 600 26.37 -12.81 -11.62
C ALA B 600 27.06 -11.58 -11.01
N PRO B 601 27.94 -10.91 -11.78
CA PRO B 601 28.64 -9.70 -11.32
C PRO B 601 27.74 -8.54 -10.83
N MET B 602 27.59 -8.43 -9.52
CA MET B 602 26.73 -7.43 -8.87
C MET B 602 27.48 -6.11 -8.63
N PRO B 603 26.74 -5.03 -8.28
CA PRO B 603 27.44 -3.88 -7.74
C PRO B 603 28.01 -4.23 -6.38
N THR B 604 29.23 -3.79 -6.13
CA THR B 604 29.91 -4.11 -4.89
C THR B 604 30.14 -2.81 -4.14
N ALA B 605 29.11 -1.97 -4.09
CA ALA B 605 29.25 -0.64 -3.49
C ALA B 605 29.93 -0.69 -2.12
N SER B 606 29.32 -1.38 -1.16
CA SER B 606 29.84 -1.36 0.19
C SER B 606 31.08 -2.22 0.41
N THR B 607 31.08 -3.44 -0.15
CA THR B 607 32.16 -4.40 0.10
C THR B 607 33.44 -4.10 -0.65
N ALA B 608 33.35 -3.39 -1.78
CA ALA B 608 34.55 -3.03 -2.53
C ALA B 608 35.29 -1.92 -1.81
N GLN B 609 34.53 -1.02 -1.18
CA GLN B 609 35.08 0.02 -0.32
C GLN B 609 35.84 -0.57 0.86
N ILE B 610 35.32 -1.65 1.43
CA ILE B 610 35.98 -2.33 2.56
C ILE B 610 37.33 -2.92 2.16
N LEU B 611 37.37 -3.58 1.00
CA LEU B 611 38.61 -4.19 0.49
C LEU B 611 39.54 -3.19 -0.17
N GLY B 612 39.01 -2.02 -0.54
CA GLY B 612 39.81 -0.97 -1.16
C GLY B 612 39.99 -1.18 -2.64
N ASN B 613 39.01 -1.81 -3.27
CA ASN B 613 39.05 -2.08 -4.70
C ASN B 613 38.03 -1.22 -5.41
N ASN B 614 38.29 -0.96 -6.68
CA ASN B 614 37.29 -0.33 -7.51
C ASN B 614 36.12 -1.28 -7.68
N GLU B 615 34.93 -0.69 -7.82
CA GLU B 615 33.71 -1.43 -7.88
C GLU B 615 33.65 -2.33 -9.11
N SER B 616 33.31 -3.60 -8.87
CA SER B 616 32.80 -4.48 -9.92
C SER B 616 33.72 -4.60 -11.14
N ILE B 617 33.11 -4.48 -12.32
CA ILE B 617 33.80 -4.64 -13.61
C ILE B 617 34.12 -3.26 -14.22
N GLU B 618 34.12 -2.24 -13.37
CA GLU B 618 34.06 -0.86 -13.78
C GLU B 618 35.46 -0.22 -13.86
N PRO B 619 35.71 0.60 -14.91
CA PRO B 619 36.90 1.45 -14.92
C PRO B 619 36.84 2.44 -13.77
N TYR B 620 37.98 2.90 -13.29
CA TYR B 620 38.00 4.05 -12.39
C TYR B 620 37.25 5.20 -13.08
N THR B 621 36.27 5.75 -12.39
CA THR B 621 35.44 6.80 -12.99
C THR B 621 36.18 8.13 -12.97
N SER B 622 37.12 8.27 -12.04
CA SER B 622 37.98 9.44 -11.94
C SER B 622 39.30 9.06 -11.27
N ASN B 623 40.33 9.88 -11.52
CA ASN B 623 41.65 9.71 -10.90
C ASN B 623 41.76 10.45 -9.60
N ILE B 624 40.79 11.33 -9.36
CA ILE B 624 40.66 12.03 -8.09
C ILE B 624 39.17 12.14 -7.74
N TYR B 625 38.84 11.66 -6.55
CA TYR B 625 37.45 11.59 -6.11
C TYR B 625 37.41 11.78 -4.61
N THR B 626 36.20 11.97 -4.06
CA THR B 626 36.07 12.15 -2.63
C THR B 626 35.30 11.00 -1.98
N ARG B 627 35.67 10.71 -0.72
CA ARG B 627 34.98 9.74 0.11
C ARG B 627 34.48 10.47 1.34
N ARG B 628 33.17 10.35 1.60
CA ARG B 628 32.56 10.97 2.76
C ARG B 628 32.62 10.03 3.97
N VAL B 629 33.03 10.57 5.13
CA VAL B 629 33.09 9.78 6.37
C VAL B 629 32.22 10.39 7.48
N GLY B 632 33.86 14.18 8.01
CA GLY B 632 34.12 15.12 6.92
C GLY B 632 34.38 14.40 5.60
N GLU B 633 34.49 15.18 4.52
CA GLU B 633 34.83 14.67 3.18
C GLU B 633 36.34 14.49 3.09
N PHE B 634 36.77 13.44 2.41
CA PHE B 634 38.20 13.21 2.18
C PHE B 634 38.53 13.12 0.70
N GLN B 635 39.58 13.83 0.30
CA GLN B 635 40.11 13.81 -1.06
C GLN B 635 40.98 12.56 -1.27
N ILE B 636 40.68 11.82 -2.34
CA ILE B 636 41.44 10.62 -2.69
C ILE B 636 41.91 10.67 -4.16
N VAL B 637 43.20 10.43 -4.37
CA VAL B 637 43.78 10.22 -5.70
C VAL B 637 43.82 8.71 -5.98
N ASN B 638 43.58 8.32 -7.24
CA ASN B 638 43.77 6.92 -7.66
C ASN B 638 45.12 6.42 -7.11
N PRO B 639 45.09 5.40 -6.23
CA PRO B 639 46.29 4.95 -5.49
C PRO B 639 47.39 4.37 -6.39
N HIS B 640 47.00 3.74 -7.50
CA HIS B 640 47.95 3.24 -8.49
C HIS B 640 48.67 4.39 -9.20
N LEU B 641 47.91 5.39 -9.65
CA LEU B 641 48.46 6.58 -10.32
C LEU B 641 49.37 7.41 -9.42
N LEU B 642 48.96 7.60 -8.16
CA LEU B 642 49.74 8.40 -7.22
C LEU B 642 51.11 7.79 -6.93
N LYS B 643 51.15 6.48 -6.75
CA LYS B 643 52.41 5.74 -6.63
C LYS B 643 53.30 5.94 -7.85
N ASP B 644 52.73 5.79 -9.05
CA ASP B 644 53.47 5.99 -10.29
C ASP B 644 54.09 7.39 -10.39
N LEU B 645 53.28 8.42 -10.12
CA LEU B 645 53.73 9.80 -10.13
C LEU B 645 54.80 10.11 -9.07
N THR B 646 54.66 9.56 -7.87
CA THR B 646 55.65 9.78 -6.81
C THR B 646 56.96 9.01 -7.04
N GLU B 647 56.85 7.78 -7.53
CA GLU B 647 58.02 6.98 -7.91
C GLU B 647 58.86 7.69 -8.99
N ARG B 648 58.19 8.40 -9.89
CA ARG B 648 58.83 9.12 -10.98
C ARG B 648 59.28 10.55 -10.58
N GLY B 649 58.83 11.01 -9.42
CA GLY B 649 59.15 12.34 -8.92
C GLY B 649 58.39 13.44 -9.65
N LEU B 650 57.14 13.17 -9.99
CA LEU B 650 56.33 14.10 -10.78
C LEU B 650 55.25 14.80 -9.96
N TRP B 651 54.89 14.19 -8.84
CA TRP B 651 53.78 14.65 -8.00
C TRP B 651 54.08 15.92 -7.20
N HIS B 652 53.17 16.90 -7.27
CA HIS B 652 53.22 18.11 -6.44
C HIS B 652 51.83 18.74 -6.25
N GLU B 653 51.75 19.76 -5.40
CA GLU B 653 50.47 20.42 -5.05
C GLU B 653 49.66 20.90 -6.27
N GLU B 654 50.31 21.68 -7.15
CA GLU B 654 49.68 22.19 -8.37
C GLU B 654 49.29 21.08 -9.36
N MET B 655 50.03 19.98 -9.33
CA MET B 655 49.75 18.80 -10.16
C MET B 655 48.40 18.17 -9.78
N LYS B 656 48.11 18.09 -8.49
CA LYS B 656 46.79 17.69 -7.99
C LYS B 656 45.71 18.70 -8.40
N ASN B 657 46.04 20.00 -8.31
CA ASN B 657 45.13 21.08 -8.71
C ASN B 657 44.71 20.97 -10.17
N GLN B 658 45.69 20.73 -11.04
CA GLN B 658 45.46 20.64 -12.49
C GLN B 658 44.62 19.42 -12.89
N ILE B 659 44.72 18.33 -12.14
CA ILE B 659 43.89 17.14 -12.40
C ILE B 659 42.43 17.38 -11.97
N ILE B 660 42.25 18.11 -10.88
CA ILE B 660 40.90 18.51 -10.45
C ILE B 660 40.32 19.50 -11.47
N ALA B 661 41.17 20.40 -11.95
CA ALA B 661 40.80 21.34 -13.01
C ALA B 661 40.45 20.65 -14.33
N CYS B 662 40.87 19.38 -14.46
CA CYS B 662 40.59 18.58 -15.64
C CYS B 662 39.55 17.49 -15.39
N ASN B 663 38.74 17.67 -14.36
CA ASN B 663 37.67 16.71 -14.00
C ASN B 663 38.23 15.29 -13.79
N GLY B 664 39.35 15.22 -13.08
CA GLY B 664 39.96 13.94 -12.72
C GLY B 664 40.70 13.27 -13.87
N SER B 665 40.92 14.02 -14.95
CA SER B 665 41.65 13.53 -16.11
C SER B 665 43.13 13.93 -16.07
N ILE B 666 43.99 13.08 -16.63
CA ILE B 666 45.42 13.34 -16.69
C ILE B 666 45.92 13.45 -18.14
N GLN B 667 45.00 13.38 -19.10
CA GLN B 667 45.35 13.34 -20.51
C GLN B 667 46.12 14.57 -21.00
N SER B 668 45.76 15.75 -20.48
CA SER B 668 46.35 16.99 -20.99
C SER B 668 47.50 17.55 -20.14
N ILE B 669 47.98 16.76 -19.17
CA ILE B 669 49.16 17.15 -18.37
C ILE B 669 50.44 16.69 -19.07
N PRO B 670 51.21 17.65 -19.62
CA PRO B 670 52.38 17.39 -20.48
C PRO B 670 53.57 16.69 -19.80
N GLU B 671 53.67 16.74 -18.48
CA GLU B 671 54.76 16.06 -17.76
C GLU B 671 54.53 14.54 -17.56
N ILE B 672 53.29 14.09 -17.75
CA ILE B 672 52.96 12.66 -17.65
C ILE B 672 53.28 11.93 -18.97
N PRO B 673 54.11 10.87 -18.90
CA PRO B 673 54.37 10.06 -20.10
C PRO B 673 53.11 9.36 -20.62
N ASP B 674 53.02 9.20 -21.94
CA ASP B 674 51.83 8.66 -22.63
C ASP B 674 51.37 7.26 -22.19
N ASP B 675 52.30 6.42 -21.76
CA ASP B 675 51.95 5.08 -21.27
C ASP B 675 51.16 5.15 -19.96
N LEU B 676 51.47 6.15 -19.12
CA LEU B 676 50.69 6.41 -17.92
C LEU B 676 49.31 6.99 -18.26
N LYS B 677 49.26 7.87 -19.27
CA LYS B 677 48.00 8.46 -19.70
C LYS B 677 46.99 7.41 -20.15
N GLN B 678 47.46 6.43 -20.92
CA GLN B 678 46.59 5.35 -21.37
C GLN B 678 46.21 4.34 -20.28
N LEU B 679 47.07 4.17 -19.28
CA LEU B 679 46.74 3.36 -18.10
C LEU B 679 45.60 3.94 -17.28
N TYR B 680 45.63 5.26 -17.12
CA TYR B 680 44.75 5.96 -16.19
C TYR B 680 43.75 6.87 -16.90
N LYS B 681 43.25 6.41 -18.04
CA LYS B 681 42.09 7.03 -18.65
C LYS B 681 40.90 6.82 -17.73
N THR B 682 40.05 7.84 -17.62
CA THR B 682 38.84 7.74 -16.81
C THR B 682 37.77 7.09 -17.65
N VAL B 683 36.73 6.57 -16.99
CA VAL B 683 35.56 6.01 -17.66
C VAL B 683 34.95 6.97 -18.69
N TRP B 684 35.09 8.27 -18.45
CA TRP B 684 34.55 9.31 -19.34
C TRP B 684 35.37 9.44 -20.63
N GLU B 685 36.55 8.83 -20.63
CA GLU B 685 37.46 8.92 -21.77
C GLU B 685 37.58 7.57 -22.47
N ILE B 686 36.98 6.56 -21.87
CA ILE B 686 36.99 5.20 -22.38
C ILE B 686 35.74 5.01 -23.25
N SER B 687 35.89 4.31 -24.37
CA SER B 687 34.77 4.02 -25.27
C SER B 687 33.72 3.13 -24.60
N GLN B 688 32.47 3.60 -24.57
CA GLN B 688 31.39 2.83 -23.96
C GLN B 688 31.04 1.61 -24.80
N LYS B 689 31.17 1.74 -26.11
CA LYS B 689 31.05 0.58 -26.98
C LYS B 689 32.08 -0.50 -26.60
N THR B 690 33.32 -0.09 -26.35
CA THR B 690 34.36 -1.00 -25.87
C THR B 690 33.98 -1.68 -24.54
N VAL B 691 33.47 -0.89 -23.59
CA VAL B 691 32.90 -1.42 -22.34
C VAL B 691 31.81 -2.48 -22.63
N LEU B 692 30.91 -2.15 -23.57
CA LEU B 692 29.83 -3.05 -23.98
C LEU B 692 30.37 -4.35 -24.60
N LYS B 693 31.33 -4.21 -25.51
CA LYS B 693 31.99 -5.35 -26.15
C LYS B 693 32.73 -6.22 -25.13
N MET B 694 33.46 -5.60 -24.21
CA MET B 694 34.14 -6.36 -23.15
C MET B 694 33.18 -7.09 -22.22
N ALA B 695 32.00 -6.50 -22.01
CA ALA B 695 30.98 -7.14 -21.19
C ALA B 695 30.35 -8.33 -21.91
N ALA B 696 30.22 -8.24 -23.22
CA ALA B 696 29.64 -9.33 -24.01
C ALA B 696 30.60 -10.50 -24.08
N GLU B 697 31.89 -10.18 -24.17
CA GLU B 697 32.95 -11.19 -24.25
C GLU B 697 33.10 -11.95 -22.93
N ARG B 698 33.10 -11.24 -21.80
CA ARG B 698 33.03 -11.91 -20.50
C ARG B 698 31.65 -12.55 -20.28
N GLY B 699 30.67 -12.02 -21.01
CA GLY B 699 29.26 -12.42 -20.87
C GLY B 699 29.00 -13.86 -21.23
N ALA B 700 29.73 -14.34 -22.23
CA ALA B 700 29.68 -15.73 -22.69
C ALA B 700 30.00 -16.75 -21.56
N PHE B 701 30.50 -16.26 -20.44
CA PHE B 701 30.90 -17.15 -19.32
C PHE B 701 30.17 -16.79 -18.02
N ILE B 702 29.12 -15.99 -18.16
CA ILE B 702 28.29 -15.55 -17.06
C ILE B 702 26.91 -16.08 -17.34
N ASP B 703 26.47 -17.06 -16.55
CA ASP B 703 25.17 -17.70 -16.79
C ASP B 703 23.99 -16.87 -16.32
N GLN B 704 24.26 -15.84 -15.50
CA GLN B 704 23.26 -14.82 -15.20
C GLN B 704 23.57 -13.56 -16.04
N SER B 705 23.53 -12.37 -15.43
CA SER B 705 23.88 -11.14 -16.15
C SER B 705 24.88 -10.30 -15.35
N GLN B 706 25.04 -9.04 -15.72
CA GLN B 706 25.95 -8.15 -15.00
C GLN B 706 25.40 -6.71 -14.91
N SER B 707 25.51 -6.11 -13.74
CA SER B 707 25.08 -4.74 -13.51
C SER B 707 26.02 -3.78 -14.22
N LEU B 708 25.66 -3.41 -15.45
CA LEU B 708 26.50 -2.58 -16.30
C LEU B 708 26.07 -1.11 -16.32
N ASN B 709 26.78 -0.26 -15.56
CA ASN B 709 26.56 1.17 -15.71
C ASN B 709 27.20 1.68 -16.99
N ILE B 710 26.57 2.67 -17.59
CA ILE B 710 27.09 3.31 -18.78
C ILE B 710 27.31 4.77 -18.47
N HIS B 711 28.44 5.30 -18.92
CA HIS B 711 28.87 6.68 -18.65
C HIS B 711 29.00 7.48 -19.94
N ILE B 712 28.04 8.35 -20.21
CA ILE B 712 28.13 9.25 -21.34
C ILE B 712 28.12 10.67 -20.81
N ALA B 713 29.22 11.40 -21.04
CA ALA B 713 29.42 12.73 -20.45
C ALA B 713 28.29 13.69 -20.78
N GLU B 714 28.05 13.90 -22.08
CA GLU B 714 27.06 14.86 -22.56
C GLU B 714 26.13 14.18 -23.57
N PRO B 715 25.07 13.52 -23.05
CA PRO B 715 24.26 12.67 -23.92
C PRO B 715 23.32 13.45 -24.82
N ASN B 716 23.02 12.86 -25.97
CA ASN B 716 21.91 13.27 -26.82
C ASN B 716 21.25 11.99 -27.30
N TYR B 717 20.22 12.12 -28.13
CA TYR B 717 19.44 10.96 -28.58
C TYR B 717 20.27 10.00 -29.43
N GLY B 718 21.16 10.56 -30.25
CA GLY B 718 22.06 9.79 -31.12
C GLY B 718 23.08 8.96 -30.37
N LYS B 719 23.69 9.53 -29.33
CA LYS B 719 24.61 8.82 -28.43
C LYS B 719 23.93 7.66 -27.69
N LEU B 720 22.77 7.93 -27.08
CA LEU B 720 22.04 6.93 -26.32
C LEU B 720 21.48 5.82 -27.20
N THR B 721 20.95 6.19 -28.37
CA THR B 721 20.49 5.22 -29.36
C THR B 721 21.58 4.23 -29.83
N SER B 722 22.71 4.77 -30.29
CA SER B 722 23.77 3.92 -30.83
C SER B 722 24.41 3.04 -29.76
N MET B 723 24.53 3.52 -28.52
CA MET B 723 25.03 2.64 -27.45
C MET B 723 24.05 1.52 -27.06
N HIS B 724 22.76 1.84 -26.89
CA HIS B 724 21.75 0.83 -26.58
C HIS B 724 21.70 -0.25 -27.66
N PHE B 725 21.69 0.16 -28.92
CA PHE B 725 21.56 -0.80 -30.03
C PHE B 725 22.81 -1.64 -30.24
N TYR B 726 23.96 -1.05 -29.96
CA TYR B 726 25.22 -1.78 -29.88
C TYR B 726 25.19 -2.86 -28.79
N GLY B 727 24.80 -2.47 -27.57
CA GLY B 727 24.69 -3.41 -26.46
C GLY B 727 23.74 -4.55 -26.77
N TRP B 728 22.53 -4.22 -27.21
CA TRP B 728 21.58 -5.22 -27.74
C TRP B 728 22.20 -6.17 -28.78
N LYS B 729 22.86 -5.63 -29.80
CA LYS B 729 23.39 -6.47 -30.89
C LYS B 729 24.58 -7.35 -30.48
N GLN B 730 25.32 -6.93 -29.45
CA GLN B 730 26.34 -7.76 -28.78
C GLN B 730 25.78 -9.02 -28.11
N GLY B 731 24.46 -9.02 -27.85
CA GLY B 731 23.80 -10.13 -27.19
C GLY B 731 23.63 -9.92 -25.69
N LEU B 732 23.88 -8.71 -25.22
CA LEU B 732 23.81 -8.44 -23.78
C LEU B 732 22.45 -8.74 -23.16
N LYS B 733 22.47 -9.24 -21.93
CA LYS B 733 21.23 -9.51 -21.19
C LYS B 733 20.75 -8.26 -20.47
N THR B 734 21.71 -7.52 -19.89
CA THR B 734 21.48 -6.21 -19.31
C THR B 734 22.23 -5.21 -20.18
N GLY B 735 21.51 -4.38 -20.92
CA GLY B 735 22.14 -3.45 -21.83
C GLY B 735 22.65 -2.25 -21.07
N MET B 736 21.95 -1.90 -19.99
CA MET B 736 22.31 -0.78 -19.14
C MET B 736 21.65 -0.92 -17.77
N TYR B 737 22.43 -0.71 -16.72
CA TYR B 737 21.93 -0.56 -15.37
C TYR B 737 21.60 0.92 -15.26
N TYR B 738 22.48 1.71 -14.66
CA TYR B 738 22.30 3.15 -14.67
C TYR B 738 23.02 3.86 -15.84
N LEU B 739 22.46 4.99 -16.22
CA LEU B 739 23.11 5.92 -17.13
C LEU B 739 23.72 7.03 -16.28
N ARG B 740 25.04 7.19 -16.37
CA ARG B 740 25.73 8.26 -15.66
C ARG B 740 26.18 9.35 -16.63
N THR B 741 25.89 10.59 -16.25
CA THR B 741 26.25 11.77 -17.03
C THR B 741 26.94 12.77 -16.10
N ARG B 742 27.27 13.94 -16.62
CA ARG B 742 27.92 14.97 -15.79
C ARG B 742 27.50 16.40 -16.18
#